data_6FMK
#
_entry.id   6FMK
#
_cell.length_a   94.768
_cell.length_b   94.768
_cell.length_c   365.819
_cell.angle_alpha   90.00
_cell.angle_beta   90.00
_cell.angle_gamma   90.00
#
_symmetry.space_group_name_H-M   'P 41 2 2'
#
loop_
_entity.id
_entity.type
_entity.pdbx_description
1 polymer Elongin-B
2 polymer Elongin-C
3 polymer 'von Hippel-Lindau disease tumor suppressor'
4 non-polymer ~{N}-[(2~{S})-1-[(2~{S},4~{R})-2-[[4-(4-methyl-1,3-thiazol-5-yl)phenyl]methylcarbamothioyl]-4-oxidanyl-pyrrolidin-1-yl]-1-sulfanylidene-propan-2-yl]ethanamide
5 water water
#
loop_
_entity_poly.entity_id
_entity_poly.type
_entity_poly.pdbx_seq_one_letter_code
_entity_poly.pdbx_strand_id
1 'polypeptide(L)'
;MDVFLMIRRHKTTIFTDAKESSTVFELKRIVEGILKRPPDEQRLYKDDQLLDDGKTLGE(CAS)GFTSQTARPQAPATVG
LAFRADDTFEAL(CAS)IEPFSSPPELPDVMK
;
A,D,G,J
2 'polypeptide(L)'
;MMYVKLISSDGHEFIVKREHALTSGTIKAMLSGPGQFAENETNEVNFREIPSHVLSKVCMYFTYKVRYTNSSTEIPEFPI
APEIALELLMAANFLDC
;
B,E,H,K
3 'polypeptide(L)'
;GSMEAGRPRPVLRSVNSREPSQVIF(CAS)NRSPRVVLPVWLNFDGEPQPYPTLPPGTGRRIHSYRGHLWLFRDAGTHDG
LLVNQTELFVPSLNVDGQPIFANITLPVYTLKERCLQVVRSLVKPENYRRLDIVRSLYEDLEDHPNVQKDLERLTQE
;
C,F,I,L
#
loop_
_chem_comp.id
_chem_comp.type
_chem_comp.name
_chem_comp.formula
DV8 non-polymer ~{N}-[(2~{S})-1-[(2~{S},4~{R})-2-[[4-(4-methyl-1,3-thiazol-5-yl)phenyl]methylcarbamothioyl]-4-oxidanyl-pyrrolidin-1-yl]-1-sulfanylidene-propan-2-yl]ethanamide 'C21 H26 N4 O2 S3'
#
# COMPACT_ATOMS: atom_id res chain seq x y z
N MET A 1 -30.48 -13.78 -26.26
CA MET A 1 -29.40 -14.14 -25.30
C MET A 1 -29.70 -15.48 -24.66
N ASP A 2 -28.71 -16.37 -24.61
CA ASP A 2 -28.86 -17.70 -24.00
C ASP A 2 -28.68 -17.63 -22.48
N VAL A 3 -29.47 -18.44 -21.76
CA VAL A 3 -29.28 -18.66 -20.34
C VAL A 3 -28.99 -20.16 -20.15
N PHE A 4 -28.21 -20.50 -19.14
CA PHE A 4 -27.73 -21.88 -18.93
C PHE A 4 -28.20 -22.39 -17.57
N LEU A 5 -28.77 -23.59 -17.55
CA LEU A 5 -29.60 -24.06 -16.43
C LEU A 5 -29.26 -25.47 -15.96
N MET A 6 -29.52 -25.75 -14.69
CA MET A 6 -29.61 -27.10 -14.14
C MET A 6 -31.05 -27.36 -13.71
N ILE A 7 -31.74 -28.30 -14.36
CA ILE A 7 -33.10 -28.67 -13.98
C ILE A 7 -33.00 -29.94 -13.12
N ARG A 8 -33.45 -29.84 -11.86
CA ARG A 8 -33.12 -30.84 -10.83
C ARG A 8 -34.32 -31.42 -10.07
N ARG A 9 -34.43 -32.76 -10.08
CA ARG A 9 -35.43 -33.49 -9.29
C ARG A 9 -34.78 -34.74 -8.68
N HIS A 10 -34.90 -34.89 -7.36
CA HIS A 10 -34.37 -36.04 -6.60
C HIS A 10 -32.85 -36.19 -6.84
N LYS A 11 -32.38 -37.24 -7.52
CA LYS A 11 -30.95 -37.40 -7.88
C LYS A 11 -30.72 -37.25 -9.41
N THR A 12 -31.53 -36.41 -10.04
CA THR A 12 -31.49 -36.21 -11.49
C THR A 12 -31.20 -34.74 -11.75
N THR A 13 -30.31 -34.46 -12.70
CA THR A 13 -29.90 -33.08 -13.05
C THR A 13 -29.72 -32.95 -14.57
N ILE A 14 -30.53 -32.12 -15.21
CA ILE A 14 -30.41 -31.86 -16.66
C ILE A 14 -29.63 -30.57 -16.88
N PHE A 15 -28.54 -30.64 -17.63
CA PHE A 15 -27.86 -29.43 -18.11
C PHE A 15 -28.43 -29.09 -19.49
N THR A 16 -28.94 -27.86 -19.64
CA THR A 16 -29.43 -27.37 -20.93
C THR A 16 -29.41 -25.84 -20.98
N ASP A 17 -29.74 -25.29 -22.14
CA ASP A 17 -29.90 -23.83 -22.31
C ASP A 17 -31.24 -23.44 -22.94
N ALA A 18 -31.54 -22.15 -22.88
CA ALA A 18 -32.73 -21.55 -23.49
C ALA A 18 -32.54 -20.05 -23.66
N LYS A 19 -33.47 -19.40 -24.36
CA LYS A 19 -33.44 -17.94 -24.51
C LYS A 19 -34.08 -17.30 -23.28
N GLU A 20 -33.63 -16.08 -22.92
CA GLU A 20 -34.35 -15.27 -21.92
C GLU A 20 -35.82 -15.08 -22.31
N SER A 21 -36.09 -14.88 -23.60
CA SER A 21 -37.45 -14.63 -24.10
C SER A 21 -38.36 -15.87 -24.16
N SER A 22 -37.83 -17.07 -23.98
CA SER A 22 -38.63 -18.30 -23.97
C SER A 22 -39.42 -18.46 -22.66
N THR A 23 -40.47 -19.28 -22.71
CA THR A 23 -41.41 -19.43 -21.60
C THR A 23 -41.13 -20.65 -20.73
N VAL A 24 -41.69 -20.61 -19.52
CA VAL A 24 -41.69 -21.75 -18.59
C VAL A 24 -42.29 -22.99 -19.25
N PHE A 25 -43.40 -22.81 -19.98
CA PHE A 25 -44.04 -23.93 -20.68
C PHE A 25 -43.15 -24.57 -21.72
N GLU A 26 -42.41 -23.74 -22.46
CA GLU A 26 -41.46 -24.23 -23.46
C GLU A 26 -40.29 -25.01 -22.83
N LEU A 27 -39.88 -24.62 -21.62
CA LEU A 27 -38.88 -25.39 -20.87
C LEU A 27 -39.41 -26.78 -20.46
N LYS A 28 -40.70 -26.86 -20.12
CA LYS A 28 -41.36 -28.15 -19.83
C LYS A 28 -41.40 -29.09 -21.04
N ARG A 29 -41.51 -28.51 -22.24
CA ARG A 29 -41.42 -29.29 -23.48
C ARG A 29 -40.02 -29.88 -23.71
N ILE A 30 -38.98 -29.17 -23.26
CA ILE A 30 -37.60 -29.68 -23.30
C ILE A 30 -37.47 -30.87 -22.32
N VAL A 31 -38.04 -30.73 -21.12
CA VAL A 31 -38.04 -31.81 -20.13
C VAL A 31 -38.83 -33.02 -20.63
N GLU A 32 -39.95 -32.77 -21.32
CA GLU A 32 -40.76 -33.85 -21.90
C GLU A 32 -39.97 -34.78 -22.83
N GLY A 33 -39.09 -34.21 -23.64
CA GLY A 33 -38.26 -34.98 -24.57
C GLY A 33 -37.24 -35.87 -23.87
N ILE A 34 -36.58 -35.33 -22.85
CA ILE A 34 -35.56 -36.05 -22.09
C ILE A 34 -36.20 -37.07 -21.15
N LEU A 35 -37.08 -36.60 -20.27
CA LEU A 35 -37.64 -37.45 -19.19
C LEU A 35 -38.98 -38.14 -19.50
N LYS A 36 -39.57 -37.89 -20.67
CA LYS A 36 -40.78 -38.59 -21.15
C LYS A 36 -42.00 -38.40 -20.23
N ARG A 37 -42.24 -37.16 -19.83
CA ARG A 37 -43.40 -36.79 -19.01
C ARG A 37 -43.99 -35.48 -19.52
N PRO A 38 -45.31 -35.47 -19.84
CA PRO A 38 -45.90 -34.29 -20.45
C PRO A 38 -45.97 -33.07 -19.51
N PRO A 39 -45.97 -31.85 -20.07
CA PRO A 39 -46.02 -30.60 -19.27
C PRO A 39 -47.07 -30.55 -18.14
N ASP A 40 -48.25 -31.10 -18.38
CA ASP A 40 -49.32 -31.11 -17.35
C ASP A 40 -49.08 -32.04 -16.14
N GLU A 41 -48.01 -32.85 -16.18
CA GLU A 41 -47.55 -33.64 -15.03
C GLU A 41 -46.25 -33.07 -14.42
N GLN A 42 -45.92 -31.81 -14.72
CA GLN A 42 -44.69 -31.15 -14.25
C GLN A 42 -45.00 -29.88 -13.45
N ARG A 43 -44.12 -29.58 -12.50
CA ARG A 43 -44.08 -28.29 -11.81
C ARG A 43 -42.62 -27.82 -11.75
N LEU A 44 -42.39 -26.58 -12.18
CA LEU A 44 -41.06 -25.99 -12.18
C LEU A 44 -40.98 -24.86 -11.14
N TYR A 45 -39.84 -24.79 -10.45
CA TYR A 45 -39.66 -23.89 -9.31
C TYR A 45 -38.36 -23.08 -9.38
N LYS A 46 -38.44 -21.82 -8.98
CA LYS A 46 -37.26 -21.04 -8.62
C LYS A 46 -37.22 -21.02 -7.08
N ASP A 47 -36.31 -21.80 -6.50
CA ASP A 47 -36.28 -22.07 -5.05
C ASP A 47 -37.63 -22.67 -4.60
N ASP A 48 -38.42 -21.95 -3.78
CA ASP A 48 -39.71 -22.47 -3.31
C ASP A 48 -40.89 -21.75 -3.98
N GLN A 49 -40.68 -21.23 -5.19
CA GLN A 49 -41.69 -20.47 -5.91
C GLN A 49 -42.11 -21.22 -7.17
N LEU A 50 -43.38 -21.59 -7.25
CA LEU A 50 -43.95 -22.20 -8.44
C LEU A 50 -43.99 -21.18 -9.58
N LEU A 51 -43.63 -21.63 -10.78
CA LEU A 51 -43.55 -20.75 -11.95
C LEU A 51 -44.74 -20.96 -12.90
N ASP A 52 -45.32 -19.85 -13.36
CA ASP A 52 -46.45 -19.86 -14.31
C ASP A 52 -45.98 -20.20 -15.73
N ASP A 53 -46.73 -21.07 -16.41
CA ASP A 53 -46.45 -21.51 -17.79
C ASP A 53 -46.23 -20.39 -18.83
N GLY A 54 -46.93 -19.27 -18.66
CA GLY A 54 -46.88 -18.17 -19.62
C GLY A 54 -45.73 -17.20 -19.48
N LYS A 55 -45.06 -17.19 -18.32
CA LYS A 55 -44.01 -16.21 -18.04
C LYS A 55 -42.68 -16.58 -18.71
N THR A 56 -41.93 -15.57 -19.14
CA THR A 56 -40.60 -15.78 -19.73
C THR A 56 -39.58 -16.02 -18.62
N LEU A 57 -38.50 -16.72 -18.97
CA LEU A 57 -37.42 -17.02 -18.03
C LEU A 57 -36.76 -15.75 -17.47
N GLY A 58 -36.67 -14.71 -18.31
CA GLY A 58 -36.17 -13.40 -17.89
C GLY A 58 -37.01 -12.72 -16.84
N GLU A 59 -38.34 -12.86 -16.95
CA GLU A 59 -39.28 -12.38 -15.93
C GLU A 59 -39.16 -13.14 -14.61
N CAS A 60 -38.84 -14.45 -14.71
CA CAS A 60 -38.59 -15.28 -13.53
CB CAS A 60 -39.00 -16.72 -13.84
C CAS A 60 -37.16 -15.23 -13.02
O CAS A 60 -36.77 -16.06 -12.18
SG CAS A 60 -40.71 -16.82 -14.25
AS CAS A 60 -41.81 -15.91 -12.48
CE1 CAS A 60 -42.68 -14.25 -13.12
CE2 CAS A 60 -43.24 -17.07 -11.73
N GLY A 61 -36.36 -14.26 -13.47
CA GLY A 61 -35.02 -14.01 -12.92
C GLY A 61 -33.85 -14.75 -13.53
N PHE A 62 -34.09 -15.60 -14.53
CA PHE A 62 -32.99 -16.28 -15.24
C PHE A 62 -32.52 -15.39 -16.37
N THR A 63 -31.48 -14.61 -16.09
CA THR A 63 -30.87 -13.70 -17.06
C THR A 63 -29.54 -14.26 -17.55
N SER A 64 -29.10 -13.78 -18.70
CA SER A 64 -27.90 -14.30 -19.35
C SER A 64 -26.61 -14.03 -18.56
N GLN A 65 -26.62 -13.00 -17.73
CA GLN A 65 -25.44 -12.61 -16.95
C GLN A 65 -25.35 -13.25 -15.55
N THR A 66 -26.46 -13.80 -15.06
CA THR A 66 -26.47 -14.60 -13.83
C THR A 66 -26.47 -16.11 -14.09
N ALA A 67 -27.16 -16.55 -15.14
CA ALA A 67 -27.21 -17.96 -15.53
C ALA A 67 -26.14 -18.29 -16.58
N ARG A 68 -24.91 -18.48 -16.12
CA ARG A 68 -23.72 -18.60 -16.99
C ARG A 68 -23.35 -20.06 -17.29
N PRO A 69 -22.57 -20.33 -18.36
CA PRO A 69 -22.11 -21.70 -18.67
C PRO A 69 -21.31 -22.36 -17.53
N GLN A 70 -20.30 -21.65 -17.04
CA GLN A 70 -19.48 -22.11 -15.91
C GLN A 70 -20.18 -22.11 -14.55
N ALA A 71 -21.34 -21.44 -14.45
CA ALA A 71 -22.14 -21.43 -13.22
C ALA A 71 -23.63 -21.22 -13.51
N PRO A 72 -24.33 -22.30 -13.94
CA PRO A 72 -25.75 -22.20 -14.35
C PRO A 72 -26.72 -22.07 -13.19
N ALA A 73 -27.90 -21.50 -13.48
CA ALA A 73 -28.99 -21.34 -12.50
C ALA A 73 -29.80 -22.61 -12.33
N THR A 74 -30.26 -22.86 -11.11
CA THR A 74 -31.01 -24.07 -10.76
C THR A 74 -32.52 -23.87 -10.91
N VAL A 75 -33.19 -24.87 -11.47
CA VAL A 75 -34.65 -24.88 -11.63
C VAL A 75 -35.20 -26.20 -11.07
N GLY A 76 -36.02 -26.11 -10.03
CA GLY A 76 -36.60 -27.29 -9.38
C GLY A 76 -37.64 -27.93 -10.26
N LEU A 77 -37.77 -29.26 -10.16
CA LEU A 77 -38.72 -30.05 -10.95
C LEU A 77 -39.43 -31.01 -10.03
N ALA A 78 -40.73 -31.21 -10.27
CA ALA A 78 -41.56 -32.11 -9.47
C ALA A 78 -42.65 -32.73 -10.34
N PHE A 79 -42.78 -34.05 -10.30
CA PHE A 79 -43.78 -34.78 -11.09
C PHE A 79 -45.09 -35.06 -10.34
N ARG A 80 -46.15 -35.34 -11.10
CA ARG A 80 -47.44 -35.79 -10.58
C ARG A 80 -47.59 -37.29 -10.81
N ALA A 81 -47.78 -38.04 -9.72
CA ALA A 81 -48.12 -39.46 -9.78
C ALA A 81 -49.64 -39.59 -9.57
N ASP A 82 -50.34 -40.03 -10.62
CA ASP A 82 -51.81 -40.19 -10.61
C ASP A 82 -52.61 -38.88 -10.40
N ASP A 83 -52.93 -38.55 -9.14
CA ASP A 83 -53.88 -37.47 -8.81
C ASP A 83 -53.20 -36.16 -8.37
N THR A 84 -52.26 -36.26 -7.43
CA THR A 84 -51.68 -35.08 -6.77
C THR A 84 -50.18 -34.97 -7.02
N PHE A 85 -49.66 -33.73 -7.04
CA PHE A 85 -48.22 -33.50 -7.18
C PHE A 85 -47.48 -33.89 -5.91
N GLU A 86 -46.24 -34.32 -6.08
CA GLU A 86 -45.33 -34.61 -4.96
C GLU A 86 -44.70 -33.31 -4.47
N ALA A 87 -44.15 -33.35 -3.26
CA ALA A 87 -43.39 -32.24 -2.70
C ALA A 87 -42.05 -32.09 -3.45
N LEU A 88 -41.57 -30.86 -3.58
CA LEU A 88 -40.30 -30.60 -4.25
C LEU A 88 -39.15 -31.19 -3.42
N CAS A 89 -38.30 -31.98 -4.07
CA CAS A 89 -37.18 -32.67 -3.43
CB CAS A 89 -37.59 -34.12 -3.15
C CAS A 89 -35.98 -32.60 -4.33
O CAS A 89 -36.02 -33.12 -5.45
SG CAS A 89 -36.25 -35.11 -2.55
AS CAS A 89 -36.00 -34.24 -0.52
CE1 CAS A 89 -35.87 -35.71 0.82
CE2 CAS A 89 -34.32 -33.15 -0.44
N ILE A 90 -34.91 -31.97 -3.85
CA ILE A 90 -33.63 -31.90 -4.56
C ILE A 90 -32.55 -32.45 -3.64
N GLU A 91 -32.02 -33.63 -3.97
CA GLU A 91 -30.95 -34.25 -3.18
C GLU A 91 -29.67 -33.43 -3.35
N PRO A 92 -28.98 -33.11 -2.24
CA PRO A 92 -27.75 -32.34 -2.36
C PRO A 92 -26.60 -33.21 -2.89
N PHE A 93 -25.56 -32.57 -3.44
CA PHE A 93 -24.36 -33.30 -3.85
C PHE A 93 -23.54 -33.72 -2.64
N SER A 94 -22.55 -34.57 -2.89
CA SER A 94 -21.63 -35.03 -1.85
C SER A 94 -20.79 -33.89 -1.28
N SER A 95 -20.37 -34.03 -0.03
CA SER A 95 -19.50 -33.04 0.62
C SER A 95 -18.04 -33.34 0.28
N PRO A 96 -17.25 -32.31 -0.05
CA PRO A 96 -15.81 -32.53 -0.19
C PRO A 96 -15.14 -32.88 1.14
N PRO A 97 -13.89 -33.38 1.11
CA PRO A 97 -13.17 -33.62 2.34
C PRO A 97 -12.59 -32.31 2.92
N GLU A 98 -11.92 -32.41 4.05
CA GLU A 98 -11.17 -31.30 4.62
C GLU A 98 -9.94 -31.03 3.76
N LEU A 99 -9.56 -29.76 3.66
CA LEU A 99 -8.31 -29.36 2.99
C LEU A 99 -7.13 -30.08 3.66
N PRO A 100 -6.30 -30.80 2.87
CA PRO A 100 -5.05 -31.34 3.43
C PRO A 100 -4.16 -30.23 4.01
N ASP A 101 -3.33 -30.61 4.98
CA ASP A 101 -2.43 -29.66 5.67
C ASP A 101 -1.63 -28.78 4.72
N VAL A 102 -1.13 -29.38 3.64
CA VAL A 102 -0.30 -28.68 2.66
C VAL A 102 -1.04 -27.57 1.87
N MET A 103 -2.36 -27.71 1.69
CA MET A 103 -3.16 -26.70 0.98
C MET A 103 -3.69 -25.57 1.88
N LYS A 104 -3.51 -25.68 3.20
CA LYS A 104 -3.96 -24.64 4.14
C LYS A 104 -3.05 -23.41 4.11
N MET B 1 -31.28 -32.81 -30.63
CA MET B 1 -29.92 -33.10 -30.10
C MET B 1 -29.97 -34.24 -29.08
N MET B 2 -29.18 -35.28 -29.34
CA MET B 2 -29.11 -36.47 -28.50
C MET B 2 -28.47 -36.09 -27.16
N TYR B 3 -29.03 -36.63 -26.07
CA TYR B 3 -28.47 -36.48 -24.72
C TYR B 3 -27.91 -37.84 -24.24
N VAL B 4 -26.97 -37.79 -23.29
CA VAL B 4 -26.41 -38.99 -22.65
C VAL B 4 -26.47 -38.85 -21.14
N LYS B 5 -26.34 -39.98 -20.44
CA LYS B 5 -26.39 -39.98 -18.98
C LYS B 5 -25.05 -40.34 -18.35
N LEU B 6 -24.58 -39.50 -17.44
CA LEU B 6 -23.34 -39.72 -16.71
C LEU B 6 -23.68 -39.86 -15.23
N ILE B 7 -23.33 -41.01 -14.64
CA ILE B 7 -23.72 -41.34 -13.27
C ILE B 7 -22.52 -41.33 -12.33
N SER B 8 -22.62 -40.55 -11.25
CA SER B 8 -21.56 -40.42 -10.25
C SER B 8 -21.48 -41.65 -9.34
N SER B 9 -20.45 -41.70 -8.48
CA SER B 9 -20.25 -42.84 -7.57
C SER B 9 -21.36 -42.95 -6.51
N ASP B 10 -21.91 -41.80 -6.13
CA ASP B 10 -22.99 -41.70 -5.12
C ASP B 10 -24.43 -41.72 -5.71
N GLY B 11 -24.55 -41.93 -7.03
CA GLY B 11 -25.84 -42.18 -7.66
C GLY B 11 -26.53 -41.01 -8.35
N HIS B 12 -25.93 -39.81 -8.34
CA HIS B 12 -26.51 -38.67 -9.08
C HIS B 12 -26.42 -38.93 -10.58
N GLU B 13 -27.54 -38.73 -11.27
CA GLU B 13 -27.64 -38.94 -12.72
C GLU B 13 -27.63 -37.59 -13.42
N PHE B 14 -26.53 -37.28 -14.09
CA PHE B 14 -26.39 -36.05 -14.85
C PHE B 14 -26.72 -36.30 -16.33
N ILE B 15 -27.54 -35.42 -16.92
CA ILE B 15 -27.98 -35.57 -18.30
C ILE B 15 -27.50 -34.37 -19.10
N VAL B 16 -26.61 -34.63 -20.07
CA VAL B 16 -25.99 -33.60 -20.90
C VAL B 16 -26.06 -34.00 -22.37
N LYS B 17 -25.92 -33.02 -23.26
CA LYS B 17 -25.85 -33.29 -24.71
C LYS B 17 -24.70 -34.23 -25.03
N ARG B 18 -24.91 -35.12 -26.02
CA ARG B 18 -23.86 -36.07 -26.43
C ARG B 18 -22.64 -35.30 -26.91
N GLU B 19 -22.87 -34.32 -27.79
CA GLU B 19 -21.83 -33.43 -28.31
C GLU B 19 -20.94 -32.83 -27.20
N HIS B 20 -21.56 -32.36 -26.11
CA HIS B 20 -20.82 -31.78 -24.97
C HIS B 20 -19.95 -32.81 -24.27
N ALA B 21 -20.52 -34.00 -24.05
CA ALA B 21 -19.81 -35.09 -23.37
C ALA B 21 -18.64 -35.67 -24.20
N LEU B 22 -18.76 -35.62 -25.52
CA LEU B 22 -17.68 -36.05 -26.44
C LEU B 22 -16.40 -35.19 -26.40
N THR B 23 -16.45 -34.03 -25.71
CA THR B 23 -15.24 -33.31 -25.30
C THR B 23 -14.20 -34.25 -24.64
N SER B 24 -14.67 -35.20 -23.82
CA SER B 24 -13.80 -36.21 -23.23
C SER B 24 -13.61 -37.38 -24.16
N GLY B 25 -12.34 -37.67 -24.51
CA GLY B 25 -11.99 -38.84 -25.32
C GLY B 25 -12.32 -40.13 -24.59
N THR B 26 -12.07 -40.15 -23.28
CA THR B 26 -12.39 -41.32 -22.45
C THR B 26 -13.88 -41.68 -22.50
N ILE B 27 -14.75 -40.69 -22.33
CA ILE B 27 -16.20 -40.90 -22.41
C ILE B 27 -16.63 -41.43 -23.78
N LYS B 28 -16.04 -40.89 -24.85
CA LYS B 28 -16.33 -41.36 -26.21
C LYS B 28 -16.08 -42.86 -26.37
N ALA B 29 -14.99 -43.36 -25.76
CA ALA B 29 -14.67 -44.79 -25.75
C ALA B 29 -15.64 -45.63 -24.92
N MET B 30 -16.04 -45.11 -23.76
CA MET B 30 -17.05 -45.75 -22.92
C MET B 30 -18.43 -45.88 -23.58
N LEU B 31 -18.76 -44.96 -24.49
CA LEU B 31 -20.01 -45.02 -25.28
C LEU B 31 -19.86 -45.85 -26.56
N SER B 32 -18.94 -45.42 -27.44
CA SER B 32 -18.67 -46.10 -28.71
C SER B 32 -17.72 -47.28 -28.52
N ASN B 43 -25.66 -45.25 -24.02
CA ASN B 43 -26.27 -43.98 -23.58
C ASN B 43 -26.18 -43.68 -22.08
N GLU B 44 -25.69 -44.64 -21.29
CA GLU B 44 -25.35 -44.41 -19.88
C GLU B 44 -23.89 -44.78 -19.66
N VAL B 45 -23.25 -44.10 -18.71
CA VAL B 45 -21.88 -44.39 -18.29
C VAL B 45 -21.78 -44.20 -16.78
N ASN B 46 -21.31 -45.22 -16.07
CA ASN B 46 -21.17 -45.18 -14.61
C ASN B 46 -19.74 -44.87 -14.19
N PHE B 47 -19.59 -43.87 -13.32
CA PHE B 47 -18.29 -43.52 -12.76
C PHE B 47 -18.17 -43.96 -11.29
N ARG B 48 -17.45 -45.05 -11.06
CA ARG B 48 -17.24 -45.58 -9.71
C ARG B 48 -16.31 -44.76 -8.81
N GLU B 49 -15.48 -43.89 -9.40
CA GLU B 49 -14.50 -43.09 -8.64
C GLU B 49 -14.80 -41.59 -8.53
N ILE B 50 -15.78 -41.08 -9.29
CA ILE B 50 -16.05 -39.63 -9.33
C ILE B 50 -17.34 -39.31 -8.56
N PRO B 51 -17.22 -38.59 -7.42
CA PRO B 51 -18.43 -38.18 -6.70
C PRO B 51 -19.18 -37.05 -7.41
N SER B 52 -20.46 -36.88 -7.05
CA SER B 52 -21.34 -35.91 -7.69
C SER B 52 -20.85 -34.46 -7.62
N HIS B 53 -20.13 -34.10 -6.55
CA HIS B 53 -19.58 -32.75 -6.42
C HIS B 53 -18.34 -32.47 -7.30
N VAL B 54 -17.76 -33.52 -7.88
CA VAL B 54 -16.73 -33.40 -8.91
C VAL B 54 -17.38 -33.45 -10.29
N LEU B 55 -18.26 -34.43 -10.50
CA LEU B 55 -18.89 -34.63 -11.81
C LEU B 55 -19.85 -33.50 -12.22
N SER B 56 -20.45 -32.80 -11.25
CA SER B 56 -21.25 -31.61 -11.55
C SER B 56 -20.39 -30.49 -12.13
N LYS B 57 -19.22 -30.27 -11.54
CA LYS B 57 -18.24 -29.30 -12.08
C LYS B 57 -17.69 -29.69 -13.45
N VAL B 58 -17.51 -31.00 -13.67
CA VAL B 58 -17.05 -31.54 -14.96
C VAL B 58 -18.06 -31.23 -16.06
N CYS B 59 -19.35 -31.44 -15.78
CA CYS B 59 -20.43 -31.12 -16.73
C CYS B 59 -20.53 -29.63 -17.03
N MET B 60 -20.27 -28.78 -16.04
CA MET B 60 -20.21 -27.32 -16.24
C MET B 60 -19.05 -26.94 -17.16
N TYR B 61 -17.90 -27.60 -17.00
CA TYR B 61 -16.76 -27.33 -17.87
C TYR B 61 -17.07 -27.63 -19.34
N PHE B 62 -17.75 -28.74 -19.60
CA PHE B 62 -18.20 -29.05 -20.97
C PHE B 62 -18.98 -27.86 -21.55
N THR B 63 -19.99 -27.37 -20.83
CA THR B 63 -20.83 -26.26 -21.34
C THR B 63 -20.00 -25.01 -21.64
N TYR B 64 -19.12 -24.66 -20.69
CA TYR B 64 -18.14 -23.56 -20.82
C TYR B 64 -17.22 -23.71 -22.03
N LYS B 65 -16.69 -24.92 -22.22
CA LYS B 65 -15.74 -25.18 -23.30
C LYS B 65 -16.36 -25.01 -24.69
N VAL B 66 -17.59 -25.47 -24.87
CA VAL B 66 -18.31 -25.37 -26.15
C VAL B 66 -18.75 -23.93 -26.44
N ARG B 67 -19.16 -23.21 -25.40
CA ARG B 67 -19.58 -21.81 -25.53
C ARG B 67 -18.44 -20.90 -25.97
N TYR B 68 -17.29 -21.02 -25.32
CA TYR B 68 -16.17 -20.07 -25.51
C TYR B 68 -15.08 -20.51 -26.49
N THR B 69 -15.10 -21.77 -26.96
CA THR B 69 -14.19 -22.20 -28.05
C THR B 69 -14.62 -21.56 -29.38
N ASN B 70 -13.64 -21.06 -30.13
CA ASN B 70 -13.84 -20.31 -31.38
C ASN B 70 -14.69 -19.03 -31.23
N SER B 71 -14.61 -18.41 -30.06
CA SER B 71 -15.37 -17.20 -29.77
C SER B 71 -14.43 -16.01 -29.57
N SER B 72 -14.83 -14.87 -30.13
CA SER B 72 -14.07 -13.61 -30.02
C SER B 72 -14.47 -12.80 -28.78
N THR B 73 -15.70 -13.00 -28.29
CA THR B 73 -16.17 -12.33 -27.06
C THR B 73 -15.33 -12.76 -25.85
N GLU B 74 -15.08 -11.80 -24.95
CA GLU B 74 -14.13 -11.97 -23.84
C GLU B 74 -14.38 -13.22 -23.01
N ILE B 75 -13.33 -14.00 -22.79
CA ILE B 75 -13.42 -15.28 -22.08
C ILE B 75 -13.22 -15.05 -20.57
N PRO B 76 -14.15 -15.55 -19.74
CA PRO B 76 -13.96 -15.45 -18.30
C PRO B 76 -13.30 -16.68 -17.68
N GLU B 77 -12.80 -16.50 -16.46
CA GLU B 77 -12.08 -17.52 -15.73
C GLU B 77 -13.03 -18.64 -15.34
N PHE B 78 -12.66 -19.88 -15.62
CA PHE B 78 -13.37 -21.03 -15.09
C PHE B 78 -13.03 -21.19 -13.59
N PRO B 79 -14.04 -21.08 -12.70
CA PRO B 79 -13.77 -21.06 -11.27
C PRO B 79 -13.64 -22.46 -10.67
N ILE B 80 -12.68 -22.64 -9.76
CA ILE B 80 -12.52 -23.89 -9.01
C ILE B 80 -12.21 -23.57 -7.55
N ALA B 81 -13.10 -23.96 -6.65
CA ALA B 81 -12.88 -23.80 -5.22
C ALA B 81 -11.71 -24.67 -4.74
N PRO B 82 -10.93 -24.17 -3.77
CA PRO B 82 -9.83 -24.98 -3.22
C PRO B 82 -10.25 -26.39 -2.73
N GLU B 83 -11.47 -26.50 -2.22
CA GLU B 83 -11.97 -27.75 -1.62
C GLU B 83 -12.07 -28.91 -2.61
N ILE B 84 -12.26 -28.60 -3.90
CA ILE B 84 -12.47 -29.63 -4.94
C ILE B 84 -11.33 -29.81 -5.94
N ALA B 85 -10.27 -29.01 -5.82
CA ALA B 85 -9.18 -29.00 -6.82
C ALA B 85 -8.50 -30.36 -6.99
N LEU B 86 -8.13 -31.00 -5.88
CA LEU B 86 -7.44 -32.29 -5.95
C LEU B 86 -8.27 -33.38 -6.66
N GLU B 87 -9.46 -33.65 -6.15
CA GLU B 87 -10.37 -34.62 -6.76
C GLU B 87 -10.70 -34.31 -8.24
N LEU B 88 -10.87 -33.02 -8.55
CA LEU B 88 -11.18 -32.58 -9.93
C LEU B 88 -9.99 -32.74 -10.89
N LEU B 89 -8.77 -32.51 -10.39
CA LEU B 89 -7.53 -32.75 -11.15
C LEU B 89 -7.43 -34.22 -11.57
N MET B 90 -7.75 -35.11 -10.64
CA MET B 90 -7.67 -36.55 -10.89
C MET B 90 -8.73 -37.01 -11.90
N ALA B 91 -9.91 -36.38 -11.86
CA ALA B 91 -10.97 -36.67 -12.82
C ALA B 91 -10.63 -36.19 -14.24
N ALA B 92 -10.11 -34.97 -14.35
CA ALA B 92 -9.74 -34.38 -15.64
C ALA B 92 -8.61 -35.16 -16.32
N ASN B 93 -7.67 -35.62 -15.50
CA ASN B 93 -6.59 -36.47 -15.96
C ASN B 93 -7.09 -37.82 -16.54
N PHE B 94 -8.02 -38.46 -15.82
CA PHE B 94 -8.63 -39.71 -16.27
C PHE B 94 -9.47 -39.52 -17.53
N LEU B 95 -10.25 -38.44 -17.55
CA LEU B 95 -11.14 -38.14 -18.66
C LEU B 95 -10.43 -37.51 -19.88
N ASP B 96 -9.22 -36.98 -19.66
CA ASP B 96 -8.44 -36.30 -20.71
C ASP B 96 -9.20 -35.10 -21.31
N CYS B 97 -9.52 -34.13 -20.45
CA CYS B 97 -10.18 -32.90 -20.90
C CYS B 97 -9.67 -31.66 -20.17
N VAL C 11 16.20 -18.51 -34.47
CA VAL C 11 15.09 -18.74 -35.44
C VAL C 11 13.93 -17.75 -35.19
N LEU C 12 13.28 -17.85 -34.03
CA LEU C 12 12.28 -16.86 -33.62
C LEU C 12 12.98 -15.63 -33.05
N ARG C 13 13.00 -14.58 -33.84
CA ARG C 13 13.68 -13.32 -33.48
C ARG C 13 13.06 -12.14 -34.25
N SER C 14 13.13 -10.96 -33.65
CA SER C 14 12.65 -9.74 -34.29
C SER C 14 13.52 -9.40 -35.50
N VAL C 15 12.89 -8.91 -36.56
CA VAL C 15 13.59 -8.35 -37.72
C VAL C 15 13.96 -6.90 -37.38
N ASN C 16 15.17 -6.49 -37.72
CA ASN C 16 15.64 -5.12 -37.48
C ASN C 16 15.22 -4.20 -38.65
N SER C 17 13.99 -3.69 -38.59
CA SER C 17 13.41 -2.87 -39.67
C SER C 17 13.67 -1.38 -39.52
N ARG C 18 13.71 -0.90 -38.27
CA ARG C 18 13.83 0.54 -37.94
C ARG C 18 12.69 1.41 -38.51
N GLU C 19 11.51 0.81 -38.73
CA GLU C 19 10.32 1.50 -39.24
C GLU C 19 9.31 1.54 -38.09
N PRO C 20 9.13 2.70 -37.43
CA PRO C 20 8.34 2.76 -36.19
C PRO C 20 6.90 2.26 -36.29
N SER C 21 6.37 1.79 -35.15
CA SER C 21 5.01 1.27 -35.07
C SER C 21 4.45 1.48 -33.67
N GLN C 22 3.43 2.32 -33.56
CA GLN C 22 2.73 2.57 -32.28
C GLN C 22 1.74 1.45 -32.01
N VAL C 23 1.71 0.98 -30.77
CA VAL C 23 0.86 -0.15 -30.36
C VAL C 23 0.17 0.13 -29.03
N ILE C 24 -1.04 -0.39 -28.88
CA ILE C 24 -1.81 -0.35 -27.63
C ILE C 24 -1.89 -1.77 -27.06
N PHE C 25 -1.19 -2.02 -25.96
CA PHE C 25 -1.35 -3.26 -25.21
C PHE C 25 -2.57 -3.10 -24.33
N CAS C 26 -3.58 -3.93 -24.54
CA CAS C 26 -4.85 -3.85 -23.80
CB CAS C 26 -5.91 -3.44 -24.82
C CAS C 26 -5.12 -5.18 -23.14
O CAS C 26 -5.40 -6.17 -23.82
SG CAS C 26 -7.55 -3.51 -24.16
AS CAS C 26 -7.68 -1.59 -23.04
CE1 CAS C 26 -7.97 -2.11 -21.14
CE2 CAS C 26 -9.22 -0.50 -23.68
N ASN C 27 -5.05 -5.21 -21.80
CA ASN C 27 -5.22 -6.43 -21.02
C ASN C 27 -6.69 -6.68 -20.65
N ARG C 28 -7.36 -7.50 -21.46
CA ARG C 28 -8.74 -7.90 -21.23
C ARG C 28 -8.81 -9.28 -20.58
N SER C 29 -7.96 -9.50 -19.57
CA SER C 29 -7.94 -10.74 -18.79
C SER C 29 -8.00 -10.38 -17.30
N PRO C 30 -8.29 -11.36 -16.42
CA PRO C 30 -8.21 -11.12 -14.99
C PRO C 30 -6.79 -11.23 -14.41
N ARG C 31 -5.78 -11.51 -15.23
CA ARG C 31 -4.40 -11.70 -14.76
C ARG C 31 -3.57 -10.41 -14.91
N VAL C 32 -2.50 -10.34 -14.13
CA VAL C 32 -1.47 -9.30 -14.26
C VAL C 32 -0.56 -9.76 -15.40
N VAL C 33 -0.41 -8.93 -16.43
CA VAL C 33 0.27 -9.36 -17.68
C VAL C 33 1.73 -8.92 -17.77
N LEU C 34 2.60 -9.83 -18.24
CA LEU C 34 4.03 -9.56 -18.49
C LEU C 34 4.28 -9.63 -20.01
N PRO C 35 4.47 -8.46 -20.66
CA PRO C 35 4.90 -8.49 -22.07
C PRO C 35 6.34 -8.99 -22.19
N VAL C 36 6.59 -9.77 -23.24
CA VAL C 36 7.91 -10.31 -23.53
C VAL C 36 8.27 -10.04 -25.00
N TRP C 37 9.32 -9.25 -25.22
CA TRP C 37 9.87 -8.97 -26.56
C TRP C 37 11.00 -9.96 -26.85
N LEU C 38 10.91 -10.64 -27.99
CA LEU C 38 11.99 -11.51 -28.46
C LEU C 38 12.99 -10.67 -29.24
N ASN C 39 14.19 -10.49 -28.67
CA ASN C 39 15.18 -9.56 -29.22
C ASN C 39 15.90 -10.10 -30.48
N PHE C 40 16.93 -9.38 -30.94
CA PHE C 40 17.57 -9.69 -32.22
C PHE C 40 18.39 -10.98 -32.24
N ASP C 41 18.81 -11.47 -31.07
CA ASP C 41 19.45 -12.78 -30.91
C ASP C 41 18.49 -13.90 -30.49
N GLY C 42 17.18 -13.60 -30.45
CA GLY C 42 16.16 -14.57 -30.02
C GLY C 42 15.89 -14.68 -28.52
N GLU C 43 16.54 -13.85 -27.70
CA GLU C 43 16.40 -13.90 -26.24
C GLU C 43 15.13 -13.17 -25.75
N PRO C 44 14.39 -13.76 -24.78
CA PRO C 44 13.21 -13.07 -24.25
C PRO C 44 13.57 -11.93 -23.28
N GLN C 45 13.04 -10.74 -23.55
CA GLN C 45 13.21 -9.57 -22.69
C GLN C 45 11.89 -9.24 -22.00
N PRO C 46 11.88 -9.19 -20.65
CA PRO C 46 10.65 -8.83 -19.96
C PRO C 46 10.47 -7.30 -19.86
N TYR C 47 9.22 -6.86 -19.90
CA TYR C 47 8.84 -5.44 -19.84
C TYR C 47 7.95 -5.21 -18.60
N PRO C 48 7.70 -3.93 -18.23
CA PRO C 48 6.87 -3.67 -17.03
C PRO C 48 5.46 -4.24 -17.15
N THR C 49 4.88 -4.67 -16.03
CA THR C 49 3.61 -5.39 -16.04
C THR C 49 2.38 -4.50 -16.22
N LEU C 50 1.29 -5.11 -16.70
CA LEU C 50 0.00 -4.47 -16.87
C LEU C 50 -1.01 -5.07 -15.90
N PRO C 51 -1.60 -4.25 -15.00
CA PRO C 51 -2.70 -4.77 -14.16
C PRO C 51 -3.95 -5.23 -14.95
N PRO C 52 -4.85 -6.03 -14.32
CA PRO C 52 -6.05 -6.50 -15.04
C PRO C 52 -6.97 -5.35 -15.47
N GLY C 53 -7.40 -5.38 -16.73
CA GLY C 53 -8.30 -4.35 -17.28
C GLY C 53 -7.67 -3.03 -17.68
N THR C 54 -6.35 -2.92 -17.64
CA THR C 54 -5.65 -1.67 -17.96
C THR C 54 -4.99 -1.76 -19.34
N GLY C 55 -4.54 -0.61 -19.82
CA GLY C 55 -3.87 -0.52 -21.13
C GLY C 55 -2.74 0.49 -21.13
N ARG C 56 -1.81 0.35 -22.09
CA ARG C 56 -0.68 1.26 -22.24
C ARG C 56 -0.34 1.46 -23.72
N ARG C 57 -0.01 2.71 -24.06
CA ARG C 57 0.42 3.07 -25.41
C ARG C 57 1.94 3.03 -25.46
N ILE C 58 2.48 2.25 -26.40
CA ILE C 58 3.92 1.99 -26.44
C ILE C 58 4.49 2.08 -27.85
N HIS C 59 5.79 2.33 -27.91
CA HIS C 59 6.54 2.42 -29.16
C HIS C 59 7.30 1.11 -29.38
N SER C 60 6.99 0.45 -30.50
CA SER C 60 7.72 -0.70 -31.00
C SER C 60 8.06 -0.46 -32.47
N TYR C 61 8.39 -1.52 -33.21
CA TYR C 61 8.73 -1.41 -34.63
C TYR C 61 8.13 -2.57 -35.42
N ARG C 62 8.03 -2.39 -36.74
CA ARG C 62 7.47 -3.42 -37.64
C ARG C 62 8.38 -4.63 -37.70
N GLY C 63 7.79 -5.82 -37.66
CA GLY C 63 8.54 -7.07 -37.70
C GLY C 63 9.14 -7.51 -36.37
N HIS C 64 8.79 -6.84 -35.28
CA HIS C 64 9.24 -7.22 -33.93
C HIS C 64 8.27 -8.23 -33.32
N LEU C 65 8.79 -9.25 -32.66
CA LEU C 65 7.94 -10.30 -32.08
C LEU C 65 7.65 -10.02 -30.61
N TRP C 66 6.39 -10.26 -30.22
CA TRP C 66 5.96 -10.15 -28.84
C TRP C 66 5.11 -11.35 -28.45
N LEU C 67 5.24 -11.79 -27.20
CA LEU C 67 4.24 -12.69 -26.57
C LEU C 67 3.94 -12.24 -25.14
N PHE C 68 2.89 -12.81 -24.54
CA PHE C 68 2.34 -12.31 -23.27
C PHE C 68 2.03 -13.46 -22.29
N ARG C 69 2.37 -13.25 -21.01
CA ARG C 69 2.22 -14.25 -19.94
C ARG C 69 1.56 -13.66 -18.69
N ASP C 70 1.05 -14.54 -17.82
CA ASP C 70 0.70 -14.19 -16.45
C ASP C 70 1.99 -13.89 -15.67
N ALA C 71 2.11 -12.68 -15.13
CA ALA C 71 3.37 -12.22 -14.52
C ALA C 71 3.81 -12.96 -13.26
N GLY C 72 2.88 -13.62 -12.58
CA GLY C 72 3.16 -14.38 -11.35
C GLY C 72 3.45 -15.85 -11.56
N THR C 73 2.78 -16.46 -12.54
CA THR C 73 2.86 -17.91 -12.78
C THR C 73 3.37 -18.31 -14.16
N HIS C 74 3.56 -17.35 -15.06
CA HIS C 74 3.98 -17.59 -16.45
C HIS C 74 3.03 -18.46 -17.30
N ASP C 75 1.76 -18.54 -16.89
CA ASP C 75 0.73 -19.21 -17.69
C ASP C 75 0.60 -18.47 -19.03
N GLY C 76 0.27 -19.22 -20.08
CA GLY C 76 0.19 -18.66 -21.43
C GLY C 76 -1.09 -17.86 -21.64
N LEU C 77 -0.96 -16.73 -22.33
CA LEU C 77 -2.08 -15.90 -22.74
C LEU C 77 -2.07 -15.72 -24.25
N LEU C 78 -3.22 -15.38 -24.82
CA LEU C 78 -3.33 -15.10 -26.25
C LEU C 78 -3.29 -13.59 -26.51
N VAL C 79 -2.93 -13.23 -27.73
CA VAL C 79 -2.95 -11.84 -28.20
C VAL C 79 -3.55 -11.81 -29.61
N ASN C 80 -4.67 -11.09 -29.75
CA ASN C 80 -5.50 -11.14 -30.96
C ASN C 80 -5.72 -12.58 -31.46
N GLN C 81 -6.14 -13.45 -30.53
CA GLN C 81 -6.55 -14.84 -30.81
C GLN C 81 -5.42 -15.87 -30.99
N THR C 82 -4.17 -15.47 -30.86
CA THR C 82 -3.03 -16.31 -31.26
C THR C 82 -1.82 -16.15 -30.32
N GLU C 83 -0.78 -16.95 -30.57
CA GLU C 83 0.41 -17.02 -29.70
C GLU C 83 1.32 -15.80 -29.73
N LEU C 84 1.60 -15.30 -30.94
CA LEU C 84 2.56 -14.21 -31.16
C LEU C 84 1.90 -12.99 -31.76
N PHE C 85 2.53 -11.83 -31.54
CA PHE C 85 2.06 -10.55 -32.08
C PHE C 85 3.22 -9.83 -32.76
N VAL C 86 2.96 -9.32 -33.97
CA VAL C 86 3.96 -8.58 -34.76
C VAL C 86 3.32 -7.27 -35.22
N PRO C 87 3.87 -6.10 -34.79
CA PRO C 87 3.31 -4.84 -35.26
C PRO C 87 3.32 -4.67 -36.78
N SER C 88 2.22 -4.16 -37.32
CA SER C 88 2.05 -3.95 -38.76
C SER C 88 2.07 -2.46 -39.11
N LEU C 89 1.95 -2.15 -40.41
CA LEU C 89 1.91 -0.77 -40.91
C LEU C 89 0.69 0.00 -40.38
N ASN C 90 0.94 1.17 -39.79
CA ASN C 90 -0.13 2.03 -39.26
C ASN C 90 -0.91 2.72 -40.37
N VAL C 91 -2.19 2.37 -40.52
CA VAL C 91 -3.06 2.94 -41.53
C VAL C 91 -3.65 4.29 -41.05
N ASP C 92 -3.31 5.36 -41.76
CA ASP C 92 -3.73 6.73 -41.42
C ASP C 92 -3.24 7.19 -40.03
N GLY C 93 -2.02 6.80 -39.67
CA GLY C 93 -1.41 7.14 -38.38
C GLY C 93 -2.13 6.64 -37.14
N GLN C 94 -2.88 5.54 -37.27
CA GLN C 94 -3.72 4.99 -36.21
C GLN C 94 -3.01 3.79 -35.55
N PRO C 95 -3.03 3.70 -34.20
CA PRO C 95 -2.27 2.65 -33.52
C PRO C 95 -2.86 1.25 -33.67
N ILE C 96 -1.98 0.24 -33.67
CA ILE C 96 -2.37 -1.15 -33.79
C ILE C 96 -2.80 -1.64 -32.41
N PHE C 97 -3.94 -2.31 -32.35
CA PHE C 97 -4.50 -2.78 -31.09
C PHE C 97 -4.07 -4.23 -30.82
N ALA C 98 -3.50 -4.48 -29.64
CA ALA C 98 -3.08 -5.81 -29.21
C ALA C 98 -3.91 -6.27 -28.00
N ASN C 99 -5.02 -6.97 -28.29
CA ASN C 99 -5.95 -7.42 -27.26
C ASN C 99 -5.51 -8.72 -26.58
N ILE C 100 -5.08 -8.60 -25.33
CA ILE C 100 -4.57 -9.73 -24.54
C ILE C 100 -5.74 -10.37 -23.77
N THR C 101 -5.92 -11.68 -23.92
CA THR C 101 -7.05 -12.42 -23.34
C THR C 101 -6.63 -13.76 -22.74
N LEU C 102 -7.53 -14.37 -21.97
CA LEU C 102 -7.35 -15.76 -21.51
C LEU C 102 -7.63 -16.70 -22.68
N PRO C 103 -6.88 -17.81 -22.76
CA PRO C 103 -7.34 -18.91 -23.61
C PRO C 103 -8.37 -19.77 -22.88
N VAL C 104 -9.07 -20.61 -23.62
CA VAL C 104 -9.88 -21.66 -23.01
C VAL C 104 -8.89 -22.77 -22.61
N TYR C 105 -8.40 -22.73 -21.38
CA TYR C 105 -7.48 -23.76 -20.89
C TYR C 105 -8.19 -25.11 -20.82
N THR C 106 -7.43 -26.20 -20.80
CA THR C 106 -7.97 -27.51 -20.52
C THR C 106 -8.33 -27.56 -19.04
N LEU C 107 -9.29 -28.41 -18.67
CA LEU C 107 -9.65 -28.59 -17.26
C LEU C 107 -8.45 -29.07 -16.45
N LYS C 108 -7.63 -29.96 -17.02
CA LYS C 108 -6.40 -30.43 -16.36
C LYS C 108 -5.44 -29.29 -16.04
N GLU C 109 -5.13 -28.46 -17.04
CA GLU C 109 -4.19 -27.37 -16.83
C GLU C 109 -4.74 -26.30 -15.90
N ARG C 110 -6.05 -26.03 -16.00
CA ARG C 110 -6.71 -25.15 -15.04
C ARG C 110 -6.60 -25.70 -13.61
N CYS C 111 -6.86 -27.00 -13.43
CA CYS C 111 -6.71 -27.64 -12.12
C CYS C 111 -5.27 -27.53 -11.56
N LEU C 112 -4.27 -27.72 -12.43
CA LEU C 112 -2.87 -27.56 -12.04
C LEU C 112 -2.53 -26.11 -11.64
N GLN C 113 -3.10 -25.13 -12.34
CA GLN C 113 -2.96 -23.71 -11.95
C GLN C 113 -3.44 -23.43 -10.52
N VAL C 114 -4.60 -23.98 -10.16
CA VAL C 114 -5.20 -23.74 -8.83
C VAL C 114 -4.41 -24.45 -7.72
N VAL C 115 -3.98 -25.69 -7.99
CA VAL C 115 -3.18 -26.47 -7.04
C VAL C 115 -1.81 -25.82 -6.79
N ARG C 116 -1.15 -25.37 -7.87
CA ARG C 116 0.12 -24.64 -7.76
C ARG C 116 0.01 -23.36 -6.92
N SER C 117 -1.12 -22.67 -7.03
CA SER C 117 -1.37 -21.43 -6.29
C SER C 117 -1.69 -21.63 -4.80
N LEU C 118 -2.12 -22.84 -4.41
CA LEU C 118 -2.41 -23.17 -3.00
C LEU C 118 -1.24 -23.85 -2.28
N VAL C 119 -0.60 -24.82 -2.95
CA VAL C 119 0.50 -25.62 -2.36
C VAL C 119 1.87 -25.06 -2.75
N LYS C 120 2.82 -25.11 -1.83
CA LYS C 120 4.21 -24.70 -2.09
C LYS C 120 4.97 -25.82 -2.78
N PRO C 121 5.87 -25.49 -3.73
CA PRO C 121 6.67 -26.48 -4.50
C PRO C 121 7.25 -27.66 -3.72
N GLU C 122 7.70 -27.41 -2.50
CA GLU C 122 8.33 -28.44 -1.63
C GLU C 122 7.33 -29.53 -1.23
N ASN C 123 6.06 -29.15 -1.07
CA ASN C 123 5.00 -30.06 -0.61
C ASN C 123 4.23 -30.79 -1.72
N TYR C 124 4.60 -30.58 -2.99
CA TYR C 124 3.94 -31.27 -4.12
C TYR C 124 3.99 -32.80 -3.97
N ARG C 125 5.16 -33.33 -3.60
CA ARG C 125 5.35 -34.77 -3.42
C ARG C 125 4.61 -35.41 -2.22
N ARG C 126 4.09 -34.57 -1.31
CA ARG C 126 3.32 -35.03 -0.14
C ARG C 126 1.83 -35.25 -0.46
N LEU C 127 1.36 -34.70 -1.60
CA LEU C 127 -0.03 -34.85 -2.04
C LEU C 127 -0.31 -36.27 -2.51
N ASP C 128 -1.52 -36.76 -2.23
CA ASP C 128 -1.88 -38.16 -2.48
C ASP C 128 -2.43 -38.37 -3.90
N ILE C 129 -1.51 -38.47 -4.86
CA ILE C 129 -1.83 -38.59 -6.29
C ILE C 129 -0.78 -39.45 -7.00
N VAL C 130 -1.07 -39.87 -8.22
CA VAL C 130 -0.10 -40.63 -9.04
C VAL C 130 1.17 -39.83 -9.32
N ARG C 131 2.28 -40.54 -9.50
CA ARG C 131 3.59 -39.90 -9.68
C ARG C 131 3.69 -39.03 -10.94
N SER C 132 2.86 -39.32 -11.95
CA SER C 132 2.78 -38.49 -13.15
C SER C 132 2.22 -37.08 -12.88
N LEU C 133 1.36 -36.96 -11.87
CA LEU C 133 0.81 -35.65 -11.48
C LEU C 133 1.77 -34.79 -10.65
N TYR C 134 2.75 -35.41 -9.98
CA TYR C 134 3.87 -34.64 -9.39
C TYR C 134 4.68 -33.99 -10.51
N GLU C 135 4.98 -34.77 -11.55
CA GLU C 135 5.78 -34.30 -12.68
C GLU C 135 5.02 -33.28 -13.55
N ASP C 136 3.70 -33.40 -13.63
CA ASP C 136 2.86 -32.39 -14.28
C ASP C 136 2.83 -31.06 -13.49
N LEU C 137 2.78 -31.16 -12.16
CA LEU C 137 2.83 -29.98 -11.27
C LEU C 137 4.19 -29.27 -11.30
N GLU C 138 5.27 -30.05 -11.18
CA GLU C 138 6.64 -29.50 -11.17
C GLU C 138 7.06 -28.91 -12.51
N ASP C 139 6.49 -29.42 -13.61
CA ASP C 139 6.77 -28.91 -14.95
C ASP C 139 5.92 -27.65 -15.22
N HIS C 140 6.20 -26.60 -14.46
CA HIS C 140 5.39 -25.38 -14.47
C HIS C 140 5.68 -24.56 -15.73
N PRO C 141 4.70 -23.77 -16.21
CA PRO C 141 4.91 -23.04 -17.47
C PRO C 141 6.14 -22.12 -17.48
N ASN C 142 6.77 -22.05 -18.65
CA ASN C 142 8.10 -21.48 -18.82
C ASN C 142 8.21 -20.93 -20.26
N VAL C 143 8.77 -19.72 -20.39
CA VAL C 143 8.87 -19.06 -21.72
C VAL C 143 9.87 -19.76 -22.65
N GLN C 144 11.00 -20.23 -22.10
CA GLN C 144 12.01 -20.89 -22.92
C GLN C 144 11.58 -22.28 -23.43
N LYS C 145 10.73 -22.98 -22.69
CA LYS C 145 10.14 -24.25 -23.18
C LYS C 145 9.22 -24.03 -24.39
N ASP C 146 8.31 -23.07 -24.28
CA ASP C 146 7.37 -22.75 -25.36
C ASP C 146 8.06 -22.23 -26.63
N LEU C 147 9.19 -21.54 -26.48
CA LEU C 147 9.99 -21.10 -27.64
C LEU C 147 10.56 -22.29 -28.44
N GLU C 148 11.00 -23.34 -27.73
CA GLU C 148 11.41 -24.60 -28.38
C GLU C 148 10.22 -25.34 -28.99
N ARG C 149 9.06 -25.24 -28.32
CA ARG C 149 7.80 -25.80 -28.83
C ARG C 149 7.32 -25.14 -30.15
N LEU C 150 7.55 -23.83 -30.30
CA LEU C 150 7.24 -23.10 -31.55
C LEU C 150 8.45 -23.13 -32.50
N THR C 151 8.99 -24.31 -32.74
CA THR C 151 10.23 -24.48 -33.51
C THR C 151 10.35 -25.95 -33.93
N MET D 1 -7.90 -12.71 16.83
CA MET D 1 -6.72 -13.17 17.62
C MET D 1 -7.02 -14.52 18.28
N ASP D 2 -6.06 -15.44 18.21
CA ASP D 2 -6.23 -16.80 18.74
C ASP D 2 -6.14 -16.83 20.27
N VAL D 3 -6.93 -17.69 20.90
CA VAL D 3 -6.75 -18.07 22.30
C VAL D 3 -6.41 -19.57 22.35
N PHE D 4 -5.70 -19.98 23.40
CA PHE D 4 -5.26 -21.38 23.53
C PHE D 4 -5.80 -21.97 24.85
N LEU D 5 -6.48 -23.11 24.74
CA LEU D 5 -7.31 -23.64 25.83
C LEU D 5 -6.92 -25.05 26.29
N MET D 6 -7.20 -25.32 27.56
CA MET D 6 -7.29 -26.69 28.12
C MET D 6 -8.74 -26.90 28.57
N ILE D 7 -9.45 -27.82 27.93
CA ILE D 7 -10.85 -28.13 28.29
C ILE D 7 -10.85 -29.42 29.10
N ARG D 8 -11.21 -29.31 30.38
CA ARG D 8 -10.93 -30.35 31.38
C ARG D 8 -12.17 -30.96 32.10
N ARG D 9 -12.26 -32.29 32.07
CA ARG D 9 -13.31 -33.06 32.77
C ARG D 9 -12.71 -34.34 33.38
N HIS D 10 -12.91 -34.55 34.68
CA HIS D 10 -12.37 -35.71 35.42
C HIS D 10 -10.85 -35.82 35.20
N LYS D 11 -10.40 -36.78 34.38
CA LYS D 11 -9.00 -36.97 34.02
C LYS D 11 -8.84 -36.85 32.49
N THR D 12 -9.62 -35.96 31.90
CA THR D 12 -9.63 -35.74 30.45
C THR D 12 -9.29 -34.28 30.21
N THR D 13 -8.19 -34.03 29.47
CA THR D 13 -7.74 -32.69 29.16
C THR D 13 -7.53 -32.56 27.65
N ILE D 14 -8.20 -31.58 27.04
CA ILE D 14 -8.16 -31.36 25.58
C ILE D 14 -7.42 -30.06 25.28
N PHE D 15 -6.34 -30.15 24.51
CA PHE D 15 -5.60 -28.97 24.05
C PHE D 15 -6.14 -28.54 22.69
N THR D 16 -6.55 -27.29 22.58
CA THR D 16 -7.12 -26.77 21.34
C THR D 16 -7.08 -25.24 21.35
N ASP D 17 -7.40 -24.64 20.21
CA ASP D 17 -7.45 -23.19 20.07
C ASP D 17 -8.76 -22.72 19.42
N ALA D 18 -8.99 -21.42 19.51
CA ALA D 18 -10.15 -20.78 18.87
C ALA D 18 -9.92 -19.29 18.80
N LYS D 19 -10.74 -18.60 18.00
CA LYS D 19 -10.65 -17.16 17.89
C LYS D 19 -11.36 -16.49 19.07
N GLU D 20 -10.91 -15.28 19.40
CA GLU D 20 -11.45 -14.51 20.53
C GLU D 20 -12.94 -14.18 20.33
N SER D 21 -13.33 -13.94 19.08
CA SER D 21 -14.72 -13.63 18.72
C SER D 21 -15.63 -14.85 18.47
N SER D 22 -15.10 -16.06 18.61
CA SER D 22 -15.91 -17.29 18.49
C SER D 22 -16.77 -17.49 19.73
N THR D 23 -17.92 -18.12 19.56
CA THR D 23 -18.90 -18.26 20.63
C THR D 23 -18.65 -19.49 21.48
N VAL D 24 -19.35 -19.56 22.62
CA VAL D 24 -19.29 -20.71 23.53
C VAL D 24 -19.90 -21.95 22.86
N PHE D 25 -20.97 -21.75 22.10
CA PHE D 25 -21.62 -22.83 21.34
C PHE D 25 -20.68 -23.43 20.29
N GLU D 26 -19.90 -22.58 19.63
CA GLU D 26 -18.91 -23.02 18.64
C GLU D 26 -17.80 -23.87 19.26
N LEU D 27 -17.42 -23.57 20.50
CA LEU D 27 -16.45 -24.38 21.25
C LEU D 27 -17.02 -25.76 21.65
N LYS D 28 -18.33 -25.83 21.93
CA LYS D 28 -19.02 -27.11 22.17
C LYS D 28 -19.08 -28.02 20.93
N ARG D 29 -19.14 -27.42 19.74
CA ARG D 29 -19.02 -28.16 18.46
C ARG D 29 -17.65 -28.83 18.29
N ILE D 30 -16.60 -28.16 18.77
CA ILE D 30 -15.24 -28.72 18.75
C ILE D 30 -15.12 -29.86 19.77
N VAL D 31 -15.69 -29.69 20.96
CA VAL D 31 -15.73 -30.75 21.98
C VAL D 31 -16.52 -31.97 21.47
N GLU D 32 -17.62 -31.70 20.76
CA GLU D 32 -18.46 -32.75 20.14
C GLU D 32 -17.68 -33.64 19.18
N GLY D 33 -16.88 -33.02 18.32
CA GLY D 33 -16.04 -33.73 17.36
C GLY D 33 -15.01 -34.65 17.99
N ILE D 34 -14.49 -34.27 19.16
CA ILE D 34 -13.49 -35.06 19.87
C ILE D 34 -14.16 -36.11 20.77
N LEU D 35 -14.93 -35.67 21.76
CA LEU D 35 -15.49 -36.56 22.79
C LEU D 35 -16.86 -37.22 22.46
N LYS D 36 -17.42 -36.94 21.29
CA LYS D 36 -18.60 -37.63 20.76
C LYS D 36 -19.87 -37.36 21.58
N ARG D 37 -20.12 -36.08 21.90
CA ARG D 37 -21.25 -35.65 22.73
C ARG D 37 -21.82 -34.33 22.22
N PRO D 38 -23.14 -34.26 21.96
CA PRO D 38 -23.72 -33.05 21.35
C PRO D 38 -23.78 -31.83 22.31
N PRO D 39 -23.79 -30.58 21.75
CA PRO D 39 -23.78 -29.35 22.56
C PRO D 39 -24.83 -29.23 23.67
N ASP D 40 -26.04 -29.74 23.43
CA ASP D 40 -27.10 -29.75 24.46
C ASP D 40 -26.80 -30.65 25.68
N GLU D 41 -25.86 -31.58 25.57
CA GLU D 41 -25.39 -32.40 26.70
C GLU D 41 -24.09 -31.89 27.35
N GLN D 42 -23.70 -30.64 27.09
CA GLN D 42 -22.48 -30.06 27.63
C GLN D 42 -22.76 -28.81 28.48
N ARG D 43 -21.98 -28.64 29.54
CA ARG D 43 -21.96 -27.40 30.33
C ARG D 43 -20.52 -26.96 30.51
N LEU D 44 -20.14 -25.85 29.87
CA LEU D 44 -18.79 -25.30 30.00
C LEU D 44 -18.73 -24.27 31.11
N TYR D 45 -17.57 -24.21 31.78
CA TYR D 45 -17.37 -23.32 32.91
C TYR D 45 -16.09 -22.50 32.75
N LYS D 46 -16.04 -21.35 33.43
CA LYS D 46 -14.81 -20.62 33.70
C LYS D 46 -14.70 -20.50 35.21
N ASP D 47 -13.80 -21.29 35.81
CA ASP D 47 -13.75 -21.51 37.25
C ASP D 47 -15.08 -22.14 37.71
N ASP D 48 -15.96 -21.38 38.36
CA ASP D 48 -17.29 -21.88 38.77
C ASP D 48 -18.48 -21.19 38.05
N GLN D 49 -18.20 -20.30 37.09
CA GLN D 49 -19.24 -19.57 36.36
C GLN D 49 -19.68 -20.36 35.13
N LEU D 50 -21.00 -20.42 34.89
CA LEU D 50 -21.58 -21.14 33.75
C LEU D 50 -21.65 -20.21 32.54
N LEU D 51 -21.21 -20.71 31.38
CA LEU D 51 -21.11 -19.92 30.15
C LEU D 51 -22.30 -20.13 29.21
N ASP D 52 -22.97 -19.05 28.82
CA ASP D 52 -24.12 -19.11 27.89
C ASP D 52 -23.68 -19.31 26.44
N ASP D 53 -24.45 -20.09 25.69
CA ASP D 53 -24.13 -20.47 24.28
C ASP D 53 -23.88 -19.28 23.32
N GLY D 54 -24.59 -18.17 23.54
CA GLY D 54 -24.52 -17.01 22.65
C GLY D 54 -23.29 -16.11 22.79
N LYS D 55 -22.66 -16.14 23.96
CA LYS D 55 -21.56 -15.22 24.31
C LYS D 55 -20.24 -15.62 23.65
N THR D 56 -19.40 -14.63 23.34
CA THR D 56 -18.05 -14.88 22.80
C THR D 56 -17.03 -15.21 23.90
N LEU D 57 -15.87 -15.69 23.50
CA LEU D 57 -14.81 -16.03 24.44
C LEU D 57 -14.16 -14.78 25.05
N GLY D 58 -14.05 -13.70 24.28
CA GLY D 58 -13.50 -12.43 24.76
C GLY D 58 -14.32 -11.75 25.85
N GLU D 59 -15.65 -11.82 25.69
CA GLU D 59 -16.62 -11.39 26.72
C GLU D 59 -16.41 -12.11 28.04
N CAS D 60 -16.22 -13.43 27.98
CA CAS D 60 -16.00 -14.26 29.17
CB CAS D 60 -16.50 -15.69 28.93
C CAS D 60 -14.55 -14.29 29.63
O CAS D 60 -14.15 -15.23 30.32
SG CAS D 60 -18.22 -15.82 28.56
AS CAS D 60 -19.25 -14.98 30.37
CE1 CAS D 60 -20.31 -13.41 29.77
CE2 CAS D 60 -20.56 -16.23 31.19
N GLY D 61 -13.75 -13.28 29.28
CA GLY D 61 -12.40 -13.11 29.81
C GLY D 61 -11.34 -14.10 29.35
N PHE D 62 -11.56 -14.73 28.18
CA PHE D 62 -10.51 -15.51 27.50
C PHE D 62 -9.96 -14.63 26.40
N THR D 63 -8.80 -14.03 26.66
CA THR D 63 -8.11 -13.17 25.69
C THR D 63 -6.79 -13.81 25.25
N SER D 64 -6.32 -13.35 24.10
CA SER D 64 -5.08 -13.88 23.50
C SER D 64 -3.85 -13.67 24.37
N GLN D 65 -3.87 -12.64 25.20
CA GLN D 65 -2.72 -12.31 26.04
C GLN D 65 -2.66 -13.08 27.37
N THR D 66 -3.77 -13.69 27.79
CA THR D 66 -3.78 -14.58 28.98
C THR D 66 -3.86 -16.05 28.61
N ALA D 67 -4.74 -16.39 27.67
CA ALA D 67 -4.82 -17.75 27.12
C ALA D 67 -3.71 -17.98 26.06
N ARG D 68 -2.47 -18.15 26.54
CA ARG D 68 -1.27 -18.22 25.69
C ARG D 68 -0.92 -19.67 25.29
N PRO D 69 -0.10 -19.86 24.22
CA PRO D 69 0.29 -21.22 23.80
C PRO D 69 1.01 -22.03 24.88
N GLN D 70 2.01 -21.40 25.50
CA GLN D 70 2.81 -21.98 26.58
C GLN D 70 2.13 -22.00 27.95
N ALA D 71 1.03 -21.25 28.12
CA ALA D 71 0.25 -21.25 29.36
C ALA D 71 -1.24 -21.05 29.05
N PRO D 72 -1.94 -22.12 28.63
CA PRO D 72 -3.35 -22.02 28.23
C PRO D 72 -4.32 -21.70 29.37
N ALA D 73 -5.44 -21.06 29.03
CA ALA D 73 -6.54 -20.83 29.99
C ALA D 73 -7.38 -22.10 30.12
N THR D 74 -7.81 -22.41 31.34
CA THR D 74 -8.57 -23.64 31.63
C THR D 74 -10.09 -23.43 31.48
N VAL D 75 -10.76 -24.39 30.84
CA VAL D 75 -12.21 -24.36 30.65
C VAL D 75 -12.79 -25.65 31.26
N GLY D 76 -13.77 -25.49 32.16
CA GLY D 76 -14.43 -26.62 32.82
C GLY D 76 -15.42 -27.30 31.91
N LEU D 77 -15.65 -28.60 32.12
CA LEU D 77 -16.62 -29.37 31.35
C LEU D 77 -17.31 -30.40 32.24
N ALA D 78 -18.62 -30.56 32.02
CA ALA D 78 -19.45 -31.54 32.71
C ALA D 78 -20.55 -32.00 31.77
N PHE D 79 -20.81 -33.30 31.73
CA PHE D 79 -21.79 -33.90 30.81
C PHE D 79 -23.14 -34.17 31.49
N ARG D 80 -24.13 -34.49 30.66
CA ARG D 80 -25.46 -34.94 31.11
C ARG D 80 -25.71 -36.34 30.55
N ALA D 81 -25.77 -37.34 31.44
CA ALA D 81 -25.98 -38.73 31.02
C ALA D 81 -27.46 -39.00 30.70
N ASP D 82 -28.33 -38.83 31.69
CA ASP D 82 -29.77 -39.11 31.54
C ASP D 82 -30.62 -37.99 32.13
N ASP D 83 -30.65 -37.91 33.46
CA ASP D 83 -31.59 -37.05 34.17
C ASP D 83 -31.11 -35.60 34.21
N THR D 84 -29.97 -35.35 34.87
CA THR D 84 -29.42 -34.00 35.05
C THR D 84 -27.89 -34.00 35.02
N PHE D 85 -27.30 -32.82 34.89
CA PHE D 85 -25.84 -32.65 34.86
C PHE D 85 -25.21 -32.99 36.21
N GLU D 86 -23.90 -33.28 36.18
CA GLU D 86 -23.13 -33.56 37.40
C GLU D 86 -22.43 -32.28 37.86
N ALA D 87 -21.95 -32.29 39.09
CA ALA D 87 -21.11 -31.21 39.62
C ALA D 87 -19.76 -31.20 38.89
N LEU D 88 -19.18 -30.01 38.73
CA LEU D 88 -17.91 -29.83 38.01
C LEU D 88 -16.77 -30.49 38.77
N CAS D 89 -16.16 -31.51 38.16
CA CAS D 89 -15.05 -32.25 38.76
CB CAS D 89 -15.47 -33.70 38.97
C CAS D 89 -13.88 -32.17 37.81
O CAS D 89 -13.99 -32.61 36.67
SG CAS D 89 -14.16 -34.71 39.59
AS CAS D 89 -13.88 -33.85 41.63
CE1 CAS D 89 -15.17 -34.68 42.90
CE2 CAS D 89 -12.01 -34.18 42.23
N ILE D 90 -12.78 -31.61 38.30
CA ILE D 90 -11.49 -31.61 37.59
C ILE D 90 -10.45 -32.24 38.52
N GLU D 91 -9.95 -33.41 38.16
CA GLU D 91 -8.90 -34.07 38.93
C GLU D 91 -7.61 -33.29 38.69
N PRO D 92 -6.94 -32.85 39.77
CA PRO D 92 -5.70 -32.09 39.59
C PRO D 92 -4.55 -32.98 39.11
N PHE D 93 -3.50 -32.36 38.57
CA PHE D 93 -2.30 -33.11 38.16
C PHE D 93 -1.52 -33.55 39.40
N SER D 94 -0.56 -34.44 39.21
CA SER D 94 0.24 -34.97 40.33
C SER D 94 1.11 -33.87 40.95
N SER D 95 1.61 -34.13 42.16
CA SER D 95 2.48 -33.19 42.85
C SER D 95 3.94 -33.42 42.43
N PRO D 96 4.72 -32.32 42.26
CA PRO D 96 6.17 -32.50 42.13
C PRO D 96 6.84 -32.91 43.45
N PRO D 97 8.03 -33.53 43.39
CA PRO D 97 8.77 -33.90 44.60
C PRO D 97 9.51 -32.71 45.24
N GLU D 98 10.25 -32.97 46.31
CA GLU D 98 11.10 -31.96 46.94
C GLU D 98 12.25 -31.59 46.01
N LEU D 99 12.66 -30.32 46.04
CA LEU D 99 13.86 -29.88 45.35
C LEU D 99 15.09 -30.54 45.98
N PRO D 100 15.99 -31.12 45.15
CA PRO D 100 17.27 -31.63 45.69
C PRO D 100 18.14 -30.54 46.33
N ASP D 101 19.08 -30.97 47.17
CA ASP D 101 20.00 -30.04 47.87
C ASP D 101 20.88 -29.25 46.90
N VAL D 102 21.35 -29.91 45.83
CA VAL D 102 22.14 -29.26 44.78
C VAL D 102 21.38 -28.11 44.10
N MET D 103 20.06 -28.24 43.98
CA MET D 103 19.18 -27.16 43.51
C MET D 103 18.66 -26.39 44.72
N MET E 1 -9.99 -32.09 12.11
CA MET E 1 -8.53 -32.39 12.20
C MET E 1 -8.30 -33.68 12.99
N MET E 2 -7.15 -34.31 12.76
CA MET E 2 -6.78 -35.56 13.44
C MET E 2 -6.31 -35.26 14.87
N TYR E 3 -6.76 -36.08 15.82
CA TYR E 3 -6.36 -35.97 17.24
C TYR E 3 -5.81 -37.30 17.75
N VAL E 4 -4.85 -37.23 18.67
CA VAL E 4 -4.27 -38.42 19.34
C VAL E 4 -4.32 -38.24 20.86
N LYS E 5 -4.27 -39.36 21.58
CA LYS E 5 -4.39 -39.38 23.04
C LYS E 5 -3.07 -39.82 23.70
N LEU E 6 -2.66 -39.08 24.73
CA LEU E 6 -1.42 -39.34 25.46
C LEU E 6 -1.74 -39.50 26.94
N ILE E 7 -1.43 -40.68 27.49
CA ILE E 7 -1.84 -41.05 28.84
C ILE E 7 -0.61 -41.14 29.75
N SER E 8 -0.61 -40.37 30.83
CA SER E 8 0.47 -40.35 31.82
C SER E 8 0.47 -41.63 32.68
N SER E 9 1.44 -41.74 33.60
CA SER E 9 1.52 -42.88 34.52
C SER E 9 0.39 -42.91 35.54
N ASP E 10 0.07 -41.76 36.11
CA ASP E 10 -1.05 -41.62 37.06
C ASP E 10 -2.47 -41.69 36.44
N GLY E 11 -2.56 -41.71 35.11
CA GLY E 11 -3.82 -42.00 34.40
C GLY E 11 -4.57 -40.83 33.78
N HIS E 12 -3.92 -39.67 33.65
CA HIS E 12 -4.51 -38.51 32.95
C HIS E 12 -4.39 -38.68 31.44
N GLU E 13 -5.51 -38.51 30.74
CA GLU E 13 -5.59 -38.64 29.27
C GLU E 13 -5.59 -37.25 28.61
N PHE E 14 -4.47 -36.89 28.00
CA PHE E 14 -4.34 -35.62 27.27
C PHE E 14 -4.63 -35.85 25.80
N ILE E 15 -5.53 -35.05 25.23
CA ILE E 15 -5.87 -35.15 23.80
C ILE E 15 -5.26 -33.98 23.03
N VAL E 16 -4.36 -34.28 22.10
CA VAL E 16 -3.68 -33.26 21.29
C VAL E 16 -3.86 -33.55 19.80
N LYS E 17 -3.59 -32.54 18.96
CA LYS E 17 -3.57 -32.72 17.50
C LYS E 17 -2.43 -33.66 17.08
N ARG E 18 -2.66 -34.45 16.02
CA ARG E 18 -1.66 -35.42 15.54
C ARG E 18 -0.38 -34.73 15.06
N GLU E 19 -0.56 -33.67 14.28
CA GLU E 19 0.54 -32.78 13.86
C GLU E 19 1.47 -32.40 15.02
N HIS E 20 0.87 -31.98 16.13
CA HIS E 20 1.61 -31.51 17.32
C HIS E 20 2.42 -32.63 17.99
N ALA E 21 1.80 -33.81 18.12
CA ALA E 21 2.46 -34.97 18.74
C ALA E 21 3.59 -35.56 17.89
N LEU E 22 3.50 -35.43 16.56
CA LEU E 22 4.55 -35.88 15.64
C LEU E 22 5.82 -35.01 15.65
N THR E 23 5.81 -33.90 16.39
CA THR E 23 7.05 -33.21 16.82
C THR E 23 8.06 -34.22 17.37
N SER E 24 7.58 -35.13 18.22
CA SER E 24 8.40 -36.19 18.81
C SER E 24 8.51 -37.40 17.88
N GLY E 25 9.73 -37.69 17.42
CA GLY E 25 10.02 -38.91 16.66
C GLY E 25 9.76 -40.19 17.46
N THR E 26 10.00 -40.15 18.77
CA THR E 26 9.72 -41.30 19.65
C THR E 26 8.22 -41.65 19.67
N ILE E 27 7.38 -40.63 19.83
CA ILE E 27 5.92 -40.82 19.81
C ILE E 27 5.46 -41.40 18.46
N LYS E 28 6.02 -40.88 17.37
CA LYS E 28 5.69 -41.36 16.02
C LYS E 28 5.90 -42.86 15.83
N ALA E 29 6.97 -43.39 16.43
CA ALA E 29 7.26 -44.83 16.41
C ALA E 29 6.29 -45.62 17.28
N MET E 30 5.89 -45.04 18.42
CA MET E 30 4.86 -45.62 19.28
C MET E 30 3.47 -45.63 18.63
N LEU E 31 3.17 -44.65 17.79
CA LEU E 31 1.89 -44.62 17.04
C LEU E 31 1.77 -45.69 15.95
N SER E 32 2.88 -45.99 15.28
CA SER E 32 2.91 -46.97 14.18
C SER E 32 4.16 -47.85 14.27
N GLY E 33 4.01 -49.03 14.88
CA GLY E 33 5.12 -49.98 15.00
C GLY E 33 4.73 -51.27 15.71
N ASN E 40 -1.67 -51.37 23.42
CA ASN E 40 -2.28 -50.06 23.23
C ASN E 40 -3.49 -50.10 22.29
N GLU E 41 -4.27 -49.03 22.32
CA GLU E 41 -5.33 -48.77 21.34
C GLU E 41 -4.76 -47.92 20.21
N THR E 42 -5.46 -47.86 19.08
CA THR E 42 -5.04 -47.04 17.94
C THR E 42 -5.24 -45.55 18.26
N ASN E 43 -4.24 -44.73 17.90
CA ASN E 43 -4.17 -43.31 18.28
C ASN E 43 -4.12 -43.10 19.81
N GLU E 44 -3.42 -43.99 20.51
CA GLU E 44 -3.35 -43.95 21.97
C GLU E 44 -1.99 -44.49 22.42
N VAL E 45 -1.26 -43.69 23.21
CA VAL E 45 0.07 -44.04 23.70
C VAL E 45 0.11 -43.92 25.22
N ASN E 46 0.68 -44.92 25.88
CA ASN E 46 0.81 -44.93 27.34
C ASN E 46 2.26 -44.74 27.77
N PHE E 47 2.47 -43.89 28.79
CA PHE E 47 3.79 -43.57 29.31
C PHE E 47 3.88 -43.97 30.78
N ARG E 48 4.58 -45.06 31.06
CA ARG E 48 4.71 -45.57 32.43
C ARG E 48 5.64 -44.73 33.32
N GLU E 49 6.48 -43.89 32.74
CA GLU E 49 7.48 -43.10 33.48
C GLU E 49 7.19 -41.60 33.65
N ILE E 50 6.24 -41.08 32.87
CA ILE E 50 5.97 -39.63 32.84
C ILE E 50 4.65 -39.35 33.58
N PRO E 51 4.72 -38.63 34.71
CA PRO E 51 3.49 -38.24 35.41
C PRO E 51 2.76 -37.07 34.72
N SER E 52 1.54 -36.79 35.19
CA SER E 52 0.69 -35.76 34.58
C SER E 52 1.26 -34.34 34.69
N HIS E 53 1.96 -34.04 35.78
CA HIS E 53 2.54 -32.71 35.98
C HIS E 53 3.70 -32.38 35.01
N VAL E 54 4.33 -33.42 34.46
CA VAL E 54 5.37 -33.30 33.43
C VAL E 54 4.74 -33.38 32.03
N LEU E 55 3.88 -34.37 31.79
CA LEU E 55 3.26 -34.55 30.47
C LEU E 55 2.35 -33.40 30.04
N SER E 56 1.73 -32.71 31.02
CA SER E 56 0.95 -31.51 30.72
C SER E 56 1.84 -30.38 30.18
N LYS E 57 3.04 -30.25 30.75
CA LYS E 57 4.04 -29.30 30.24
C LYS E 57 4.60 -29.66 28.86
N VAL E 58 4.73 -30.96 28.59
CA VAL E 58 5.18 -31.45 27.26
C VAL E 58 4.17 -31.08 26.18
N CYS E 59 2.88 -31.25 26.47
CA CYS E 59 1.80 -30.88 25.54
C CYS E 59 1.73 -29.37 25.29
N MET E 60 2.03 -28.58 26.31
CA MET E 60 2.12 -27.13 26.13
C MET E 60 3.30 -26.75 25.24
N TYR E 61 4.42 -27.48 25.37
CA TYR E 61 5.57 -27.25 24.49
C TYR E 61 5.24 -27.49 23.01
N PHE E 62 4.50 -28.57 22.71
CA PHE E 62 4.08 -28.82 21.32
C PHE E 62 3.29 -27.63 20.75
N THR E 63 2.40 -27.05 21.55
CA THR E 63 1.62 -25.88 21.12
C THR E 63 2.51 -24.65 20.90
N TYR E 64 3.45 -24.45 21.82
CA TYR E 64 4.41 -23.33 21.75
C TYR E 64 5.31 -23.42 20.51
N LYS E 65 5.76 -24.64 20.19
CA LYS E 65 6.63 -24.85 19.03
C LYS E 65 5.92 -24.59 17.70
N VAL E 66 4.72 -25.17 17.54
CA VAL E 66 3.98 -25.06 16.29
C VAL E 66 3.48 -23.63 16.03
N ARG E 67 3.27 -22.87 17.10
CA ARG E 67 2.86 -21.46 16.99
C ARG E 67 4.00 -20.56 16.57
N TYR E 68 5.15 -20.68 17.25
CA TYR E 68 6.25 -19.71 17.12
C TYR E 68 7.39 -20.08 16.16
N THR E 69 7.42 -21.31 15.66
CA THR E 69 8.42 -21.72 14.64
C THR E 69 8.16 -20.98 13.33
N ASN E 70 9.19 -20.30 12.83
CA ASN E 70 9.10 -19.41 11.65
C ASN E 70 8.09 -18.27 11.82
N SER E 71 8.19 -17.60 12.96
CA SER E 71 7.34 -16.47 13.29
C SER E 71 8.16 -15.19 13.20
N SER E 72 7.63 -14.19 12.49
CA SER E 72 8.26 -12.87 12.43
C SER E 72 8.00 -12.05 13.70
N THR E 73 7.00 -12.44 14.49
CA THR E 73 6.68 -11.75 15.76
C THR E 73 7.72 -12.01 16.86
N GLU E 74 7.57 -11.32 17.98
CA GLU E 74 8.39 -11.58 19.17
C GLU E 74 8.05 -12.95 19.74
N ILE E 75 9.07 -13.63 20.26
CA ILE E 75 8.94 -14.97 20.82
C ILE E 75 9.18 -14.90 22.33
N PRO E 76 8.21 -15.33 23.15
CA PRO E 76 8.39 -15.31 24.60
C PRO E 76 9.09 -16.55 25.12
N GLU E 77 9.61 -16.46 26.34
CA GLU E 77 10.35 -17.55 26.98
C GLU E 77 9.38 -18.66 27.36
N PHE E 78 9.75 -19.90 27.07
CA PHE E 78 8.97 -21.06 27.54
C PHE E 78 9.26 -21.28 29.03
N PRO E 79 8.23 -21.14 29.90
CA PRO E 79 8.47 -21.20 31.33
C PRO E 79 8.65 -22.63 31.86
N ILE E 80 9.65 -22.84 32.71
CA ILE E 80 9.83 -24.08 33.45
C ILE E 80 10.09 -23.78 34.93
N ALA E 81 9.19 -24.25 35.80
CA ALA E 81 9.38 -24.17 37.24
C ALA E 81 10.56 -25.06 37.65
N PRO E 82 11.36 -24.63 38.65
CA PRO E 82 12.47 -25.46 39.15
C PRO E 82 12.10 -26.88 39.63
N GLU E 83 10.87 -27.07 40.11
CA GLU E 83 10.43 -28.34 40.71
C GLU E 83 10.22 -29.45 39.68
N ILE E 84 9.89 -29.09 38.44
CA ILE E 84 9.70 -30.08 37.36
C ILE E 84 10.89 -30.19 36.38
N ALA E 85 12.00 -29.51 36.66
CA ALA E 85 13.08 -29.35 35.69
C ALA E 85 13.81 -30.65 35.36
N LEU E 86 14.16 -31.44 36.37
CA LEU E 86 14.88 -32.71 36.16
C LEU E 86 14.04 -33.76 35.44
N GLU E 87 12.80 -33.94 35.87
CA GLU E 87 11.91 -34.91 35.23
C GLU E 87 11.63 -34.55 33.77
N LEU E 88 11.37 -33.26 33.52
CA LEU E 88 11.06 -32.77 32.18
C LEU E 88 12.26 -32.90 31.24
N LEU E 89 13.48 -32.74 31.77
CA LEU E 89 14.72 -33.00 31.01
C LEU E 89 14.79 -34.45 30.57
N MET E 90 14.51 -35.37 31.51
CA MET E 90 14.50 -36.81 31.21
C MET E 90 13.39 -37.19 30.22
N ALA E 91 12.24 -36.53 30.32
CA ALA E 91 11.15 -36.75 29.34
C ALA E 91 11.54 -36.24 27.94
N ALA E 92 12.16 -35.06 27.87
CA ALA E 92 12.59 -34.48 26.59
C ALA E 92 13.67 -35.32 25.93
N ASN E 93 14.52 -35.94 26.75
CA ASN E 93 15.58 -36.82 26.27
C ASN E 93 15.03 -38.11 25.66
N PHE E 94 14.00 -38.65 26.29
CA PHE E 94 13.30 -39.84 25.81
C PHE E 94 12.54 -39.56 24.53
N LEU E 95 11.72 -38.52 24.55
CA LEU E 95 10.87 -38.16 23.41
C LEU E 95 11.62 -37.53 22.21
N ASP E 96 12.81 -36.99 22.46
CA ASP E 96 13.66 -36.32 21.45
C ASP E 96 12.97 -35.09 20.86
N CYS E 97 12.52 -34.19 21.73
CA CYS E 97 11.88 -32.93 21.33
C CYS E 97 12.53 -31.71 22.00
N VAL F 11 37.20 -19.21 6.92
CA VAL F 11 36.10 -18.78 6.01
C VAL F 11 35.23 -17.68 6.64
N LEU F 12 34.80 -17.88 7.88
CA LEU F 12 33.96 -16.90 8.58
C LEU F 12 34.80 -15.72 9.10
N ARG F 13 34.80 -14.64 8.32
CA ARG F 13 35.63 -13.46 8.58
C ARG F 13 34.92 -12.22 8.01
N SER F 14 35.16 -11.06 8.63
CA SER F 14 34.60 -9.81 8.11
C SER F 14 35.36 -9.36 6.87
N VAL F 15 34.62 -8.85 5.88
CA VAL F 15 35.23 -8.33 4.64
C VAL F 15 35.61 -6.86 4.87
N ASN F 16 36.83 -6.48 4.50
CA ASN F 16 37.29 -5.10 4.64
C ASN F 16 36.81 -4.25 3.46
N SER F 17 35.57 -3.77 3.56
CA SER F 17 34.88 -3.06 2.47
C SER F 17 35.11 -1.55 2.49
N ARG F 18 35.03 -0.96 3.68
CA ARG F 18 35.09 0.49 3.88
C ARG F 18 33.85 1.23 3.32
N GLU F 19 32.71 0.53 3.24
CA GLU F 19 31.41 1.12 2.88
C GLU F 19 30.60 1.29 4.17
N PRO F 20 30.40 2.53 4.66
CA PRO F 20 29.68 2.69 5.93
C PRO F 20 28.22 2.21 5.88
N SER F 21 27.75 1.65 6.99
CA SER F 21 26.38 1.13 7.08
C SER F 21 25.88 1.20 8.54
N GLN F 22 24.97 2.12 8.81
CA GLN F 22 24.39 2.26 10.16
C GLN F 22 23.32 1.21 10.40
N VAL F 23 23.27 0.70 11.63
CA VAL F 23 22.37 -0.39 12.00
C VAL F 23 21.71 -0.09 13.34
N ILE F 24 20.44 -0.46 13.47
CA ILE F 24 19.76 -0.49 14.76
C ILE F 24 19.85 -1.92 15.29
N PHE F 25 20.57 -2.10 16.39
CA PHE F 25 20.56 -3.35 17.15
C PHE F 25 19.38 -3.25 18.09
N CAS F 26 18.35 -4.06 17.85
CA CAS F 26 17.11 -4.00 18.63
CB CAS F 26 15.98 -3.67 17.65
C CAS F 26 16.91 -5.31 19.33
O CAS F 26 16.62 -6.33 18.70
SG CAS F 26 14.39 -3.66 18.41
AS CAS F 26 14.31 -1.77 19.61
CE1 CAS F 26 13.82 -2.24 21.49
CE2 CAS F 26 12.94 -0.53 18.87
N ASN F 27 17.06 -5.29 20.66
CA ASN F 27 16.88 -6.46 21.51
C ASN F 27 15.40 -6.74 21.82
N ARG F 28 14.77 -7.62 21.03
CA ARG F 28 13.38 -8.04 21.26
C ARG F 28 13.32 -9.40 21.97
N SER F 29 14.16 -9.57 22.99
CA SER F 29 14.23 -10.80 23.78
C SER F 29 14.28 -10.45 25.26
N PRO F 30 13.97 -11.42 26.14
CA PRO F 30 14.07 -11.18 27.57
C PRO F 30 15.48 -11.35 28.18
N ARG F 31 16.49 -11.60 27.34
CA ARG F 31 17.88 -11.76 27.82
C ARG F 31 18.68 -10.48 27.64
N VAL F 32 19.77 -10.37 28.41
CA VAL F 32 20.80 -9.35 28.18
C VAL F 32 21.60 -9.85 26.99
N VAL F 33 21.82 -9.00 25.98
CA VAL F 33 22.45 -9.42 24.73
C VAL F 33 23.90 -8.97 24.62
N LEU F 34 24.77 -9.89 24.19
CA LEU F 34 26.17 -9.62 23.89
C LEU F 34 26.35 -9.66 22.35
N PRO F 35 26.55 -8.49 21.72
CA PRO F 35 26.90 -8.50 20.31
C PRO F 35 28.35 -8.92 20.11
N VAL F 36 28.58 -9.77 19.11
CA VAL F 36 29.90 -10.32 18.80
C VAL F 36 30.23 -10.02 17.35
N TRP F 37 31.32 -9.30 17.11
CA TRP F 37 31.83 -9.02 15.75
C TRP F 37 32.97 -9.98 15.43
N LEU F 38 32.89 -10.66 14.29
CA LEU F 38 34.00 -11.49 13.81
C LEU F 38 34.98 -10.61 13.05
N ASN F 39 36.17 -10.41 13.63
CA ASN F 39 37.16 -9.47 13.08
C ASN F 39 37.88 -9.99 11.83
N PHE F 40 38.87 -9.24 11.36
CA PHE F 40 39.57 -9.56 10.10
C PHE F 40 40.50 -10.77 10.14
N ASP F 41 40.73 -11.38 11.32
CA ASP F 41 41.37 -12.70 11.45
C ASP F 41 40.36 -13.83 11.72
N GLY F 42 39.06 -13.52 11.71
CA GLY F 42 38.04 -14.46 12.14
C GLY F 42 37.91 -14.69 13.65
N GLU F 43 38.56 -13.83 14.45
CA GLU F 43 38.51 -13.93 15.92
C GLU F 43 37.28 -13.19 16.44
N PRO F 44 36.47 -13.83 17.30
CA PRO F 44 35.28 -13.16 17.81
C PRO F 44 35.66 -12.04 18.78
N GLN F 45 35.05 -10.87 18.63
CA GLN F 45 35.29 -9.71 19.48
C GLN F 45 33.99 -9.31 20.18
N PRO F 46 33.99 -9.26 21.53
CA PRO F 46 32.77 -8.91 22.25
C PRO F 46 32.58 -7.39 22.37
N TYR F 47 31.32 -6.95 22.28
CA TYR F 47 30.95 -5.53 22.38
C TYR F 47 30.06 -5.28 23.63
N PRO F 48 29.81 -3.99 23.99
CA PRO F 48 28.98 -3.70 25.18
C PRO F 48 27.57 -4.30 25.10
N THR F 49 26.99 -4.62 26.26
CA THR F 49 25.73 -5.37 26.33
C THR F 49 24.51 -4.47 26.18
N LEU F 50 23.40 -5.08 25.73
CA LEU F 50 22.10 -4.42 25.63
C LEU F 50 21.13 -5.08 26.60
N PRO F 51 20.58 -4.32 27.57
CA PRO F 51 19.52 -4.88 28.42
C PRO F 51 18.25 -5.28 27.66
N PRO F 52 17.34 -6.05 28.29
CA PRO F 52 16.13 -6.50 27.58
C PRO F 52 15.25 -5.35 27.08
N GLY F 53 14.76 -5.47 25.85
CA GLY F 53 13.82 -4.49 25.27
C GLY F 53 14.38 -3.11 24.97
N THR F 54 15.70 -3.04 24.78
CA THR F 54 16.40 -1.77 24.48
C THR F 54 17.01 -1.82 23.08
N GLY F 55 17.41 -0.66 22.58
CA GLY F 55 18.02 -0.54 21.25
C GLY F 55 19.11 0.51 21.16
N ARG F 56 20.03 0.32 20.22
CA ARG F 56 21.13 1.27 19.97
C ARG F 56 21.39 1.44 18.48
N ARG F 57 21.55 2.70 18.05
CA ARG F 57 22.05 3.03 16.72
C ARG F 57 23.57 2.91 16.75
N ILE F 58 24.12 2.04 15.90
CA ILE F 58 25.57 1.78 15.85
C ILE F 58 26.14 1.87 14.43
N HIS F 59 27.45 2.14 14.35
CA HIS F 59 28.18 2.30 13.09
C HIS F 59 29.03 1.06 12.78
N SER F 60 28.77 0.46 11.62
CA SER F 60 29.52 -0.70 11.11
C SER F 60 29.65 -0.56 9.58
N TYR F 61 30.12 -1.62 8.93
CA TYR F 61 30.41 -1.60 7.48
C TYR F 61 29.80 -2.80 6.76
N ARG F 62 29.64 -2.71 5.44
CA ARG F 62 29.10 -3.81 4.63
C ARG F 62 30.05 -5.00 4.55
N GLY F 63 29.48 -6.20 4.57
CA GLY F 63 30.26 -7.44 4.60
C GLY F 63 30.85 -7.84 5.95
N HIS F 64 30.54 -7.09 7.00
CA HIS F 64 31.00 -7.40 8.36
C HIS F 64 30.04 -8.39 9.02
N LEU F 65 30.58 -9.47 9.57
CA LEU F 65 29.78 -10.53 10.20
C LEU F 65 29.52 -10.23 11.69
N TRP F 66 28.27 -10.38 12.10
CA TRP F 66 27.87 -10.22 13.51
C TRP F 66 27.06 -11.43 13.96
N LEU F 67 27.17 -11.76 15.25
CA LEU F 67 26.22 -12.67 15.90
C LEU F 67 25.97 -12.25 17.35
N PHE F 68 24.90 -12.78 17.95
CA PHE F 68 24.38 -12.27 19.22
C PHE F 68 24.07 -13.43 20.18
N ARG F 69 24.47 -13.29 21.45
CA ARG F 69 24.30 -14.32 22.49
C ARG F 69 23.73 -13.74 23.78
N ASP F 70 23.29 -14.63 24.67
CA ASP F 70 23.01 -14.27 26.07
C ASP F 70 24.33 -13.94 26.75
N ALA F 71 24.44 -12.74 27.31
CA ALA F 71 25.68 -12.26 27.94
C ALA F 71 26.13 -13.05 29.18
N GLY F 72 25.19 -13.67 29.88
CA GLY F 72 25.50 -14.46 31.08
C GLY F 72 25.81 -15.91 30.83
N THR F 73 25.11 -16.53 29.88
CA THR F 73 25.20 -17.97 29.60
C THR F 73 25.76 -18.36 28.23
N HIS F 74 25.80 -17.42 27.28
CA HIS F 74 26.20 -17.67 25.87
C HIS F 74 25.25 -18.55 25.06
N ASP F 75 23.99 -18.66 25.49
CA ASP F 75 22.93 -19.29 24.68
C ASP F 75 22.80 -18.57 23.34
N GLY F 76 22.37 -19.30 22.31
CA GLY F 76 22.29 -18.76 20.96
C GLY F 76 21.01 -17.96 20.77
N LEU F 77 21.15 -16.76 20.19
CA LEU F 77 20.01 -15.92 19.81
C LEU F 77 19.97 -15.76 18.28
N LEU F 78 18.78 -15.54 17.72
CA LEU F 78 18.66 -15.22 16.29
C LEU F 78 18.69 -13.72 16.04
N VAL F 79 19.05 -13.33 14.82
CA VAL F 79 19.00 -11.95 14.35
C VAL F 79 18.37 -11.98 12.96
N ASN F 80 17.21 -11.34 12.81
CA ASN F 80 16.40 -11.40 11.59
C ASN F 80 16.21 -12.84 11.09
N GLN F 81 15.71 -13.68 11.99
CA GLN F 81 15.33 -15.07 11.70
C GLN F 81 16.50 -16.05 11.45
N THR F 82 17.74 -15.64 11.74
CA THR F 82 18.92 -16.47 11.43
C THR F 82 20.12 -16.20 12.36
N GLU F 83 21.18 -16.99 12.20
CA GLU F 83 22.34 -16.93 13.11
C GLU F 83 23.33 -15.77 12.87
N LEU F 84 23.54 -15.40 11.61
CA LEU F 84 24.52 -14.37 11.25
C LEU F 84 23.87 -13.14 10.64
N PHE F 85 24.43 -11.97 10.92
CA PHE F 85 23.95 -10.70 10.40
C PHE F 85 25.07 -10.01 9.64
N VAL F 86 24.74 -9.54 8.43
CA VAL F 86 25.66 -8.79 7.58
C VAL F 86 24.96 -7.50 7.14
N PRO F 87 25.47 -6.32 7.57
CA PRO F 87 24.84 -5.06 7.16
C PRO F 87 24.74 -4.90 5.64
N SER F 88 23.57 -4.48 5.17
CA SER F 88 23.28 -4.33 3.75
C SER F 88 23.25 -2.84 3.38
N LEU F 89 22.84 -2.55 2.14
CA LEU F 89 22.69 -1.19 1.62
C LEU F 89 21.60 -0.39 2.35
N ASN F 90 21.95 0.82 2.82
CA ASN F 90 20.98 1.79 3.35
C ASN F 90 20.27 2.52 2.22
N VAL F 91 18.97 2.31 2.09
CA VAL F 91 18.17 2.96 1.05
C VAL F 91 17.73 4.34 1.58
N ASP F 92 18.13 5.40 0.88
CA ASP F 92 17.85 6.80 1.29
C ASP F 92 18.35 7.16 2.70
N GLY F 93 19.50 6.59 3.08
CA GLY F 93 20.07 6.78 4.40
C GLY F 93 19.22 6.31 5.58
N GLN F 94 18.39 5.29 5.35
CA GLN F 94 17.58 4.67 6.42
C GLN F 94 18.40 3.54 7.03
N PRO F 95 18.45 3.47 8.38
CA PRO F 95 19.29 2.45 9.00
C PRO F 95 18.73 1.03 8.82
N ILE F 96 19.61 0.04 8.80
CA ILE F 96 19.22 -1.36 8.71
C ILE F 96 18.78 -1.81 10.10
N PHE F 97 17.72 -2.62 10.15
CA PHE F 97 17.19 -3.09 11.43
C PHE F 97 17.66 -4.52 11.68
N ALA F 98 18.35 -4.72 12.82
CA ALA F 98 18.77 -6.04 13.28
C ALA F 98 17.93 -6.49 14.50
N ASN F 99 16.87 -7.25 14.24
CA ASN F 99 15.95 -7.72 15.28
C ASN F 99 16.45 -8.98 15.98
N ILE F 100 16.90 -8.80 17.22
CA ILE F 100 17.43 -9.88 18.04
C ILE F 100 16.27 -10.50 18.82
N THR F 101 16.05 -11.80 18.64
CA THR F 101 14.99 -12.53 19.34
C THR F 101 15.49 -13.86 19.88
N LEU F 102 14.67 -14.50 20.70
CA LEU F 102 14.90 -15.88 21.12
C LEU F 102 14.58 -16.77 19.94
N PRO F 103 15.32 -17.89 19.81
CA PRO F 103 14.84 -18.95 18.93
C PRO F 103 13.77 -19.77 19.64
N VAL F 104 13.14 -20.69 18.91
CA VAL F 104 12.39 -21.77 19.54
C VAL F 104 13.41 -22.86 19.90
N TYR F 105 13.95 -22.80 21.12
CA TYR F 105 14.87 -23.84 21.61
C TYR F 105 14.17 -25.18 21.65
N THR F 106 14.93 -26.26 21.58
CA THR F 106 14.39 -27.60 21.82
C THR F 106 14.03 -27.66 23.31
N LEU F 107 13.05 -28.50 23.63
CA LEU F 107 12.63 -28.70 25.01
C LEU F 107 13.81 -29.16 25.85
N LYS F 108 14.55 -30.14 25.34
CA LYS F 108 15.78 -30.62 25.98
C LYS F 108 16.73 -29.47 26.31
N GLU F 109 17.05 -28.65 25.30
CA GLU F 109 18.01 -27.56 25.49
C GLU F 109 17.47 -26.50 26.45
N ARG F 110 16.18 -26.20 26.38
CA ARG F 110 15.54 -25.31 27.35
C ARG F 110 15.62 -25.88 28.78
N CYS F 111 15.40 -27.20 28.94
CA CYS F 111 15.57 -27.84 30.24
C CYS F 111 17.02 -27.76 30.76
N LEU F 112 18.00 -27.87 29.86
CA LEU F 112 19.40 -27.73 30.24
C LEU F 112 19.73 -26.31 30.71
N GLN F 113 19.19 -25.30 30.02
CA GLN F 113 19.36 -23.88 30.44
C GLN F 113 18.93 -23.62 31.88
N VAL F 114 17.77 -24.15 32.25
CA VAL F 114 17.16 -23.95 33.57
C VAL F 114 17.94 -24.68 34.67
N VAL F 115 18.30 -25.94 34.41
CA VAL F 115 19.11 -26.74 35.34
C VAL F 115 20.51 -26.12 35.55
N ARG F 116 21.10 -25.59 34.48
CA ARG F 116 22.37 -24.85 34.59
C ARG F 116 22.25 -23.60 35.48
N SER F 117 21.13 -22.89 35.36
CA SER F 117 20.90 -21.68 36.16
C SER F 117 20.62 -21.94 37.64
N LEU F 118 20.25 -23.18 37.98
CA LEU F 118 19.98 -23.58 39.38
C LEU F 118 21.17 -24.28 40.04
N VAL F 119 21.74 -25.28 39.37
CA VAL F 119 22.85 -26.09 39.93
C VAL F 119 24.21 -25.54 39.47
N LYS F 120 25.14 -25.43 40.42
CA LYS F 120 26.51 -25.01 40.11
C LYS F 120 27.26 -26.15 39.41
N PRO F 121 28.23 -25.85 38.52
CA PRO F 121 28.96 -26.91 37.78
C PRO F 121 29.64 -28.00 38.63
N GLU F 122 29.99 -27.67 39.86
CA GLU F 122 30.57 -28.64 40.81
C GLU F 122 29.59 -29.75 41.15
N ASN F 123 28.30 -29.41 41.26
CA ASN F 123 27.25 -30.34 41.71
C ASN F 123 26.47 -31.08 40.60
N TYR F 124 26.86 -30.91 39.33
CA TYR F 124 26.21 -31.65 38.22
C TYR F 124 26.24 -33.16 38.47
N ARG F 125 27.39 -33.65 38.93
CA ARG F 125 27.62 -35.08 39.14
C ARG F 125 26.81 -35.71 40.29
N ARG F 126 26.26 -34.89 41.19
CA ARG F 126 25.37 -35.36 42.26
C ARG F 126 23.90 -35.56 41.84
N LEU F 127 23.51 -35.02 40.69
CA LEU F 127 22.13 -35.17 40.18
C LEU F 127 21.86 -36.60 39.72
N ASP F 128 20.68 -37.12 40.07
CA ASP F 128 20.33 -38.53 39.81
C ASP F 128 19.77 -38.69 38.38
N ILE F 129 20.67 -38.68 37.40
CA ILE F 129 20.32 -38.80 35.98
C ILE F 129 21.40 -39.59 35.22
N VAL F 130 21.09 -40.02 34.01
CA VAL F 130 22.04 -40.82 33.19
C VAL F 130 23.31 -40.04 32.82
N ARG F 131 24.38 -40.77 32.52
CA ARG F 131 25.71 -40.17 32.27
C ARG F 131 25.75 -39.23 31.06
N SER F 132 24.96 -39.51 30.02
CA SER F 132 24.93 -38.64 28.83
C SER F 132 24.36 -37.25 29.11
N LEU F 133 23.52 -37.13 30.16
CA LEU F 133 23.02 -35.81 30.59
C LEU F 133 24.04 -34.99 31.37
N TYR F 134 25.00 -35.63 32.04
CA TYR F 134 26.15 -34.89 32.63
C TYR F 134 26.96 -34.24 31.52
N GLU F 135 27.28 -35.02 30.49
CA GLU F 135 28.06 -34.52 29.34
C GLU F 135 27.32 -33.44 28.54
N ASP F 136 25.98 -33.51 28.51
CA ASP F 136 25.17 -32.46 27.87
C ASP F 136 25.10 -31.18 28.72
N LEU F 137 25.00 -31.32 30.04
CA LEU F 137 25.04 -30.18 30.97
C LEU F 137 26.41 -29.50 30.99
N GLU F 138 27.48 -30.30 31.00
CA GLU F 138 28.85 -29.78 31.00
C GLU F 138 29.26 -29.13 29.68
N ASP F 139 28.69 -29.58 28.57
CA ASP F 139 28.98 -29.01 27.24
C ASP F 139 28.12 -27.76 26.99
N HIS F 140 28.30 -26.75 27.82
CA HIS F 140 27.45 -25.55 27.77
C HIS F 140 27.81 -24.72 26.54
N PRO F 141 26.85 -23.92 26.02
CA PRO F 141 27.07 -23.35 24.69
C PRO F 141 28.22 -22.35 24.64
N ASN F 142 28.84 -22.27 23.47
CA ASN F 142 30.11 -21.58 23.28
C ASN F 142 30.19 -20.97 21.88
N VAL F 143 30.81 -19.79 21.78
CA VAL F 143 30.90 -19.06 20.51
C VAL F 143 31.86 -19.78 19.56
N GLN F 144 33.03 -20.19 20.07
CA GLN F 144 34.05 -20.91 19.28
C GLN F 144 33.51 -22.22 18.68
N LYS F 145 32.72 -22.97 19.46
CA LYS F 145 32.14 -24.25 19.01
C LYS F 145 31.18 -24.09 17.84
N ASP F 146 30.33 -23.07 17.89
CA ASP F 146 29.38 -22.81 16.82
C ASP F 146 30.00 -22.24 15.53
N LEU F 147 31.14 -21.54 15.65
CA LEU F 147 31.89 -21.09 14.48
C LEU F 147 32.51 -22.25 13.71
N GLU F 148 33.04 -23.23 14.44
CA GLU F 148 33.57 -24.46 13.84
C GLU F 148 32.46 -25.29 13.18
N ARG F 149 31.27 -25.26 13.79
CA ARG F 149 30.09 -25.91 13.23
C ARG F 149 29.61 -25.22 11.96
N LEU F 150 29.42 -23.89 12.04
CA LEU F 150 28.94 -23.08 10.90
C LEU F 150 29.80 -23.16 9.63
N THR F 151 31.12 -23.35 9.80
CA THR F 151 32.04 -23.47 8.66
C THR F 151 31.82 -24.78 7.88
N GLN F 152 31.66 -25.89 8.60
CA GLN F 152 31.39 -27.20 8.00
C GLN F 152 29.96 -27.38 7.47
N GLU F 153 29.05 -26.48 7.82
CA GLU F 153 27.66 -26.49 7.31
C GLU F 153 27.61 -26.07 5.84
N MET G 1 -3.36 33.31 12.74
CA MET G 1 -2.06 32.72 13.17
C MET G 1 -2.23 31.31 13.71
N ASP G 2 -1.13 30.53 13.73
CA ASP G 2 -1.13 29.16 14.25
C ASP G 2 -0.92 29.14 15.76
N VAL G 3 -1.38 28.06 16.40
CA VAL G 3 -1.08 27.78 17.82
C VAL G 3 -0.79 26.29 17.99
N PHE G 4 0.01 25.94 19.00
CA PHE G 4 0.52 24.58 19.19
C PHE G 4 0.19 24.05 20.59
N LEU G 5 -0.38 22.84 20.65
CA LEU G 5 -1.09 22.37 21.86
C LEU G 5 -0.69 20.96 22.35
N MET G 6 -0.83 20.76 23.67
CA MET G 6 -0.81 19.43 24.30
C MET G 6 -2.17 19.16 24.93
N ILE G 7 -2.89 18.15 24.44
CA ILE G 7 -4.16 17.73 25.03
C ILE G 7 -3.84 16.59 25.99
N ARG G 8 -3.88 16.88 27.30
CA ARG G 8 -3.42 15.93 28.33
C ARG G 8 -4.55 15.29 29.17
N ARG G 9 -4.46 13.96 29.36
CA ARG G 9 -5.45 13.16 30.09
C ARG G 9 -4.80 11.92 30.69
N HIS G 10 -4.75 11.83 32.02
CA HIS G 10 -4.04 10.76 32.76
C HIS G 10 -2.56 10.68 32.29
N LYS G 11 -2.19 9.67 31.49
CA LYS G 11 -0.83 9.51 30.94
C LYS G 11 -0.85 9.55 29.39
N THR G 12 -1.74 10.39 28.86
CA THR G 12 -1.99 10.52 27.42
C THR G 12 -1.80 11.99 27.07
N THR G 13 -0.81 12.29 26.23
CA THR G 13 -0.49 13.66 25.81
C THR G 13 -0.50 13.71 24.28
N ILE G 14 -1.49 14.40 23.69
CA ILE G 14 -1.56 14.57 22.23
C ILE G 14 -0.92 15.88 21.78
N PHE G 15 0.04 15.79 20.85
CA PHE G 15 0.68 16.97 20.20
C PHE G 15 0.00 17.28 18.87
N THR G 16 -0.62 18.44 18.77
CA THR G 16 -1.25 18.91 17.52
C THR G 16 -1.39 20.45 17.52
N ASP G 17 -1.93 20.99 16.43
CA ASP G 17 -2.01 22.44 16.22
C ASP G 17 -3.31 22.86 15.53
N ALA G 18 -3.55 24.18 15.55
CA ALA G 18 -4.77 24.76 14.97
C ALA G 18 -4.61 26.29 14.78
N LYS G 19 -5.60 26.91 14.15
CA LYS G 19 -5.62 28.36 13.93
C LYS G 19 -6.22 29.06 15.17
N GLU G 20 -5.85 30.34 15.36
CA GLU G 20 -6.41 31.14 16.46
C GLU G 20 -7.92 31.31 16.34
N SER G 21 -8.40 31.49 15.11
CA SER G 21 -9.84 31.70 14.85
C SER G 21 -10.73 30.46 15.02
N SER G 22 -10.13 29.26 14.96
CA SER G 22 -10.89 28.00 15.08
C SER G 22 -11.52 27.79 16.47
N THR G 23 -12.63 27.04 16.50
CA THR G 23 -13.45 26.87 17.72
C THR G 23 -13.06 25.63 18.55
N VAL G 24 -13.64 25.54 19.74
CA VAL G 24 -13.39 24.42 20.67
C VAL G 24 -14.02 23.10 20.17
N PHE G 25 -15.17 23.18 19.49
CA PHE G 25 -15.84 22.00 18.93
C PHE G 25 -15.02 21.38 17.78
N GLU G 26 -14.42 22.24 16.95
CA GLU G 26 -13.54 21.81 15.86
C GLU G 26 -12.27 21.11 16.37
N LEU G 27 -11.82 21.48 17.56
CA LEU G 27 -10.71 20.81 18.25
C LEU G 27 -11.12 19.45 18.84
N LYS G 28 -12.35 19.33 19.33
CA LYS G 28 -12.90 18.04 19.80
C LYS G 28 -13.05 17.00 18.68
N ARG G 29 -13.25 17.45 17.43
CA ARG G 29 -13.28 16.57 16.26
C ARG G 29 -11.91 15.95 15.97
N ILE G 30 -10.85 16.68 16.27
CA ILE G 30 -9.48 16.19 16.10
C ILE G 30 -9.11 15.12 17.17
N VAL G 31 -9.72 15.24 18.36
CA VAL G 31 -9.55 14.24 19.44
C VAL G 31 -10.31 12.92 19.10
N GLU G 32 -11.46 13.06 18.44
CA GLU G 32 -12.28 11.91 18.03
C GLU G 32 -11.60 11.02 16.99
N GLY G 33 -10.80 11.62 16.11
CA GLY G 33 -10.00 10.87 15.15
C GLY G 33 -8.93 10.00 15.81
N ILE G 34 -8.39 10.47 16.94
CA ILE G 34 -7.28 9.82 17.64
C ILE G 34 -7.77 8.81 18.70
N LEU G 35 -8.47 9.28 19.73
CA LEU G 35 -8.89 8.43 20.86
C LEU G 35 -10.30 7.81 20.74
N LYS G 36 -10.96 8.01 19.59
CA LYS G 36 -12.23 7.32 19.25
C LYS G 36 -13.40 7.64 20.21
N ARG G 37 -13.56 8.92 20.57
CA ARG G 37 -14.65 9.37 21.43
C ARG G 37 -15.34 10.61 20.87
N PRO G 38 -16.70 10.65 20.87
CA PRO G 38 -17.42 11.81 20.31
C PRO G 38 -17.35 13.07 21.19
N PRO G 39 -17.55 14.28 20.58
CA PRO G 39 -17.39 15.56 21.29
C PRO G 39 -18.29 15.78 22.51
N ASP G 40 -19.49 15.17 22.54
CA ASP G 40 -20.37 15.26 23.72
C ASP G 40 -19.89 14.43 24.94
N GLU G 41 -18.95 13.50 24.71
CA GLU G 41 -18.28 12.76 25.79
C GLU G 41 -16.91 13.36 26.20
N GLN G 42 -16.61 14.58 25.73
CA GLN G 42 -15.34 15.24 26.05
C GLN G 42 -15.57 16.57 26.78
N ARG G 43 -14.79 16.77 27.84
CA ARG G 43 -14.69 18.07 28.52
C ARG G 43 -13.26 18.57 28.37
N LEU G 44 -13.11 19.79 27.86
CA LEU G 44 -11.80 20.42 27.70
C LEU G 44 -11.64 21.61 28.64
N TYR G 45 -10.42 21.78 29.14
CA TYR G 45 -10.11 22.72 30.24
C TYR G 45 -8.91 23.61 29.92
N LYS G 46 -9.04 24.92 30.17
CA LYS G 46 -7.88 25.80 30.31
C LYS G 46 -7.61 25.93 31.81
N ASP G 47 -6.67 25.12 32.30
CA ASP G 47 -6.42 24.91 33.75
C ASP G 47 -7.67 24.27 34.42
N ASP G 48 -8.48 25.05 35.14
CA ASP G 48 -9.73 24.56 35.76
C ASP G 48 -11.01 25.00 35.04
N GLN G 49 -10.89 25.92 34.07
CA GLN G 49 -12.06 26.51 33.40
C GLN G 49 -12.58 25.62 32.27
N LEU G 50 -13.86 25.27 32.32
CA LEU G 50 -14.53 24.50 31.27
C LEU G 50 -14.70 25.37 30.02
N LEU G 51 -14.22 24.88 28.87
CA LEU G 51 -14.22 25.64 27.63
C LEU G 51 -15.52 25.47 26.85
N ASP G 52 -16.24 26.56 26.61
CA ASP G 52 -17.45 26.56 25.79
C ASP G 52 -17.11 26.22 24.32
N ASP G 53 -18.06 25.56 23.63
CA ASP G 53 -17.85 25.05 22.27
C ASP G 53 -17.83 26.11 21.16
N GLY G 54 -18.65 27.17 21.29
CA GLY G 54 -18.72 28.24 20.30
C GLY G 54 -17.63 29.31 20.34
N LYS G 55 -16.73 29.21 21.32
CA LYS G 55 -15.64 30.18 21.51
C LYS G 55 -14.39 29.85 20.69
N THR G 56 -13.68 30.89 20.27
CA THR G 56 -12.41 30.72 19.53
C THR G 56 -11.29 30.44 20.52
N LEU G 57 -10.19 29.89 20.01
CA LEU G 57 -9.00 29.64 20.84
C LEU G 57 -8.32 30.95 21.23
N GLY G 58 -8.35 31.94 20.32
CA GLY G 58 -7.82 33.27 20.59
C GLY G 58 -8.54 34.02 21.69
N GLU G 59 -9.87 33.88 21.74
CA GLU G 59 -10.71 34.43 22.81
C GLU G 59 -10.39 33.82 24.17
N CAS G 60 -10.21 32.50 24.20
CA CAS G 60 -9.84 31.78 25.43
CB CAS G 60 -10.12 30.28 25.29
C CAS G 60 -8.39 31.97 25.83
O CAS G 60 -7.96 31.40 26.83
SG CAS G 60 -11.85 29.95 25.14
AS CAS G 60 -12.74 30.65 27.08
CE1 CAS G 60 -13.15 32.58 26.96
CE2 CAS G 60 -14.47 29.73 27.47
N GLY G 61 -7.62 32.73 25.05
CA GLY G 61 -6.29 33.17 25.46
C GLY G 61 -5.17 32.25 25.03
N PHE G 62 -5.40 31.42 24.01
CA PHE G 62 -4.35 30.67 23.35
C PHE G 62 -3.87 31.52 22.18
N THR G 63 -2.70 32.15 22.33
CA THR G 63 -2.12 32.98 21.27
C THR G 63 -0.83 32.38 20.73
N SER G 64 -0.49 32.79 19.51
CA SER G 64 0.70 32.30 18.81
C SER G 64 2.01 32.47 19.61
N GLN G 65 2.07 33.48 20.47
CA GLN G 65 3.26 33.75 21.27
C GLN G 65 3.31 33.05 22.63
N THR G 66 2.20 32.45 23.07
CA THR G 66 2.21 31.57 24.26
C THR G 66 2.24 30.12 23.84
N ALA G 67 1.27 29.72 23.01
CA ALA G 67 1.20 28.37 22.48
C ALA G 67 2.16 28.16 21.29
N ARG G 68 3.45 27.99 21.58
CA ARG G 68 4.52 27.90 20.56
C ARG G 68 4.89 26.44 20.24
N PRO G 69 5.55 26.19 19.08
CA PRO G 69 6.01 24.82 18.76
C PRO G 69 6.93 24.18 19.82
N GLN G 70 7.97 24.91 20.21
CA GLN G 70 8.96 24.44 21.21
C GLN G 70 8.49 24.46 22.68
N ALA G 71 7.32 25.06 22.94
CA ALA G 71 6.72 25.08 24.27
C ALA G 71 5.20 25.25 24.14
N PRO G 72 4.49 24.16 23.77
CA PRO G 72 3.03 24.23 23.57
C PRO G 72 2.26 24.41 24.87
N ALA G 73 1.06 24.98 24.77
CA ALA G 73 0.17 25.20 25.91
C ALA G 73 -0.66 23.95 26.17
N THR G 74 -0.95 23.68 27.44
CA THR G 74 -1.69 22.48 27.83
C THR G 74 -3.20 22.74 27.83
N VAL G 75 -3.96 21.80 27.27
CA VAL G 75 -5.42 21.77 27.39
C VAL G 75 -5.80 20.46 28.09
N GLY G 76 -6.60 20.56 29.16
CA GLY G 76 -7.07 19.38 29.91
C GLY G 76 -8.13 18.61 29.13
N LEU G 77 -8.17 17.29 29.33
CA LEU G 77 -9.19 16.41 28.74
C LEU G 77 -9.76 15.46 29.80
N ALA G 78 -11.09 15.31 29.81
CA ALA G 78 -11.79 14.35 30.68
C ALA G 78 -12.91 13.66 29.90
N PHE G 79 -13.06 12.35 30.11
CA PHE G 79 -14.08 11.55 29.40
C PHE G 79 -15.34 11.28 30.23
N ARG G 80 -16.46 11.07 29.55
CA ARG G 80 -17.67 10.56 30.17
C ARG G 80 -17.70 9.04 30.01
N ALA G 81 -18.06 8.34 31.10
CA ALA G 81 -18.23 6.90 31.10
C ALA G 81 -19.56 6.55 31.76
N ASP G 82 -20.46 5.93 31.01
CA ASP G 82 -21.83 5.62 31.44
C ASP G 82 -22.64 6.88 31.79
N ASP G 83 -23.03 7.08 33.05
CA ASP G 83 -23.95 8.16 33.45
C ASP G 83 -23.29 9.55 33.43
N THR G 84 -22.32 9.77 34.31
CA THR G 84 -21.70 11.10 34.54
C THR G 84 -20.22 11.17 34.10
N PHE G 85 -19.69 12.39 34.09
CA PHE G 85 -18.28 12.66 33.71
C PHE G 85 -17.29 12.32 34.83
N GLU G 86 -16.03 12.12 34.45
CA GLU G 86 -14.93 11.98 35.42
C GLU G 86 -14.37 13.36 35.76
N ALA G 87 -13.56 13.42 36.82
CA ALA G 87 -12.82 14.62 37.19
C ALA G 87 -11.51 14.69 36.41
N LEU G 88 -10.99 15.92 36.23
CA LEU G 88 -9.76 16.15 35.46
C LEU G 88 -8.52 15.60 36.18
N CAS G 89 -7.83 14.66 35.53
CA CAS G 89 -6.59 14.06 36.05
CB CAS G 89 -6.87 12.62 36.49
C CAS G 89 -5.49 14.12 35.00
O CAS G 89 -5.70 13.73 33.85
SG CAS G 89 -5.40 11.73 36.91
AS CAS G 89 -4.78 12.68 38.83
CE1 CAS G 89 -6.05 12.17 40.29
CE2 CAS G 89 -2.93 12.08 39.29
N ILE G 90 -4.32 14.63 35.41
CA ILE G 90 -3.13 14.67 34.55
C ILE G 90 -1.92 14.19 35.37
N GLU G 91 -1.50 12.94 35.16
CA GLU G 91 -0.27 12.43 35.77
C GLU G 91 0.92 13.27 35.30
N PRO G 92 1.71 13.82 36.24
CA PRO G 92 2.89 14.60 35.81
C PRO G 92 3.99 13.70 35.28
N PHE G 93 4.89 14.28 34.48
CA PHE G 93 6.06 13.57 33.97
C PHE G 93 7.01 13.28 35.13
N SER G 94 7.94 12.36 34.95
CA SER G 94 8.85 11.96 36.01
C SER G 94 9.81 13.10 36.42
N SER G 95 10.36 12.97 37.62
CA SER G 95 11.29 13.97 38.16
C SER G 95 12.69 13.67 37.66
N PRO G 96 13.43 14.71 37.23
CA PRO G 96 14.85 14.52 36.94
C PRO G 96 15.66 14.26 38.22
N PRO G 97 16.88 13.68 38.08
CA PRO G 97 17.77 13.59 39.23
C PRO G 97 18.41 14.94 39.50
N GLU G 98 19.19 15.03 40.58
CA GLU G 98 19.98 16.23 40.85
C GLU G 98 21.11 16.32 39.84
N LEU G 99 21.57 17.54 39.58
CA LEU G 99 22.79 17.76 38.82
C LEU G 99 23.94 17.14 39.61
N PRO G 100 24.75 16.27 38.96
CA PRO G 100 25.98 15.85 39.63
C PRO G 100 26.90 17.02 39.98
N ASP G 101 27.86 16.77 40.86
CA ASP G 101 28.83 17.80 41.29
C ASP G 101 29.69 18.35 40.13
N VAL G 102 29.81 17.57 39.06
CA VAL G 102 30.48 18.00 37.82
C VAL G 102 29.81 19.22 37.16
N MET G 103 28.47 19.26 37.15
CA MET G 103 27.73 20.27 36.42
C MET G 103 27.59 21.57 37.21
N MET H 1 -4.15 13.17 8.09
CA MET H 1 -2.94 13.08 8.95
C MET H 1 -3.04 11.89 9.92
N MET H 2 -2.24 10.85 9.67
CA MET H 2 -2.16 9.70 10.56
C MET H 2 -1.32 10.03 11.78
N TYR H 3 -1.35 9.13 12.78
CA TYR H 3 -0.65 9.33 14.05
C TYR H 3 0.15 8.09 14.48
N VAL H 4 0.99 8.28 15.49
CA VAL H 4 1.81 7.21 16.09
C VAL H 4 1.79 7.34 17.61
N LYS H 5 2.26 6.32 18.30
CA LYS H 5 2.27 6.29 19.77
C LYS H 5 3.68 5.99 20.29
N LEU H 6 4.24 6.96 21.02
CA LEU H 6 5.52 6.79 21.71
C LEU H 6 5.24 6.56 23.19
N ILE H 7 5.85 5.53 23.77
CA ILE H 7 5.65 5.18 25.19
C ILE H 7 6.98 5.23 25.93
N SER H 8 7.08 6.06 26.97
CA SER H 8 8.31 6.21 27.76
C SER H 8 8.47 5.03 28.75
N SER H 9 9.59 5.04 29.49
CA SER H 9 9.93 3.97 30.45
C SER H 9 9.00 3.93 31.67
N ASP H 10 8.57 5.10 32.12
CA ASP H 10 7.60 5.24 33.21
C ASP H 10 6.12 5.18 32.77
N GLY H 11 5.88 4.81 31.50
CA GLY H 11 4.54 4.45 31.00
C GLY H 11 3.75 5.52 30.27
N HIS H 12 4.27 6.75 30.20
CA HIS H 12 3.58 7.86 29.53
C HIS H 12 3.45 7.63 28.03
N GLU H 13 2.27 7.95 27.49
CA GLU H 13 1.92 7.67 26.10
C GLU H 13 1.73 8.98 25.32
N PHE H 14 2.75 9.36 24.55
CA PHE H 14 2.73 10.58 23.73
C PHE H 14 2.30 10.24 22.31
N ILE H 15 1.34 11.00 21.78
CA ILE H 15 0.81 10.79 20.43
C ILE H 15 1.14 12.01 19.58
N VAL H 16 1.82 11.79 18.46
CA VAL H 16 2.27 12.84 17.53
C VAL H 16 1.86 12.49 16.10
N LYS H 17 1.93 13.46 15.19
CA LYS H 17 1.63 13.22 13.77
C LYS H 17 2.70 12.34 13.11
N ARG H 18 2.31 11.62 12.04
CA ARG H 18 3.20 10.69 11.34
C ARG H 18 4.36 11.43 10.66
N GLU H 19 4.01 12.43 9.86
CA GLU H 19 4.99 13.27 9.15
C GLU H 19 6.05 13.85 10.09
N HIS H 20 5.60 14.37 11.23
CA HIS H 20 6.48 14.93 12.26
C HIS H 20 7.42 13.89 12.88
N ALA H 21 6.91 12.68 13.08
CA ALA H 21 7.70 11.57 13.62
C ALA H 21 8.76 11.05 12.64
N LEU H 22 8.51 11.17 11.34
CA LEU H 22 9.48 10.74 10.31
C LEU H 22 10.73 11.62 10.20
N THR H 23 10.77 12.72 10.95
CA THR H 23 12.01 13.45 11.26
C THR H 23 13.12 12.49 11.69
N SER H 24 12.79 11.60 12.64
CA SER H 24 13.71 10.56 13.09
C SER H 24 13.83 9.46 12.05
N GLY H 25 15.07 9.13 11.67
CA GLY H 25 15.34 7.99 10.79
C GLY H 25 15.05 6.68 11.49
N THR H 26 15.47 6.58 12.76
CA THR H 26 15.21 5.42 13.61
C THR H 26 13.73 5.03 13.62
N ILE H 27 12.86 6.02 13.84
CA ILE H 27 11.41 5.79 13.91
C ILE H 27 10.82 5.39 12.55
N LYS H 28 11.30 5.99 11.45
CA LYS H 28 10.83 5.62 10.11
C LYS H 28 11.11 4.16 9.76
N ALA H 29 12.26 3.65 10.24
CA ALA H 29 12.60 2.23 10.08
C ALA H 29 11.67 1.31 10.88
N MET H 30 11.35 1.70 12.11
CA MET H 30 10.45 0.91 12.98
C MET H 30 9.05 0.69 12.41
N LEU H 31 8.54 1.67 11.66
CA LEU H 31 7.22 1.56 11.02
C LEU H 31 7.20 0.60 9.82
N SER H 32 8.37 0.29 9.25
CA SER H 32 8.52 -0.73 8.19
C SER H 32 9.36 -1.92 8.69
N GLY H 33 8.71 -2.82 9.42
CA GLY H 33 9.36 -4.02 9.93
C GLY H 33 10.31 -3.74 11.09
N THR H 42 1.46 -2.32 13.58
CA THR H 42 0.85 -1.24 14.36
C THR H 42 1.85 -0.10 14.61
N ASN H 43 1.35 0.99 15.20
CA ASN H 43 2.12 2.24 15.36
C ASN H 43 2.85 2.44 16.71
N GLU H 44 2.62 1.56 17.68
CA GLU H 44 3.19 1.72 19.03
C GLU H 44 4.69 1.45 19.07
N VAL H 45 5.42 2.19 19.91
CA VAL H 45 6.87 2.12 20.01
C VAL H 45 7.34 2.34 21.45
N ASN H 46 7.76 1.27 22.13
CA ASN H 46 8.23 1.36 23.53
C ASN H 46 9.65 1.92 23.62
N PHE H 47 9.95 2.61 24.71
CA PHE H 47 11.27 3.19 24.96
C PHE H 47 11.66 2.98 26.42
N ARG H 48 12.05 1.75 26.76
CA ARG H 48 12.42 1.36 28.13
C ARG H 48 13.57 2.18 28.77
N GLU H 49 14.43 2.79 27.97
CA GLU H 49 15.51 3.65 28.49
C GLU H 49 15.07 5.08 28.80
N ILE H 50 14.19 5.64 27.96
CA ILE H 50 13.87 7.08 27.97
C ILE H 50 12.62 7.37 28.81
N PRO H 51 12.76 8.17 29.91
CA PRO H 51 11.60 8.53 30.74
C PRO H 51 10.77 9.70 30.17
N SER H 52 9.65 10.00 30.83
CA SER H 52 8.68 10.98 30.31
C SER H 52 9.22 12.41 30.22
N HIS H 53 10.05 12.80 31.17
CA HIS H 53 10.65 14.16 31.17
C HIS H 53 11.70 14.39 30.05
N VAL H 54 12.22 13.29 29.49
CA VAL H 54 13.06 13.34 28.28
C VAL H 54 12.18 13.21 27.03
N LEU H 55 11.26 12.24 27.03
CA LEU H 55 10.48 11.92 25.82
C LEU H 55 9.50 13.01 25.40
N SER H 56 9.01 13.80 26.36
CA SER H 56 8.11 14.92 26.06
C SER H 56 8.82 16.02 25.24
N LYS H 57 10.07 16.32 25.58
CA LYS H 57 10.86 17.32 24.85
C LYS H 57 11.26 16.85 23.45
N VAL H 58 11.44 15.55 23.26
CA VAL H 58 11.68 14.97 21.93
C VAL H 58 10.49 15.24 21.00
N CYS H 59 9.28 15.10 21.52
CA CYS H 59 8.06 15.37 20.75
C CYS H 59 7.94 16.85 20.38
N MET H 60 8.34 17.73 21.29
CA MET H 60 8.30 19.17 21.04
C MET H 60 9.25 19.55 19.91
N TYR H 61 10.44 18.94 19.91
CA TYR H 61 11.43 19.16 18.84
C TYR H 61 10.88 18.87 17.43
N PHE H 62 10.08 17.81 17.28
CA PHE H 62 9.48 17.50 15.99
C PHE H 62 8.60 18.64 15.49
N THR H 63 7.80 19.20 16.40
CA THR H 63 6.92 20.34 16.09
C THR H 63 7.77 21.53 15.65
N TYR H 64 8.82 21.79 16.42
CA TYR H 64 9.79 22.88 16.17
C TYR H 64 10.47 22.77 14.78
N LYS H 65 10.92 21.58 14.43
CA LYS H 65 11.66 21.37 13.17
C LYS H 65 10.82 21.55 11.91
N VAL H 66 9.61 20.99 11.89
CA VAL H 66 8.74 21.04 10.70
C VAL H 66 8.24 22.46 10.44
N ARG H 67 8.06 23.25 11.51
CA ARG H 67 7.64 24.64 11.38
C ARG H 67 8.76 25.49 10.79
N TYR H 68 9.95 25.40 11.38
CA TYR H 68 11.05 26.34 11.07
C TYR H 68 12.05 25.91 9.98
N THR H 69 12.05 24.62 9.59
CA THR H 69 12.91 24.14 8.50
C THR H 69 12.54 24.79 7.16
N ASN H 70 13.50 25.50 6.57
CA ASN H 70 13.28 26.32 5.36
C ASN H 70 12.17 27.34 5.57
N SER H 71 12.51 28.41 6.28
CA SER H 71 11.55 29.43 6.71
C SER H 71 12.23 30.81 6.73
N SER H 72 11.43 31.84 6.42
CA SER H 72 11.90 33.24 6.45
C SER H 72 11.79 33.84 7.85
N THR H 73 10.80 33.39 8.63
CA THR H 73 10.58 33.85 10.01
C THR H 73 11.81 33.67 10.90
N GLU H 74 12.05 34.63 11.80
CA GLU H 74 13.16 34.56 12.75
C GLU H 74 13.03 33.31 13.63
N ILE H 75 14.04 32.46 13.59
CA ILE H 75 14.03 31.20 14.33
C ILE H 75 14.38 31.47 15.80
N PRO H 76 13.52 31.05 16.74
CA PRO H 76 13.85 31.15 18.16
C PRO H 76 14.65 29.95 18.65
N GLU H 77 15.25 30.08 19.84
CA GLU H 77 16.05 29.00 20.43
C GLU H 77 15.15 27.85 20.90
N PHE H 78 15.62 26.62 20.73
CA PHE H 78 14.99 25.43 21.34
C PHE H 78 15.51 25.25 22.77
N PRO H 79 14.66 25.48 23.79
CA PRO H 79 15.13 25.48 25.17
C PRO H 79 15.31 24.06 25.73
N ILE H 80 16.28 23.90 26.62
CA ILE H 80 16.54 22.61 27.29
C ILE H 80 16.89 22.89 28.75
N ALA H 81 16.05 22.39 29.67
CA ALA H 81 16.27 22.55 31.11
C ALA H 81 17.50 21.75 31.55
N PRO H 82 18.46 22.38 32.27
CA PRO H 82 19.73 21.73 32.67
C PRO H 82 19.65 20.29 33.22
N GLU H 83 18.63 19.99 34.01
CA GLU H 83 18.51 18.67 34.66
C GLU H 83 18.17 17.53 33.70
N ILE H 84 17.56 17.85 32.56
CA ILE H 84 17.24 16.85 31.52
C ILE H 84 18.25 16.81 30.35
N ALA H 85 19.35 17.56 30.48
CA ALA H 85 20.33 17.69 29.40
C ALA H 85 21.13 16.41 29.15
N LEU H 86 21.66 15.83 30.23
CA LEU H 86 22.41 14.56 30.13
C LEU H 86 21.60 13.44 29.49
N GLU H 87 20.33 13.32 29.90
CA GLU H 87 19.45 12.24 29.44
C GLU H 87 18.89 12.45 28.03
N LEU H 88 18.60 13.69 27.66
CA LEU H 88 18.12 14.00 26.30
C LEU H 88 19.21 13.81 25.23
N LEU H 89 20.46 14.09 25.59
CA LEU H 89 21.63 13.83 24.72
C LEU H 89 21.74 12.35 24.33
N MET H 90 21.45 11.46 25.27
CA MET H 90 21.42 10.01 25.02
C MET H 90 20.25 9.62 24.12
N ALA H 91 19.08 10.21 24.36
CA ALA H 91 17.88 9.91 23.56
C ALA H 91 18.06 10.32 22.11
N ALA H 92 18.52 11.55 21.89
CA ALA H 92 18.74 12.09 20.55
C ALA H 92 19.77 11.31 19.73
N ASN H 93 20.78 10.76 20.41
CA ASN H 93 21.82 9.95 19.76
C ASN H 93 21.25 8.70 19.08
N PHE H 94 20.36 7.99 19.79
CA PHE H 94 19.80 6.73 19.30
C PHE H 94 18.52 6.90 18.47
N LEU H 95 18.07 8.13 18.26
CA LEU H 95 16.96 8.44 17.34
C LEU H 95 17.42 8.99 15.97
N ASP H 96 18.57 9.67 15.93
CA ASP H 96 19.10 10.33 14.72
C ASP H 96 18.22 11.50 14.29
N CYS H 97 18.08 12.46 15.21
CA CYS H 97 17.24 13.65 15.01
C CYS H 97 17.93 14.93 15.53
N VAL I 11 42.48 27.95 -0.83
CA VAL I 11 41.29 28.13 -1.73
C VAL I 11 40.34 29.19 -1.17
N LEU I 12 39.78 28.94 0.01
CA LEU I 12 38.85 29.87 0.65
C LEU I 12 39.59 31.09 1.23
N ARG I 13 39.70 32.13 0.42
CA ARG I 13 40.29 33.41 0.84
C ARG I 13 39.57 34.58 0.17
N SER I 14 39.86 35.80 0.62
CA SER I 14 39.24 37.00 0.08
C SER I 14 39.92 37.44 -1.21
N VAL I 15 39.13 38.03 -2.12
CA VAL I 15 39.63 38.57 -3.39
C VAL I 15 40.08 40.01 -3.13
N ASN I 16 41.34 40.32 -3.44
CA ASN I 16 41.87 41.69 -3.26
C ASN I 16 41.45 42.59 -4.43
N SER I 17 40.19 43.02 -4.39
CA SER I 17 39.54 43.72 -5.50
C SER I 17 39.67 45.24 -5.44
N ARG I 18 39.72 45.79 -4.23
CA ARG I 18 39.70 47.25 -4.02
C ARG I 18 38.41 47.92 -4.57
N GLU I 19 37.30 47.18 -4.52
CA GLU I 19 35.98 47.69 -4.93
C GLU I 19 35.14 47.78 -3.66
N PRO I 20 34.83 49.01 -3.18
CA PRO I 20 34.04 49.08 -1.95
C PRO I 20 32.64 48.48 -2.05
N SER I 21 32.14 47.97 -0.92
CA SER I 21 30.77 47.50 -0.80
C SER I 21 30.29 47.76 0.62
N GLN I 22 29.23 48.55 0.76
CA GLN I 22 28.64 48.82 2.06
C GLN I 22 27.61 47.73 2.40
N VAL I 23 27.62 47.30 3.66
CA VAL I 23 26.89 46.13 4.12
C VAL I 23 26.19 46.43 5.46
N ILE I 24 25.01 45.86 5.69
CA ILE I 24 24.37 45.87 7.01
C ILE I 24 24.48 44.48 7.64
N PHE I 25 25.16 44.39 8.78
CA PHE I 25 25.20 43.16 9.59
C PHE I 25 24.01 43.23 10.55
N CAS I 26 22.95 42.49 10.24
CA CAS I 26 21.69 42.50 11.00
CB CAS I 26 20.54 42.71 10.01
C CAS I 26 21.58 41.20 11.74
O CAS I 26 21.37 40.15 11.12
SG CAS I 26 18.94 42.62 10.77
AS CAS I 26 18.84 44.43 12.08
CE1 CAS I 26 17.74 44.00 13.67
CE2 CAS I 26 18.02 45.95 11.08
N ASN I 27 21.69 41.25 13.07
CA ASN I 27 21.65 40.06 13.93
C ASN I 27 20.22 39.72 14.36
N ARG I 28 19.59 38.80 13.63
CA ARG I 28 18.26 38.28 13.94
C ARG I 28 18.36 36.94 14.66
N SER I 29 19.06 36.92 15.79
CA SER I 29 19.25 35.69 16.56
C SER I 29 19.37 36.02 18.05
N PRO I 30 19.20 35.01 18.92
CA PRO I 30 19.33 35.28 20.35
C PRO I 30 20.78 35.22 20.87
N ARG I 31 21.75 34.90 20.00
CA ARG I 31 23.16 34.82 20.39
C ARG I 31 23.87 36.15 20.22
N VAL I 32 24.99 36.31 20.93
CA VAL I 32 25.94 37.40 20.70
C VAL I 32 26.80 36.96 19.52
N VAL I 33 26.74 37.68 18.40
CA VAL I 33 27.41 37.24 17.15
C VAL I 33 28.85 37.75 17.01
N LEU I 34 29.74 36.86 16.57
CA LEU I 34 31.13 37.20 16.21
C LEU I 34 31.28 37.13 14.67
N PRO I 35 31.41 38.29 13.99
CA PRO I 35 31.74 38.26 12.56
C PRO I 35 33.21 37.92 12.32
N VAL I 36 33.48 37.08 11.32
CA VAL I 36 34.82 36.58 11.02
C VAL I 36 35.14 36.79 9.53
N TRP I 37 36.10 37.67 9.26
CA TRP I 37 36.57 37.92 7.88
C TRP I 37 37.72 36.95 7.58
N LEU I 38 37.65 36.26 6.44
CA LEU I 38 38.77 35.46 5.96
C LEU I 38 39.71 36.39 5.20
N ASN I 39 40.94 36.55 5.73
CA ASN I 39 41.90 37.51 5.16
C ASN I 39 42.59 36.96 3.89
N PHE I 40 43.57 37.70 3.36
CA PHE I 40 44.14 37.38 2.05
C PHE I 40 44.98 36.10 2.00
N ASP I 41 45.45 35.64 3.17
CA ASP I 41 46.13 34.34 3.29
C ASP I 41 45.17 33.19 3.67
N GLY I 42 43.86 33.46 3.65
CA GLY I 42 42.86 32.48 4.10
C GLY I 42 42.81 32.27 5.60
N GLU I 43 43.36 33.21 6.37
CA GLU I 43 43.38 33.12 7.83
C GLU I 43 42.13 33.83 8.39
N PRO I 44 41.38 33.17 9.29
CA PRO I 44 40.19 33.81 9.84
C PRO I 44 40.54 34.92 10.82
N GLN I 45 39.88 36.07 10.68
CA GLN I 45 40.13 37.25 11.51
C GLN I 45 38.87 37.70 12.26
N PRO I 46 38.93 37.78 13.60
CA PRO I 46 37.77 38.19 14.38
C PRO I 46 37.51 39.70 14.34
N TYR I 47 36.22 40.07 14.35
CA TYR I 47 35.77 41.46 14.35
C TYR I 47 34.91 41.74 15.59
N PRO I 48 34.52 43.02 15.82
CA PRO I 48 33.70 43.34 17.00
C PRO I 48 32.36 42.58 17.07
N THR I 49 31.96 42.19 18.27
CA THR I 49 30.74 41.39 18.47
C THR I 49 29.47 42.21 18.28
N LEU I 50 28.37 41.55 17.93
CA LEU I 50 27.03 42.16 17.86
C LEU I 50 26.10 41.59 18.93
N PRO I 51 25.52 42.45 19.79
CA PRO I 51 24.50 41.96 20.73
C PRO I 51 23.25 41.40 20.04
N PRO I 52 22.43 40.59 20.74
CA PRO I 52 21.21 40.05 20.11
C PRO I 52 20.21 41.13 19.67
N GLY I 53 19.69 41.00 18.46
CA GLY I 53 18.69 41.92 17.92
C GLY I 53 19.16 43.31 17.48
N THR I 54 20.44 43.43 17.14
CA THR I 54 21.04 44.72 16.75
C THR I 54 21.53 44.70 15.31
N GLY I 55 21.88 45.88 14.79
CA GLY I 55 22.37 46.06 13.42
C GLY I 55 23.46 47.12 13.31
N ARG I 56 24.32 46.98 12.30
CA ARG I 56 25.41 47.92 12.04
C ARG I 56 25.74 48.05 10.55
N ARG I 57 25.93 49.29 10.11
CA ARG I 57 26.42 49.58 8.76
C ARG I 57 27.94 49.54 8.78
N ILE I 58 28.52 48.73 7.89
CA ILE I 58 29.97 48.52 7.85
C ILE I 58 30.52 48.58 6.42
N HIS I 59 31.79 49.01 6.30
CA HIS I 59 32.45 49.15 5.01
C HIS I 59 33.32 47.94 4.74
N SER I 60 33.01 47.21 3.66
CA SER I 60 33.77 46.04 3.22
C SER I 60 34.08 46.17 1.73
N TYR I 61 34.46 45.06 1.08
CA TYR I 61 34.84 45.08 -0.33
C TYR I 61 34.23 43.90 -1.08
N ARG I 62 34.05 44.06 -2.38
CA ARG I 62 33.43 43.02 -3.20
C ARG I 62 34.36 41.81 -3.33
N GLY I 63 33.81 40.62 -3.15
CA GLY I 63 34.58 39.38 -3.21
C GLY I 63 35.23 38.90 -1.91
N HIS I 64 35.07 39.67 -0.83
CA HIS I 64 35.59 39.28 0.49
C HIS I 64 34.67 38.24 1.14
N LEU I 65 35.26 37.23 1.78
CA LEU I 65 34.49 36.15 2.42
C LEU I 65 34.28 36.45 3.91
N TRP I 66 33.04 36.30 4.36
CA TRP I 66 32.68 36.47 5.77
C TRP I 66 31.93 35.23 6.25
N LEU I 67 32.08 34.93 7.54
CA LEU I 67 31.16 34.00 8.22
C LEU I 67 30.98 34.38 9.70
N PHE I 68 29.94 33.81 10.33
CA PHE I 68 29.44 34.31 11.62
C PHE I 68 29.23 33.18 12.63
N ARG I 69 29.61 33.44 13.88
CA ARG I 69 29.57 32.44 14.95
C ARG I 69 29.00 33.02 16.25
N ASP I 70 28.63 32.12 17.16
CA ASP I 70 28.39 32.50 18.56
C ASP I 70 29.71 32.98 19.15
N ALA I 71 29.67 34.12 19.83
CA ALA I 71 30.89 34.78 20.32
C ALA I 71 31.59 34.07 21.48
N GLY I 72 30.86 33.24 22.22
CA GLY I 72 31.41 32.50 23.35
C GLY I 72 31.74 31.05 23.03
N THR I 73 30.77 30.33 22.47
CA THR I 73 30.88 28.89 22.19
C THR I 73 31.39 28.53 20.79
N HIS I 74 31.37 29.50 19.87
CA HIS I 74 31.72 29.30 18.43
C HIS I 74 30.75 28.39 17.64
N ASP I 75 29.51 28.24 18.12
CA ASP I 75 28.45 27.55 17.37
C ASP I 75 28.20 28.29 16.05
N GLY I 76 28.12 27.54 14.95
CA GLY I 76 27.92 28.11 13.62
C GLY I 76 26.54 28.71 13.43
N LEU I 77 26.48 29.79 12.65
CA LEU I 77 25.26 30.53 12.36
C LEU I 77 25.10 30.68 10.84
N LEU I 78 23.88 30.95 10.38
CA LEU I 78 23.62 31.20 8.97
C LEU I 78 23.66 32.70 8.67
N VAL I 79 23.96 33.02 7.41
CA VAL I 79 23.90 34.39 6.89
C VAL I 79 23.21 34.31 5.53
N ASN I 80 22.03 34.94 5.42
CA ASN I 80 21.16 34.80 4.26
C ASN I 80 20.91 33.33 3.90
N GLN I 81 20.51 32.55 4.91
CA GLN I 81 20.13 31.14 4.77
C GLN I 81 21.27 30.17 4.40
N THR I 82 22.53 30.60 4.55
CA THR I 82 23.68 29.81 4.10
C THR I 82 24.97 30.11 4.88
N GLU I 83 26.05 29.38 4.57
CA GLU I 83 27.30 29.41 5.36
C GLU I 83 28.08 30.71 5.23
N LEU I 84 28.50 31.04 4.00
CA LEU I 84 29.37 32.18 3.72
C LEU I 84 28.59 33.35 3.11
N PHE I 85 29.13 34.56 3.31
CA PHE I 85 28.58 35.79 2.75
C PHE I 85 29.66 36.53 1.97
N VAL I 86 29.33 36.90 0.73
CA VAL I 86 30.22 37.70 -0.13
C VAL I 86 29.47 38.99 -0.48
N PRO I 87 30.05 40.16 -0.13
CA PRO I 87 29.41 41.42 -0.55
C PRO I 87 29.37 41.56 -2.07
N SER I 88 28.18 41.83 -2.60
CA SER I 88 27.97 42.12 -4.01
C SER I 88 28.03 43.65 -4.26
N LEU I 89 27.91 44.03 -5.52
CA LEU I 89 27.94 45.43 -5.93
C LEU I 89 26.70 46.21 -5.43
N ASN I 90 26.93 47.40 -4.85
CA ASN I 90 25.83 48.30 -4.42
C ASN I 90 25.17 49.03 -5.60
N VAL I 91 23.84 48.93 -5.70
CA VAL I 91 23.07 49.62 -6.73
C VAL I 91 22.27 50.77 -6.11
N ASP I 92 22.45 51.97 -6.66
CA ASP I 92 21.77 53.20 -6.20
C ASP I 92 21.99 53.50 -4.70
N GLY I 93 23.19 53.23 -4.21
CA GLY I 93 23.51 53.45 -2.79
C GLY I 93 22.71 52.62 -1.81
N GLN I 94 22.28 51.43 -2.21
CA GLN I 94 21.63 50.48 -1.32
C GLN I 94 22.70 49.58 -0.73
N PRO I 95 22.79 49.49 0.61
CA PRO I 95 23.70 48.52 1.19
C PRO I 95 23.18 47.08 1.07
N ILE I 96 24.10 46.11 1.12
CA ILE I 96 23.76 44.69 1.07
C ILE I 96 23.35 44.27 2.48
N PHE I 97 22.27 43.52 2.60
CA PHE I 97 21.84 43.00 3.90
C PHE I 97 22.45 41.62 4.15
N ALA I 98 23.08 41.47 5.31
CA ALA I 98 23.60 40.18 5.78
C ALA I 98 22.79 39.74 6.99
N ASN I 99 21.70 39.03 6.75
CA ASN I 99 20.76 38.62 7.81
C ASN I 99 21.28 37.39 8.54
N ILE I 100 21.73 37.59 9.78
CA ILE I 100 22.31 36.54 10.61
C ILE I 100 21.22 35.90 11.46
N THR I 101 21.01 34.59 11.30
CA THR I 101 19.93 33.87 11.98
C THR I 101 20.43 32.57 12.57
N LEU I 102 19.65 32.00 13.49
CA LEU I 102 19.90 30.63 13.96
C LEU I 102 19.54 29.65 12.88
N PRO I 103 20.34 28.58 12.72
CA PRO I 103 19.88 27.44 11.93
C PRO I 103 18.97 26.56 12.77
N VAL I 104 18.35 25.58 12.13
CA VAL I 104 17.63 24.55 12.86
C VAL I 104 18.67 23.49 13.20
N TYR I 105 19.30 23.64 14.36
CA TYR I 105 20.24 22.64 14.86
C TYR I 105 19.53 21.29 15.01
N THR I 106 20.27 20.20 14.78
CA THR I 106 19.79 18.89 15.17
C THR I 106 19.63 18.89 16.70
N LEU I 107 18.67 18.11 17.19
CA LEU I 107 18.45 17.95 18.62
C LEU I 107 19.73 17.49 19.30
N LYS I 108 20.39 16.49 18.71
CA LYS I 108 21.67 15.99 19.21
C LYS I 108 22.70 17.12 19.37
N GLU I 109 22.78 18.01 18.39
CA GLU I 109 23.70 19.14 18.44
C GLU I 109 23.28 20.17 19.48
N ARG I 110 21.99 20.48 19.55
CA ARG I 110 21.49 21.41 20.58
C ARG I 110 21.78 20.90 22.00
N CYS I 111 21.55 19.60 22.22
CA CYS I 111 21.88 18.95 23.49
C CYS I 111 23.37 19.09 23.86
N LEU I 112 24.25 18.90 22.87
CA LEU I 112 25.70 19.03 23.09
C LEU I 112 26.09 20.43 23.60
N GLN I 113 25.51 21.46 22.99
CA GLN I 113 25.78 22.86 23.36
C GLN I 113 25.47 23.15 24.84
N VAL I 114 24.36 22.60 25.32
CA VAL I 114 23.91 22.81 26.70
C VAL I 114 24.85 22.14 27.70
N VAL I 115 25.24 20.90 27.40
CA VAL I 115 26.12 20.12 28.29
C VAL I 115 27.51 20.77 28.37
N ARG I 116 28.03 21.27 27.24
CA ARG I 116 29.31 22.01 27.24
C ARG I 116 29.29 23.28 28.11
N SER I 117 28.15 23.97 28.14
CA SER I 117 28.02 25.21 28.94
C SER I 117 27.98 24.96 30.46
N LEU I 118 27.50 23.80 30.88
CA LEU I 118 27.40 23.44 32.30
C LEU I 118 28.65 22.74 32.85
N VAL I 119 29.31 21.93 32.02
CA VAL I 119 30.47 21.12 32.41
C VAL I 119 31.78 21.70 31.85
N LYS I 120 32.87 21.58 32.62
CA LYS I 120 34.20 22.06 32.21
C LYS I 120 35.04 20.92 31.61
N PRO I 121 35.90 21.22 30.61
CA PRO I 121 36.74 20.23 29.89
C PRO I 121 37.51 19.19 30.73
N GLU I 122 37.83 19.51 31.97
CA GLU I 122 38.51 18.58 32.88
C GLU I 122 37.60 17.45 33.37
N ASN I 123 36.31 17.76 33.58
CA ASN I 123 35.34 16.81 34.15
C ASN I 123 34.40 16.14 33.13
N TYR I 124 34.75 16.16 31.85
CA TYR I 124 33.95 15.49 30.80
C TYR I 124 33.90 13.97 30.98
N ARG I 125 35.00 13.37 31.45
CA ARG I 125 35.11 11.92 31.60
C ARG I 125 34.27 11.35 32.75
N ARG I 126 33.92 12.19 33.73
CA ARG I 126 33.08 11.76 34.87
C ARG I 126 31.56 11.80 34.60
N LEU I 127 31.14 12.02 33.35
CA LEU I 127 29.74 11.92 32.96
C LEU I 127 29.36 10.47 32.64
N ASP I 128 28.14 10.07 32.99
CA ASP I 128 27.68 8.69 32.84
C ASP I 128 27.02 8.46 31.47
N ILE I 129 27.87 8.33 30.44
CA ILE I 129 27.43 8.20 29.04
C ILE I 129 28.37 7.31 28.21
N VAL I 130 27.92 6.92 27.01
CA VAL I 130 28.68 6.00 26.13
C VAL I 130 29.95 6.62 25.52
N ARG I 131 30.78 5.77 24.90
CA ARG I 131 32.10 6.16 24.35
C ARG I 131 32.03 7.30 23.33
N SER I 132 31.23 7.12 22.29
CA SER I 132 31.17 8.09 21.16
C SER I 132 30.69 9.49 21.56
N LEU I 133 29.94 9.60 22.65
CA LEU I 133 29.51 10.90 23.19
C LEU I 133 30.64 11.68 23.89
N TYR I 134 31.66 10.99 24.39
CA TYR I 134 32.87 11.66 24.86
C TYR I 134 33.60 12.33 23.68
N GLU I 135 33.70 11.61 22.57
CA GLU I 135 34.31 12.14 21.34
C GLU I 135 33.54 13.31 20.74
N ASP I 136 32.21 13.30 20.88
CA ASP I 136 31.35 14.39 20.39
C ASP I 136 31.46 15.67 21.24
N LEU I 137 31.52 15.51 22.56
CA LEU I 137 31.62 16.65 23.49
C LEU I 137 32.99 17.35 23.39
N GLU I 138 34.06 16.58 23.32
CA GLU I 138 35.40 17.13 23.13
C GLU I 138 35.57 17.83 21.78
N ASP I 139 34.95 17.28 20.73
CA ASP I 139 35.01 17.87 19.38
C ASP I 139 34.20 19.18 19.31
N HIS I 140 34.81 20.26 19.80
CA HIS I 140 34.16 21.57 19.88
C HIS I 140 33.83 22.14 18.51
N PRO I 141 32.80 23.01 18.43
CA PRO I 141 32.64 23.81 17.22
C PRO I 141 33.88 24.66 17.00
N ASN I 142 34.34 24.73 15.75
CA ASN I 142 35.63 25.34 15.44
C ASN I 142 35.62 25.91 14.01
N VAL I 143 36.08 27.14 13.87
CA VAL I 143 36.03 27.86 12.60
C VAL I 143 36.99 27.20 11.60
N GLN I 144 38.25 27.03 12.03
CA GLN I 144 39.31 26.37 11.25
C GLN I 144 38.86 25.00 10.73
N LYS I 145 38.15 24.23 11.55
CA LYS I 145 37.66 22.89 11.17
C LYS I 145 36.59 22.95 10.08
N ASP I 146 35.65 23.89 10.19
CA ASP I 146 34.58 24.05 9.20
C ASP I 146 35.09 24.47 7.82
N LEU I 147 36.17 25.26 7.77
CA LEU I 147 36.79 25.67 6.51
C LEU I 147 37.44 24.50 5.77
N GLU I 148 37.94 23.53 6.52
CA GLU I 148 38.45 22.28 5.94
C GLU I 148 37.33 21.44 5.30
N ARG I 149 36.17 21.41 5.95
CA ARG I 149 34.99 20.69 5.43
C ARG I 149 34.46 21.30 4.14
N LEU I 150 34.31 22.63 4.12
CA LEU I 150 33.77 23.33 2.94
C LEU I 150 34.66 23.25 1.70
N THR I 151 35.95 22.96 1.89
CA THR I 151 36.87 22.76 0.77
C THR I 151 36.52 21.53 -0.09
N GLN I 152 36.14 20.42 0.54
CA GLN I 152 35.77 19.18 -0.19
C GLN I 152 34.53 19.34 -1.09
N GLU I 153 33.49 19.96 -0.56
CA GLU I 153 32.20 20.10 -1.25
C GLU I 153 32.26 21.12 -2.39
N MET J 1 -25.60 31.93 -30.58
CA MET J 1 -24.46 32.08 -29.63
C MET J 1 -24.39 30.82 -28.76
N ASP J 2 -23.30 30.07 -28.88
CA ASP J 2 -23.22 28.72 -28.30
C ASP J 2 -22.98 28.71 -26.79
N VAL J 3 -23.62 27.77 -26.09
CA VAL J 3 -23.34 27.46 -24.69
C VAL J 3 -22.99 25.98 -24.56
N PHE J 4 -22.21 25.62 -23.55
CA PHE J 4 -21.67 24.25 -23.39
C PHE J 4 -22.01 23.70 -22.00
N LEU J 5 -22.54 22.48 -21.96
CA LEU J 5 -23.24 21.96 -20.79
C LEU J 5 -22.81 20.57 -20.36
N MET J 6 -23.03 20.27 -19.07
CA MET J 6 -23.01 18.92 -18.53
C MET J 6 -24.41 18.65 -17.98
N ILE J 7 -25.09 17.64 -18.53
CA ILE J 7 -26.41 17.21 -18.03
C ILE J 7 -26.18 16.00 -17.13
N ARG J 8 -26.45 16.13 -15.83
CA ARG J 8 -26.02 15.13 -14.85
C ARG J 8 -27.14 14.52 -13.99
N ARG J 9 -27.11 13.19 -13.88
CA ARG J 9 -28.02 12.42 -13.01
C ARG J 9 -27.28 11.22 -12.44
N HIS J 10 -27.30 11.10 -11.12
CA HIS J 10 -26.67 9.98 -10.41
C HIS J 10 -25.19 9.84 -10.84
N LYS J 11 -24.82 8.81 -11.60
CA LYS J 11 -23.44 8.62 -12.08
C LYS J 11 -23.31 8.81 -13.60
N THR J 12 -24.24 9.55 -14.19
CA THR J 12 -24.25 9.83 -15.62
C THR J 12 -23.98 11.32 -15.83
N THR J 13 -23.20 11.62 -16.88
CA THR J 13 -22.86 12.99 -17.26
C THR J 13 -22.83 13.11 -18.78
N ILE J 14 -23.80 13.81 -19.37
CA ILE J 14 -23.86 14.02 -20.82
C ILE J 14 -23.24 15.37 -21.19
N PHE J 15 -22.24 15.35 -22.08
CA PHE J 15 -21.61 16.57 -22.63
C PHE J 15 -22.29 16.97 -23.94
N THR J 16 -22.85 18.17 -23.98
CA THR J 16 -23.46 18.71 -25.21
C THR J 16 -23.42 20.22 -25.26
N ASP J 17 -23.65 20.78 -26.45
CA ASP J 17 -23.82 22.21 -26.64
C ASP J 17 -25.20 22.55 -27.18
N ALA J 18 -25.52 23.84 -27.15
CA ALA J 18 -26.79 24.36 -27.65
C ALA J 18 -26.65 25.88 -27.81
N LYS J 19 -27.72 26.55 -28.23
CA LYS J 19 -27.73 28.01 -28.39
C LYS J 19 -28.30 28.68 -27.13
N GLU J 20 -27.90 29.93 -26.88
CA GLU J 20 -28.52 30.75 -25.82
C GLU J 20 -30.03 30.85 -26.04
N SER J 21 -30.43 31.03 -27.29
CA SER J 21 -31.85 31.18 -27.67
C SER J 21 -32.67 29.88 -27.67
N SER J 22 -32.00 28.73 -27.64
CA SER J 22 -32.70 27.43 -27.66
C SER J 22 -33.44 27.19 -26.33
N THR J 23 -34.39 26.25 -26.35
CA THR J 23 -35.32 26.05 -25.24
C THR J 23 -34.99 24.83 -24.38
N VAL J 24 -35.56 24.81 -23.18
CA VAL J 24 -35.41 23.70 -22.24
C VAL J 24 -35.96 22.38 -22.82
N PHE J 25 -37.09 22.45 -23.55
CA PHE J 25 -37.68 21.27 -24.21
C PHE J 25 -36.71 20.65 -25.22
N GLU J 26 -36.08 21.50 -26.03
CA GLU J 26 -35.14 21.05 -27.07
C GLU J 26 -33.92 20.35 -26.47
N LEU J 27 -33.58 20.72 -25.23
CA LEU J 27 -32.54 20.06 -24.45
C LEU J 27 -32.99 18.68 -23.97
N LYS J 28 -34.28 18.55 -23.60
CA LYS J 28 -34.86 17.26 -23.24
C LYS J 28 -34.97 16.31 -24.43
N ARG J 29 -35.14 16.85 -25.63
CA ARG J 29 -35.08 16.05 -26.87
C ARG J 29 -33.72 15.38 -27.07
N ILE J 30 -32.65 16.11 -26.74
CA ILE J 30 -31.27 15.57 -26.77
C ILE J 30 -31.11 14.44 -25.75
N VAL J 31 -31.68 14.63 -24.55
CA VAL J 31 -31.65 13.61 -23.49
C VAL J 31 -32.42 12.34 -23.93
N GLU J 32 -33.56 12.53 -24.60
CA GLU J 32 -34.37 11.42 -25.11
C GLU J 32 -33.63 10.52 -26.10
N GLY J 33 -32.92 11.14 -27.04
CA GLY J 33 -32.13 10.40 -28.03
C GLY J 33 -31.06 9.52 -27.40
N ILE J 34 -30.43 10.03 -26.34
CA ILE J 34 -29.36 9.33 -25.63
C ILE J 34 -29.90 8.32 -24.61
N LEU J 35 -30.67 8.81 -23.63
CA LEU J 35 -31.12 7.96 -22.50
C LEU J 35 -32.46 7.20 -22.68
N LYS J 36 -33.14 7.41 -23.80
CA LYS J 36 -34.36 6.66 -24.19
C LYS J 36 -35.57 6.90 -23.28
N ARG J 37 -35.78 8.15 -22.87
CA ARG J 37 -36.91 8.55 -22.02
C ARG J 37 -37.51 9.85 -22.57
N PRO J 38 -38.84 9.88 -22.85
CA PRO J 38 -39.45 11.07 -23.46
C PRO J 38 -39.41 12.32 -22.57
N PRO J 39 -39.58 13.54 -23.17
CA PRO J 39 -39.53 14.80 -22.43
C PRO J 39 -40.45 14.91 -21.20
N ASP J 40 -41.68 14.40 -21.31
CA ASP J 40 -42.64 14.46 -20.20
C ASP J 40 -42.28 13.61 -18.95
N GLU J 41 -41.29 12.71 -19.09
CA GLU J 41 -40.78 11.92 -17.97
C GLU J 41 -39.46 12.47 -17.38
N GLN J 42 -39.08 13.69 -17.77
CA GLN J 42 -37.84 14.32 -17.29
C GLN J 42 -38.11 15.64 -16.57
N ARG J 43 -37.41 15.86 -15.45
CA ARG J 43 -37.28 17.18 -14.84
C ARG J 43 -35.84 17.68 -15.01
N LEU J 44 -35.66 18.93 -15.45
CA LEU J 44 -34.35 19.57 -15.58
C LEU J 44 -34.23 20.70 -14.57
N TYR J 45 -33.07 20.80 -13.94
CA TYR J 45 -32.84 21.72 -12.83
C TYR J 45 -31.62 22.61 -13.07
N LYS J 46 -31.66 23.83 -12.57
CA LYS J 46 -30.50 24.69 -12.46
C LYS J 46 -30.26 24.93 -10.97
N ASP J 47 -29.28 24.23 -10.42
CA ASP J 47 -29.11 24.03 -8.98
C ASP J 47 -30.38 23.35 -8.45
N ASP J 48 -31.10 23.94 -7.51
CA ASP J 48 -32.37 23.37 -7.02
C ASP J 48 -33.62 23.87 -7.77
N GLN J 49 -33.44 24.84 -8.68
CA GLN J 49 -34.55 25.45 -9.40
C GLN J 49 -34.98 24.63 -10.62
N LEU J 50 -36.28 24.30 -10.68
CA LEU J 50 -36.87 23.55 -11.80
C LEU J 50 -37.03 24.43 -13.03
N LEU J 51 -36.73 23.88 -14.21
CA LEU J 51 -36.76 24.65 -15.47
C LEU J 51 -38.00 24.34 -16.31
N ASP J 52 -38.65 25.40 -16.80
CA ASP J 52 -39.87 25.28 -17.62
C ASP J 52 -39.52 25.13 -19.10
N ASP J 53 -40.24 24.25 -19.80
CA ASP J 53 -40.02 23.95 -21.23
C ASP J 53 -39.91 25.18 -22.13
N GLY J 54 -40.80 26.16 -21.92
CA GLY J 54 -40.86 27.34 -22.78
C GLY J 54 -39.71 28.34 -22.69
N LYS J 55 -38.93 28.28 -21.61
CA LYS J 55 -37.87 29.26 -21.36
C LYS J 55 -36.64 28.98 -22.20
N THR J 56 -35.92 30.05 -22.57
CA THR J 56 -34.64 29.92 -23.26
C THR J 56 -33.53 29.67 -22.22
N LEU J 57 -32.43 29.06 -22.68
CA LEU J 57 -31.27 28.81 -21.81
C LEU J 57 -30.67 30.11 -21.30
N GLY J 58 -30.63 31.14 -22.17
CA GLY J 58 -30.14 32.46 -21.80
C GLY J 58 -30.94 33.16 -20.72
N GLU J 59 -32.26 32.97 -20.74
CA GLU J 59 -33.15 33.46 -19.66
C GLU J 59 -32.92 32.76 -18.33
N CAS J 60 -32.65 31.45 -18.38
CA CAS J 60 -32.31 30.67 -17.17
CB CAS J 60 -32.59 29.18 -17.38
C CAS J 60 -30.89 30.89 -16.71
O CAS J 60 -30.46 30.30 -15.72
SG CAS J 60 -34.32 28.87 -17.57
AS CAS J 60 -35.29 29.67 -15.70
CE1 CAS J 60 -36.34 31.27 -16.25
CE2 CAS J 60 -36.55 28.42 -14.83
N GLY J 61 -30.12 31.69 -17.45
CA GLY J 61 -28.82 32.16 -16.98
C GLY J 61 -27.64 31.36 -17.48
N PHE J 62 -27.86 30.51 -18.48
CA PHE J 62 -26.78 29.82 -19.19
C PHE J 62 -26.34 30.72 -20.35
N THR J 63 -25.22 31.41 -20.16
CA THR J 63 -24.66 32.33 -21.17
C THR J 63 -23.39 31.76 -21.79
N SER J 64 -23.03 32.30 -22.95
CA SER J 64 -21.85 31.82 -23.66
C SER J 64 -20.55 32.14 -22.93
N GLN J 65 -20.51 33.23 -22.18
CA GLN J 65 -19.32 33.62 -21.40
C GLN J 65 -19.21 32.94 -20.03
N THR J 66 -20.26 32.26 -19.55
CA THR J 66 -20.19 31.46 -18.33
C THR J 66 -20.12 29.95 -18.61
N ALA J 67 -20.94 29.47 -19.55
CA ALA J 67 -20.97 28.07 -19.94
C ALA J 67 -19.97 27.80 -21.09
N ARG J 68 -18.69 27.71 -20.74
CA ARG J 68 -17.60 27.68 -21.72
C ARG J 68 -17.22 26.25 -22.14
N PRO J 69 -16.61 26.08 -23.33
CA PRO J 69 -16.17 24.73 -23.78
C PRO J 69 -15.24 24.04 -22.78
N GLN J 70 -14.23 24.77 -22.29
CA GLN J 70 -13.29 24.25 -21.28
C GLN J 70 -13.83 24.16 -19.84
N ALA J 71 -14.96 24.80 -19.56
CA ALA J 71 -15.57 24.83 -18.21
C ALA J 71 -17.12 24.89 -18.30
N PRO J 72 -17.76 23.80 -18.74
CA PRO J 72 -19.20 23.80 -19.02
C PRO J 72 -20.09 23.91 -17.79
N ALA J 73 -21.32 24.37 -18.00
CA ALA J 73 -22.30 24.57 -16.92
C ALA J 73 -23.10 23.31 -16.63
N THR J 74 -23.53 23.14 -15.38
CA THR J 74 -24.24 21.94 -14.96
C THR J 74 -25.77 22.12 -14.96
N VAL J 75 -26.46 21.14 -15.52
CA VAL J 75 -27.93 21.07 -15.56
C VAL J 75 -28.33 19.76 -14.91
N GLY J 76 -29.13 19.83 -13.85
CA GLY J 76 -29.60 18.63 -13.14
C GLY J 76 -30.65 17.87 -13.94
N LEU J 77 -30.72 16.56 -13.74
CA LEU J 77 -31.71 15.70 -14.38
C LEU J 77 -32.32 14.73 -13.36
N ALA J 78 -33.64 14.57 -13.42
CA ALA J 78 -34.41 13.67 -12.55
C ALA J 78 -35.47 12.97 -13.38
N PHE J 79 -35.47 11.63 -13.35
CA PHE J 79 -36.43 10.82 -14.12
C PHE J 79 -37.69 10.44 -13.33
N ARG J 80 -38.73 10.11 -14.08
CA ARG J 80 -39.96 9.57 -13.50
C ARG J 80 -39.86 8.05 -13.46
N ALA J 81 -40.31 7.48 -12.34
CA ALA J 81 -40.40 6.02 -12.17
C ALA J 81 -41.65 5.69 -11.37
N ASP J 82 -42.74 5.37 -12.08
CA ASP J 82 -44.04 4.99 -11.50
C ASP J 82 -44.71 6.15 -10.75
N ASP J 83 -45.61 6.84 -11.43
CA ASP J 83 -46.43 7.95 -10.87
C ASP J 83 -45.62 9.20 -10.53
N THR J 84 -44.76 9.11 -9.51
CA THR J 84 -44.00 10.27 -9.00
C THR J 84 -42.58 10.35 -9.57
N PHE J 85 -42.01 11.55 -9.48
CA PHE J 85 -40.62 11.79 -9.86
C PHE J 85 -39.68 11.50 -8.69
N GLU J 86 -38.49 11.01 -9.01
CA GLU J 86 -37.42 10.83 -8.03
C GLU J 86 -36.82 12.19 -7.65
N ALA J 87 -36.24 12.26 -6.45
CA ALA J 87 -35.50 13.45 -6.02
C ALA J 87 -34.22 13.65 -6.86
N LEU J 88 -33.81 14.91 -7.01
CA LEU J 88 -32.61 15.27 -7.78
C LEU J 88 -31.37 14.77 -7.04
N CAS J 89 -30.56 13.95 -7.71
CA CAS J 89 -29.37 13.35 -7.10
CB CAS J 89 -29.76 11.96 -6.60
C CAS J 89 -28.23 13.31 -8.09
O CAS J 89 -28.35 12.70 -9.16
SG CAS J 89 -28.35 10.92 -6.32
AS CAS J 89 -27.62 11.72 -4.37
CE1 CAS J 89 -27.47 10.20 -3.07
CE2 CAS J 89 -25.82 12.55 -4.59
N ILE J 90 -27.11 13.95 -7.76
CA ILE J 90 -25.91 13.99 -8.62
C ILE J 90 -24.70 13.52 -7.79
N GLU J 91 -24.16 12.35 -8.13
CA GLU J 91 -22.97 11.82 -7.46
C GLU J 91 -21.77 12.69 -7.82
N PRO J 92 -21.00 13.14 -6.82
CA PRO J 92 -19.80 13.94 -7.11
C PRO J 92 -18.67 13.10 -7.69
N PHE J 93 -17.78 13.73 -8.45
CA PHE J 93 -16.58 13.05 -8.97
C PHE J 93 -15.63 12.72 -7.80
N SER J 94 -14.70 11.82 -8.04
CA SER J 94 -13.73 11.42 -7.02
C SER J 94 -12.80 12.56 -6.58
N SER J 95 -12.25 12.45 -5.38
CA SER J 95 -11.34 13.45 -4.83
C SER J 95 -9.90 13.16 -5.26
N PRO J 96 -9.16 14.20 -5.72
CA PRO J 96 -7.72 14.02 -5.98
C PRO J 96 -6.91 13.70 -4.73
N PRO J 97 -5.71 13.10 -4.90
CA PRO J 97 -4.84 12.84 -3.75
C PRO J 97 -4.17 14.13 -3.26
N GLU J 98 -3.42 14.01 -2.15
CA GLU J 98 -2.64 15.15 -1.64
C GLU J 98 -1.52 15.52 -2.62
N LEU J 99 -1.20 16.80 -2.70
CA LEU J 99 -0.03 17.25 -3.45
C LEU J 99 1.24 16.66 -2.82
N PRO J 100 2.09 15.97 -3.62
CA PRO J 100 3.36 15.49 -3.09
C PRO J 100 4.30 16.60 -2.58
N ASP J 101 5.42 16.19 -1.97
CA ASP J 101 6.42 17.14 -1.49
C ASP J 101 7.01 17.99 -2.62
N VAL J 102 7.17 17.39 -3.80
CA VAL J 102 7.70 18.10 -4.98
C VAL J 102 6.71 19.12 -5.62
N MET J 103 5.42 19.03 -5.29
CA MET J 103 4.39 19.93 -5.83
C MET J 103 3.72 20.73 -4.71
N MET K 1 -27.32 12.84 -34.56
CA MET K 1 -26.04 13.03 -33.81
C MET K 1 -25.68 11.72 -33.09
N MET K 2 -24.44 11.28 -33.25
CA MET K 2 -23.98 9.99 -32.71
C MET K 2 -23.07 10.20 -31.50
N TYR K 3 -23.24 9.33 -30.50
CA TYR K 3 -22.57 9.47 -29.20
C TYR K 3 -21.83 8.17 -28.81
N VAL K 4 -20.93 8.29 -27.83
CA VAL K 4 -20.20 7.14 -27.25
C VAL K 4 -20.14 7.26 -25.72
N LYS K 5 -19.92 6.14 -25.04
CA LYS K 5 -19.84 6.12 -23.58
C LYS K 5 -18.43 5.78 -23.06
N LEU K 6 -17.81 6.73 -22.35
CA LEU K 6 -16.55 6.48 -21.64
C LEU K 6 -16.85 6.29 -20.15
N ILE K 7 -16.42 5.16 -19.58
CA ILE K 7 -16.68 4.84 -18.17
C ILE K 7 -15.39 4.90 -17.34
N SER K 8 -15.40 5.69 -16.27
CA SER K 8 -14.23 5.85 -15.39
C SER K 8 -14.03 4.65 -14.47
N SER K 9 -12.91 4.66 -13.73
CA SER K 9 -12.55 3.56 -12.81
C SER K 9 -13.48 3.48 -11.60
N ASP K 10 -13.88 4.63 -11.08
CA ASP K 10 -14.87 4.71 -9.99
C ASP K 10 -16.34 4.57 -10.44
N GLY K 11 -16.59 4.31 -11.72
CA GLY K 11 -17.93 3.91 -12.21
C GLY K 11 -18.77 4.99 -12.89
N HIS K 12 -18.29 6.24 -12.89
CA HIS K 12 -18.98 7.35 -13.58
C HIS K 12 -19.00 7.15 -15.09
N GLU K 13 -20.17 7.31 -15.69
CA GLU K 13 -20.36 7.15 -17.12
C GLU K 13 -20.43 8.51 -17.79
N PHE K 14 -19.51 8.75 -18.73
CA PHE K 14 -19.43 10.02 -19.48
C PHE K 14 -19.84 9.79 -20.93
N ILE K 15 -20.92 10.46 -21.34
CA ILE K 15 -21.46 10.33 -22.69
C ILE K 15 -21.14 11.59 -23.48
N VAL K 16 -20.36 11.43 -24.56
CA VAL K 16 -19.88 12.53 -25.40
C VAL K 16 -20.07 12.21 -26.88
N LYS K 17 -20.07 13.24 -27.72
CA LYS K 17 -20.26 13.05 -29.17
C LYS K 17 -19.12 12.24 -29.76
N ARG K 18 -19.44 11.45 -30.80
CA ARG K 18 -18.47 10.55 -31.43
C ARG K 18 -17.34 11.35 -32.09
N GLU K 19 -17.72 12.32 -32.91
CA GLU K 19 -16.79 13.30 -33.52
C GLU K 19 -15.75 13.84 -32.53
N HIS K 20 -16.19 14.14 -31.32
CA HIS K 20 -15.32 14.68 -30.26
C HIS K 20 -14.37 13.63 -29.68
N ALA K 21 -14.86 12.40 -29.50
CA ALA K 21 -14.04 11.30 -28.96
C ALA K 21 -12.88 10.91 -29.89
N LEU K 22 -13.08 11.07 -31.19
CA LEU K 22 -12.05 10.77 -32.20
C LEU K 22 -10.85 11.72 -32.20
N THR K 23 -10.91 12.79 -31.39
CA THR K 23 -9.71 13.55 -31.01
C THR K 23 -8.58 12.66 -30.47
N SER K 24 -8.96 11.66 -29.67
CA SER K 24 -8.04 10.64 -29.17
C SER K 24 -7.82 9.58 -30.25
N GLY K 25 -6.56 9.41 -30.66
CA GLY K 25 -6.19 8.35 -31.60
C GLY K 25 -6.37 6.94 -31.03
N THR K 26 -6.22 6.83 -29.72
CA THR K 26 -6.40 5.56 -29.00
C THR K 26 -7.87 5.14 -28.99
N ILE K 27 -8.77 6.08 -28.65
CA ILE K 27 -10.21 5.81 -28.65
C ILE K 27 -10.69 5.50 -30.07
N LYS K 28 -10.15 6.18 -31.07
CA LYS K 28 -10.50 5.94 -32.48
C LYS K 28 -10.28 4.47 -32.89
N ALA K 29 -9.19 3.87 -32.44
CA ALA K 29 -8.87 2.47 -32.77
C ALA K 29 -9.82 1.47 -32.12
N MET K 30 -10.32 1.78 -30.92
CA MET K 30 -11.27 0.92 -30.23
C MET K 30 -12.63 0.86 -30.92
N LEU K 31 -13.07 1.99 -31.47
CA LEU K 31 -14.35 2.07 -32.21
C LEU K 31 -14.16 1.63 -33.66
N SER K 32 -13.23 2.28 -34.38
CA SER K 32 -12.93 1.95 -35.78
C SER K 32 -12.06 0.69 -35.86
N THR K 42 -19.66 -0.75 -31.75
CA THR K 42 -18.97 -0.52 -30.50
C THR K 42 -19.21 0.93 -30.02
N ASN K 43 -19.87 1.07 -28.86
CA ASN K 43 -20.13 2.37 -28.23
C ASN K 43 -19.37 2.55 -26.91
N GLU K 44 -19.56 1.61 -25.98
CA GLU K 44 -18.97 1.70 -24.64
C GLU K 44 -17.46 1.44 -24.63
N VAL K 45 -16.74 2.17 -23.77
CA VAL K 45 -15.30 2.01 -23.56
C VAL K 45 -15.01 2.17 -22.06
N ASN K 46 -14.43 1.15 -21.44
CA ASN K 46 -14.19 1.14 -19.98
C ASN K 46 -12.72 1.42 -19.66
N PHE K 47 -12.47 2.49 -18.89
CA PHE K 47 -11.11 2.91 -18.50
C PHE K 47 -10.89 2.63 -17.03
N ARG K 48 -10.38 1.44 -16.72
CA ARG K 48 -10.31 0.95 -15.34
C ARG K 48 -9.19 1.51 -14.45
N GLU K 49 -8.39 2.46 -14.92
CA GLU K 49 -7.46 3.18 -14.03
C GLU K 49 -7.43 4.73 -14.22
N ILE K 50 -8.47 5.28 -14.87
CA ILE K 50 -8.63 6.73 -14.98
C ILE K 50 -9.85 7.11 -14.13
N PRO K 51 -9.64 7.83 -13.01
CA PRO K 51 -10.76 8.20 -12.15
C PRO K 51 -11.61 9.35 -12.71
N SER K 52 -12.76 9.60 -12.09
CA SER K 52 -13.74 10.56 -12.61
C SER K 52 -13.25 12.01 -12.64
N HIS K 53 -12.47 12.42 -11.65
CA HIS K 53 -11.91 13.79 -11.65
C HIS K 53 -10.92 14.04 -12.78
N VAL K 54 -10.30 12.98 -13.32
CA VAL K 54 -9.46 13.08 -14.51
C VAL K 54 -10.29 12.99 -15.79
N LEU K 55 -11.09 11.93 -15.93
CA LEU K 55 -11.83 11.68 -17.18
C LEU K 55 -12.85 12.77 -17.55
N SER K 56 -13.38 13.49 -16.56
CA SER K 56 -14.27 14.62 -16.82
C SER K 56 -13.52 15.74 -17.54
N LYS K 57 -12.33 16.06 -17.05
CA LYS K 57 -11.45 17.05 -17.69
C LYS K 57 -10.99 16.66 -19.10
N VAL K 58 -10.79 15.37 -19.33
CA VAL K 58 -10.46 14.84 -20.66
C VAL K 58 -11.59 15.17 -21.65
N CYS K 59 -12.82 14.86 -21.27
CA CYS K 59 -14.00 15.17 -22.08
C CYS K 59 -14.18 16.68 -22.33
N MET K 60 -13.81 17.50 -21.35
CA MET K 60 -13.80 18.96 -21.56
C MET K 60 -12.79 19.37 -22.62
N TYR K 61 -11.61 18.74 -22.61
CA TYR K 61 -10.58 19.01 -23.63
C TYR K 61 -11.06 18.70 -25.05
N PHE K 62 -11.77 17.60 -25.22
CA PHE K 62 -12.36 17.28 -26.53
C PHE K 62 -13.24 18.44 -27.02
N THR K 63 -14.09 18.97 -26.13
CA THR K 63 -14.96 20.11 -26.46
C THR K 63 -14.15 21.36 -26.81
N TYR K 64 -13.15 21.66 -25.98
CA TYR K 64 -12.22 22.79 -26.17
C TYR K 64 -11.50 22.73 -27.52
N LYS K 65 -10.99 21.56 -27.86
CA LYS K 65 -10.24 21.35 -29.09
C LYS K 65 -11.10 21.53 -30.35
N VAL K 66 -12.29 20.92 -30.38
CA VAL K 66 -13.15 21.00 -31.56
C VAL K 66 -13.69 22.43 -31.79
N ARG K 67 -13.95 23.16 -30.71
CA ARG K 67 -14.38 24.57 -30.82
C ARG K 67 -13.29 25.46 -31.41
N TYR K 68 -12.06 25.33 -30.89
CA TYR K 68 -11.00 26.31 -31.17
C TYR K 68 -9.95 25.92 -32.23
N THR K 69 -10.01 24.69 -32.75
CA THR K 69 -9.09 24.27 -33.81
C THR K 69 -9.40 25.02 -35.11
N ASN K 70 -8.34 25.58 -35.72
CA ASN K 70 -8.41 26.52 -36.85
C ASN K 70 -9.59 27.52 -36.83
N SER K 71 -9.76 28.17 -35.68
CA SER K 71 -10.81 29.19 -35.48
C SER K 71 -10.22 30.60 -35.58
N SER K 72 -11.08 31.56 -35.93
CA SER K 72 -10.68 32.96 -36.05
C SER K 72 -10.62 33.68 -34.69
N THR K 73 -11.57 33.37 -33.81
CA THR K 73 -11.67 34.04 -32.49
C THR K 73 -10.48 33.70 -31.58
N GLU K 74 -10.19 34.62 -30.65
CA GLU K 74 -9.05 34.51 -29.73
C GLU K 74 -9.18 33.28 -28.84
N ILE K 75 -8.12 32.47 -28.80
CA ILE K 75 -8.14 31.22 -28.08
C ILE K 75 -7.84 31.50 -26.60
N PRO K 76 -8.66 30.95 -25.69
CA PRO K 76 -8.32 31.03 -24.26
C PRO K 76 -7.49 29.83 -23.79
N GLU K 77 -6.94 29.97 -22.59
CA GLU K 77 -6.13 28.94 -21.96
C GLU K 77 -7.00 27.77 -21.52
N PHE K 78 -6.51 26.54 -21.72
CA PHE K 78 -7.11 25.36 -21.10
C PHE K 78 -6.60 25.23 -19.66
N PRO K 79 -7.50 25.31 -18.66
CA PRO K 79 -7.06 25.31 -17.25
C PRO K 79 -6.85 23.90 -16.70
N ILE K 80 -5.86 23.77 -15.83
CA ILE K 80 -5.55 22.50 -15.17
C ILE K 80 -5.11 22.82 -13.72
N ALA K 81 -5.92 22.39 -12.76
CA ALA K 81 -5.62 22.62 -11.35
C ALA K 81 -4.47 21.72 -10.91
N PRO K 82 -3.57 22.23 -10.04
CA PRO K 82 -2.37 21.46 -9.62
C PRO K 82 -2.62 20.02 -9.15
N GLU K 83 -3.77 19.78 -8.53
CA GLU K 83 -4.06 18.51 -7.87
C GLU K 83 -4.32 17.36 -8.85
N ILE K 84 -4.72 17.69 -10.08
CA ILE K 84 -5.02 16.67 -11.11
C ILE K 84 -3.99 16.61 -12.26
N ALA K 85 -2.93 17.40 -12.19
CA ALA K 85 -1.95 17.51 -13.30
C ALA K 85 -1.14 16.22 -13.53
N LEU K 86 -0.70 15.58 -12.47
CA LEU K 86 0.11 14.37 -12.61
C LEU K 86 -0.71 13.22 -13.19
N GLU K 87 -1.93 13.04 -12.70
CA GLU K 87 -2.82 11.99 -13.20
C GLU K 87 -3.34 12.26 -14.63
N LEU K 88 -3.61 13.51 -14.95
CA LEU K 88 -4.08 13.88 -16.30
C LEU K 88 -2.99 13.74 -17.36
N LEU K 89 -1.74 13.97 -16.97
CA LEU K 89 -0.57 13.71 -17.84
C LEU K 89 -0.52 12.23 -18.24
N MET K 90 -0.67 11.35 -17.24
CA MET K 90 -0.70 9.89 -17.45
C MET K 90 -1.85 9.44 -18.37
N ALA K 91 -3.02 10.06 -18.23
CA ALA K 91 -4.15 9.76 -19.10
C ALA K 91 -3.89 10.23 -20.53
N ALA K 92 -3.45 11.49 -20.65
CA ALA K 92 -3.16 12.13 -21.95
C ALA K 92 -2.18 11.31 -22.78
N ASN K 93 -1.15 10.78 -22.13
CA ASN K 93 -0.17 9.91 -22.77
C ASN K 93 -0.79 8.64 -23.36
N PHE K 94 -1.70 8.02 -22.61
CA PHE K 94 -2.39 6.80 -23.04
C PHE K 94 -3.32 7.05 -24.22
N LEU K 95 -4.03 8.17 -24.17
CA LEU K 95 -5.09 8.50 -25.14
C LEU K 95 -4.60 9.16 -26.45
N ASP K 96 -3.36 9.68 -26.46
CA ASP K 96 -2.73 10.28 -27.67
C ASP K 96 -3.51 11.51 -28.15
N CYS K 97 -3.71 12.46 -27.24
CA CYS K 97 -4.46 13.69 -27.52
C CYS K 97 -3.82 14.90 -26.82
N VAL L 11 20.80 28.41 -42.86
CA VAL L 11 19.65 28.44 -43.81
C VAL L 11 18.57 29.44 -43.34
N LEU L 12 17.95 29.17 -42.18
CA LEU L 12 16.97 30.10 -41.60
C LEU L 12 17.66 31.33 -41.02
N ARG L 13 17.61 32.43 -41.77
CA ARG L 13 18.19 33.71 -41.34
C ARG L 13 17.47 34.89 -41.99
N SER L 14 17.76 36.09 -41.50
CA SER L 14 17.23 37.31 -42.09
C SER L 14 18.03 37.67 -43.34
N VAL L 15 17.32 38.14 -44.36
CA VAL L 15 17.93 38.70 -45.57
C VAL L 15 18.19 40.18 -45.28
N ASN L 16 19.41 40.64 -45.59
CA ASN L 16 19.78 42.04 -45.36
C ASN L 16 19.33 42.91 -46.53
N SER L 17 18.04 43.27 -46.51
CA SER L 17 17.41 44.06 -47.57
C SER L 17 17.64 45.56 -47.42
N ARG L 18 17.69 46.03 -46.17
CA ARG L 18 17.73 47.46 -45.83
C ARG L 18 16.50 48.25 -46.34
N GLU L 19 15.39 47.56 -46.57
CA GLU L 19 14.15 48.14 -47.06
C GLU L 19 13.14 48.14 -45.90
N PRO L 20 12.81 49.35 -45.35
CA PRO L 20 11.99 49.39 -44.13
C PRO L 20 10.59 48.80 -44.25
N SER L 21 10.08 48.36 -43.10
CA SER L 21 8.75 47.79 -42.98
C SER L 21 8.26 48.05 -41.57
N GLN L 22 7.14 48.77 -41.47
CA GLN L 22 6.50 49.05 -40.19
C GLN L 22 5.57 47.89 -39.83
N VAL L 23 5.59 47.48 -38.56
CA VAL L 23 4.86 46.31 -38.06
C VAL L 23 4.19 46.60 -36.70
N ILE L 24 3.00 46.03 -36.49
CA ILE L 24 2.34 46.04 -35.19
C ILE L 24 2.44 44.63 -34.57
N PHE L 25 3.16 44.50 -33.46
CA PHE L 25 3.14 43.28 -32.66
C PHE L 25 1.94 43.37 -31.74
N CAS L 26 0.91 42.55 -31.98
CA CAS L 26 -0.33 42.56 -31.20
CB CAS L 26 -1.49 42.79 -32.17
C CAS L 26 -0.44 41.24 -30.47
O CAS L 26 -0.61 40.20 -31.11
SG CAS L 26 -3.08 42.68 -31.39
AS CAS L 26 -3.07 44.54 -30.16
CE1 CAS L 26 -4.04 45.99 -31.12
CE2 CAS L 26 -3.98 44.15 -28.43
N ASN L 27 -0.32 41.28 -29.14
CA ASN L 27 -0.40 40.08 -28.31
C ASN L 27 -1.85 39.76 -27.90
N ARG L 28 -2.47 38.85 -28.64
CA ARG L 28 -3.81 38.34 -28.33
C ARG L 28 -3.75 36.97 -27.62
N SER L 29 -2.90 36.89 -26.59
CA SER L 29 -2.74 35.69 -25.78
C SER L 29 -2.79 36.07 -24.31
N PRO L 30 -2.90 35.08 -23.41
CA PRO L 30 -2.80 35.36 -21.98
C PRO L 30 -1.36 35.28 -21.42
N ARG L 31 -0.39 34.95 -22.28
CA ARG L 31 1.02 34.85 -21.86
C ARG L 31 1.75 36.18 -22.09
N VAL L 32 2.79 36.42 -21.28
CA VAL L 32 3.77 37.47 -21.57
C VAL L 32 4.62 37.00 -22.73
N VAL L 33 4.69 37.79 -23.81
CA VAL L 33 5.34 37.39 -25.07
C VAL L 33 6.76 37.94 -25.22
N LEU L 34 7.67 37.06 -25.66
CA LEU L 34 9.06 37.39 -25.98
C LEU L 34 9.26 37.30 -27.50
N PRO L 35 9.44 38.44 -28.19
CA PRO L 35 9.79 38.39 -29.60
C PRO L 35 11.25 37.96 -29.81
N VAL L 36 11.51 37.23 -30.89
CA VAL L 36 12.84 36.69 -31.19
C VAL L 36 13.18 36.95 -32.67
N TRP L 37 14.24 37.72 -32.91
CA TRP L 37 14.70 38.05 -34.27
C TRP L 37 15.85 37.13 -34.66
N LEU L 38 15.73 36.45 -35.80
CA LEU L 38 16.85 35.68 -36.35
C LEU L 38 17.78 36.63 -37.08
N ASN L 39 18.96 36.87 -36.49
CA ASN L 39 19.92 37.81 -37.06
C ASN L 39 20.58 37.28 -38.35
N PHE L 40 21.51 38.03 -38.91
CA PHE L 40 22.06 37.71 -40.24
C PHE L 40 22.91 36.44 -40.30
N ASP L 41 23.28 35.88 -39.15
CA ASP L 41 23.94 34.57 -39.04
C ASP L 41 23.00 33.40 -38.73
N GLY L 42 21.72 33.67 -38.51
CA GLY L 42 20.76 32.64 -38.07
C GLY L 42 20.58 32.53 -36.57
N GLU L 43 21.31 33.35 -35.79
CA GLU L 43 21.25 33.30 -34.34
C GLU L 43 19.99 34.02 -33.81
N PRO L 44 19.26 33.39 -32.86
CA PRO L 44 18.05 34.05 -32.32
C PRO L 44 18.38 35.16 -31.33
N GLN L 45 17.76 36.31 -31.49
CA GLN L 45 18.02 37.49 -30.67
C GLN L 45 16.75 37.97 -29.96
N PRO L 46 16.74 37.95 -28.60
CA PRO L 46 15.55 38.35 -27.86
C PRO L 46 15.35 39.86 -27.80
N TYR L 47 14.08 40.29 -27.86
CA TYR L 47 13.68 41.71 -27.79
C TYR L 47 12.81 41.95 -26.53
N PRO L 48 12.46 43.22 -26.22
CA PRO L 48 11.65 43.49 -25.01
C PRO L 48 10.25 42.84 -25.03
N THR L 49 9.77 42.46 -23.85
CA THR L 49 8.58 41.63 -23.73
C THR L 49 7.28 42.43 -23.87
N LEU L 50 6.21 41.73 -24.27
CA LEU L 50 4.84 42.30 -24.35
C LEU L 50 3.88 41.61 -23.38
N PRO L 51 3.33 42.35 -22.39
CA PRO L 51 2.31 41.73 -21.52
C PRO L 51 1.00 41.37 -22.28
N PRO L 52 0.15 40.49 -21.70
CA PRO L 52 -1.10 40.06 -22.37
C PRO L 52 -2.00 41.21 -22.80
N GLY L 53 -2.58 41.11 -24.00
CA GLY L 53 -3.52 42.09 -24.52
C GLY L 53 -2.96 43.47 -24.84
N THR L 54 -1.66 43.56 -25.09
CA THR L 54 -1.00 44.82 -25.46
C THR L 54 -0.46 44.75 -26.89
N GLY L 55 -0.08 45.91 -27.42
CA GLY L 55 0.53 46.00 -28.73
C GLY L 55 1.51 47.14 -28.85
N ARG L 56 2.46 47.00 -29.79
CA ARG L 56 3.47 48.04 -30.05
C ARG L 56 3.77 48.15 -31.54
N ARG L 57 3.87 49.39 -32.01
CA ARG L 57 4.33 49.68 -33.36
C ARG L 57 5.86 49.64 -33.33
N ILE L 58 6.46 48.90 -34.26
CA ILE L 58 7.92 48.75 -34.29
C ILE L 58 8.53 48.78 -35.69
N HIS L 59 9.82 49.08 -35.74
CA HIS L 59 10.54 49.25 -37.01
C HIS L 59 11.36 48.00 -37.34
N SER L 60 11.04 47.37 -38.47
CA SER L 60 11.78 46.22 -38.97
C SER L 60 12.06 46.40 -40.47
N TYR L 61 12.41 45.32 -41.16
CA TYR L 61 12.78 45.38 -42.57
C TYR L 61 12.25 44.17 -43.33
N ARG L 62 12.07 44.32 -44.64
CA ARG L 62 11.56 43.25 -45.49
C ARG L 62 12.54 42.08 -45.54
N GLY L 63 12.02 40.85 -45.45
CA GLY L 63 12.85 39.66 -45.45
C GLY L 63 13.43 39.24 -44.10
N HIS L 64 13.19 40.03 -43.05
CA HIS L 64 13.65 39.68 -41.71
C HIS L 64 12.75 38.60 -41.09
N LEU L 65 13.33 37.71 -40.29
CA LEU L 65 12.59 36.58 -39.70
C LEU L 65 12.37 36.77 -38.21
N TRP L 66 11.12 36.56 -37.79
CA TRP L 66 10.69 36.69 -36.41
C TRP L 66 9.92 35.46 -35.96
N LEU L 67 10.05 35.15 -34.66
CA LEU L 67 9.15 34.20 -34.00
C LEU L 67 8.92 34.63 -32.54
N PHE L 68 7.91 34.02 -31.91
CA PHE L 68 7.38 34.52 -30.64
C PHE L 68 7.15 33.40 -29.63
N ARG L 69 7.62 33.61 -28.40
CA ARG L 69 7.59 32.60 -27.33
C ARG L 69 7.09 33.19 -26.03
N ASP L 70 6.57 32.33 -25.15
CA ASP L 70 6.34 32.67 -23.75
C ASP L 70 7.69 33.09 -23.14
N ALA L 71 7.70 34.26 -22.51
CA ALA L 71 8.93 34.84 -21.96
C ALA L 71 9.49 34.11 -20.74
N GLY L 72 8.64 33.42 -19.98
CA GLY L 72 9.08 32.71 -18.78
C GLY L 72 9.45 31.26 -19.01
N THR L 73 8.66 30.56 -19.83
CA THR L 73 8.82 29.13 -20.09
C THR L 73 9.41 28.75 -21.47
N HIS L 74 9.29 29.66 -22.44
CA HIS L 74 9.68 29.43 -23.85
C HIS L 74 8.76 28.49 -24.67
N ASP L 75 7.52 28.29 -24.20
CA ASP L 75 6.53 27.55 -24.99
C ASP L 75 6.28 28.30 -26.30
N GLY L 76 6.20 27.57 -27.40
CA GLY L 76 6.00 28.17 -28.71
C GLY L 76 4.61 28.76 -28.85
N LEU L 77 4.53 29.92 -29.52
CA LEU L 77 3.28 30.60 -29.82
C LEU L 77 3.13 30.72 -31.33
N LEU L 78 1.97 31.19 -31.79
CA LEU L 78 1.69 31.37 -33.21
C LEU L 78 1.62 32.86 -33.58
N VAL L 79 1.96 33.17 -34.83
CA VAL L 79 1.87 34.52 -35.39
C VAL L 79 1.18 34.41 -36.75
N ASN L 80 0.10 35.15 -36.93
CA ASN L 80 -0.82 34.96 -38.05
C ASN L 80 -1.03 33.48 -38.41
N GLN L 81 -1.32 32.68 -37.40
CA GLN L 81 -1.64 31.24 -37.53
C GLN L 81 -0.49 30.33 -37.98
N THR L 82 0.76 30.77 -37.83
CA THR L 82 1.93 29.97 -38.23
C THR L 82 3.17 30.24 -37.35
N GLU L 83 4.30 29.60 -37.68
CA GLU L 83 5.50 29.59 -36.84
C GLU L 83 6.33 30.87 -36.98
N LEU L 84 6.64 31.22 -38.23
CA LEU L 84 7.51 32.35 -38.55
C LEU L 84 6.72 33.52 -39.15
N PHE L 85 7.21 34.73 -38.94
CA PHE L 85 6.62 35.96 -39.50
C PHE L 85 7.69 36.74 -40.24
N VAL L 86 7.38 37.12 -41.49
CA VAL L 86 8.31 37.87 -42.35
C VAL L 86 7.61 39.15 -42.80
N PRO L 87 8.14 40.34 -42.45
CA PRO L 87 7.52 41.59 -42.91
C PRO L 87 7.53 41.77 -44.42
N SER L 88 6.40 42.22 -44.97
CA SER L 88 6.27 42.52 -46.40
C SER L 88 6.40 44.03 -46.65
N LEU L 89 6.28 44.43 -47.92
CA LEU L 89 6.19 45.84 -48.30
C LEU L 89 4.89 46.45 -47.73
N ASN L 90 4.99 47.69 -47.23
CA ASN L 90 3.82 48.41 -46.72
C ASN L 90 2.99 48.94 -47.89
N VAL L 91 1.70 48.58 -47.92
CA VAL L 91 0.88 48.78 -49.12
C VAL L 91 0.59 50.26 -49.43
N ASP L 92 0.41 51.09 -48.41
CA ASP L 92 0.27 52.55 -48.59
C ASP L 92 0.53 53.33 -47.29
N GLY L 93 1.66 53.05 -46.66
CA GLY L 93 1.95 53.53 -45.31
C GLY L 93 0.97 52.95 -44.29
N GLN L 94 0.68 51.65 -44.45
CA GLN L 94 -0.24 50.92 -43.60
C GLN L 94 0.57 49.79 -42.99
N PRO L 95 0.61 49.71 -41.64
CA PRO L 95 1.48 48.72 -41.01
C PRO L 95 0.94 47.30 -41.11
N ILE L 96 1.87 46.34 -41.09
CA ILE L 96 1.56 44.92 -41.16
C ILE L 96 1.25 44.46 -39.74
N PHE L 97 0.12 43.79 -39.56
CA PHE L 97 -0.22 43.19 -38.26
C PHE L 97 0.43 41.81 -38.10
N ALA L 98 1.12 41.62 -36.98
CA ALA L 98 1.57 40.32 -36.52
C ALA L 98 0.71 39.94 -35.32
N ASN L 99 -0.33 39.15 -35.55
CA ASN L 99 -1.24 38.73 -34.50
C ASN L 99 -0.70 37.50 -33.79
N ILE L 100 -0.32 37.68 -32.53
CA ILE L 100 0.26 36.60 -31.71
C ILE L 100 -0.84 35.96 -30.86
N THR L 101 -0.95 34.64 -30.94
CA THR L 101 -2.03 33.85 -30.31
C THR L 101 -1.51 32.57 -29.68
N LEU L 102 -2.26 32.03 -28.71
CA LEU L 102 -2.03 30.67 -28.22
C LEU L 102 -2.42 29.67 -29.29
N PRO L 103 -1.59 28.64 -29.51
CA PRO L 103 -2.09 27.51 -30.28
C PRO L 103 -2.96 26.61 -29.41
N VAL L 104 -3.71 25.74 -30.06
CA VAL L 104 -4.41 24.66 -29.40
C VAL L 104 -3.34 23.61 -29.12
N TYR L 105 -2.71 23.70 -27.95
CA TYR L 105 -1.78 22.67 -27.50
C TYR L 105 -2.52 21.36 -27.38
N THR L 106 -1.78 20.25 -27.55
CA THR L 106 -2.30 18.94 -27.18
C THR L 106 -2.51 18.92 -25.67
N LEU L 107 -3.42 18.08 -25.21
CA LEU L 107 -3.62 17.90 -23.78
C LEU L 107 -2.33 17.46 -23.09
N LYS L 108 -1.57 16.59 -23.76
CA LYS L 108 -0.29 16.11 -23.24
C LYS L 108 0.71 17.25 -22.99
N GLU L 109 0.91 18.09 -24.00
CA GLU L 109 1.87 19.20 -23.86
C GLU L 109 1.41 20.21 -22.82
N ARG L 110 0.10 20.45 -22.75
CA ARG L 110 -0.48 21.32 -21.72
C ARG L 110 -0.21 20.80 -20.30
N CYS L 111 -0.46 19.51 -20.06
CA CYS L 111 -0.11 18.87 -18.78
C CYS L 111 1.39 18.95 -18.47
N LEU L 112 2.24 18.79 -19.48
CA LEU L 112 3.68 18.92 -19.27
C LEU L 112 4.04 20.34 -18.79
N GLN L 113 3.44 21.37 -19.41
CA GLN L 113 3.66 22.77 -18.99
C GLN L 113 3.35 23.00 -17.51
N VAL L 114 2.19 22.50 -17.08
CA VAL L 114 1.68 22.72 -15.72
C VAL L 114 2.54 22.02 -14.67
N VAL L 115 3.03 20.82 -14.99
CA VAL L 115 3.91 20.07 -14.09
C VAL L 115 5.28 20.77 -13.98
N ARG L 116 5.87 21.17 -15.11
CA ARG L 116 7.15 21.90 -15.10
C ARG L 116 7.13 23.15 -14.23
N SER L 117 5.98 23.84 -14.19
CA SER L 117 5.82 25.06 -13.41
C SER L 117 5.75 24.81 -11.88
N LEU L 118 5.38 23.60 -11.49
CA LEU L 118 5.22 23.25 -10.07
C LEU L 118 6.41 22.49 -9.50
N VAL L 119 6.87 21.47 -10.24
CA VAL L 119 8.01 20.64 -9.82
C VAL L 119 9.32 21.26 -10.31
N LYS L 120 10.33 21.31 -9.43
CA LYS L 120 11.65 21.81 -9.80
C LYS L 120 12.36 20.81 -10.73
N PRO L 121 13.26 21.30 -11.62
CA PRO L 121 13.97 20.42 -12.58
C PRO L 121 14.75 19.23 -11.98
N GLU L 122 15.12 19.31 -10.71
CA GLU L 122 15.86 18.24 -10.01
C GLU L 122 14.97 17.02 -9.79
N ASN L 123 13.71 17.26 -9.44
CA ASN L 123 12.80 16.23 -8.92
C ASN L 123 11.83 15.60 -9.93
N TYR L 124 12.03 15.83 -11.23
CA TYR L 124 11.23 15.13 -12.26
C TYR L 124 11.37 13.61 -12.15
N ARG L 125 12.59 13.15 -11.85
CA ARG L 125 12.90 11.72 -11.70
C ARG L 125 12.24 11.07 -10.47
N ARG L 126 11.92 11.87 -9.45
CA ARG L 126 11.18 11.39 -8.28
C ARG L 126 9.74 10.96 -8.59
N LEU L 127 9.08 11.70 -9.48
CA LEU L 127 7.64 11.53 -9.74
C LEU L 127 7.28 10.10 -10.13
N ASP L 128 6.16 9.60 -9.59
CA ASP L 128 5.76 8.21 -9.80
C ASP L 128 5.01 8.08 -11.13
N ILE L 129 5.79 8.08 -12.21
CA ILE L 129 5.26 8.04 -13.58
C ILE L 129 6.12 7.18 -14.50
N VAL L 130 5.60 6.91 -15.70
CA VAL L 130 6.24 6.03 -16.69
C VAL L 130 7.56 6.66 -17.16
N ARG L 131 8.53 5.81 -17.50
CA ARG L 131 9.91 6.25 -17.75
C ARG L 131 10.09 7.24 -18.92
N SER L 132 9.25 7.12 -19.94
CA SER L 132 9.30 8.02 -21.11
C SER L 132 8.74 9.44 -20.83
N LEU L 133 7.91 9.59 -19.80
CA LEU L 133 7.45 10.92 -19.36
C LEU L 133 8.55 11.74 -18.65
N TYR L 134 9.55 11.06 -18.06
CA TYR L 134 10.74 11.76 -17.56
C TYR L 134 11.46 12.47 -18.71
N GLU L 135 11.68 11.74 -19.81
CA GLU L 135 12.26 12.29 -21.04
C GLU L 135 11.43 13.44 -21.64
N ASP L 136 10.11 13.32 -21.61
CA ASP L 136 9.21 14.36 -22.13
C ASP L 136 9.22 15.63 -21.25
N LEU L 137 9.25 15.46 -19.92
CA LEU L 137 9.41 16.60 -18.99
C LEU L 137 10.74 17.32 -19.16
N GLU L 138 11.82 16.54 -19.29
CA GLU L 138 13.18 17.09 -19.43
C GLU L 138 13.45 17.77 -20.75
N ASP L 139 12.66 17.46 -21.78
CA ASP L 139 12.76 18.12 -23.08
C ASP L 139 12.00 19.46 -23.05
N HIS L 140 12.57 20.44 -22.35
CA HIS L 140 12.03 21.81 -22.26
C HIS L 140 11.97 22.43 -23.65
N PRO L 141 10.85 23.13 -23.98
CA PRO L 141 10.77 23.82 -25.27
C PRO L 141 11.93 24.79 -25.47
N ASN L 142 12.69 24.59 -26.53
CA ASN L 142 13.94 25.30 -26.80
C ASN L 142 13.87 25.92 -28.20
N VAL L 143 14.17 27.22 -28.28
CA VAL L 143 14.06 27.96 -29.55
C VAL L 143 15.01 27.36 -30.59
N GLN L 144 16.25 27.11 -30.17
CA GLN L 144 17.28 26.50 -31.03
C GLN L 144 16.91 25.11 -31.56
N LYS L 145 16.24 24.31 -30.74
CA LYS L 145 15.75 22.97 -31.16
C LYS L 145 14.62 23.04 -32.19
N ASP L 146 13.71 24.00 -32.02
CA ASP L 146 12.65 24.25 -33.02
C ASP L 146 13.22 24.74 -34.36
N LEU L 147 14.30 25.52 -34.31
CA LEU L 147 15.01 25.94 -35.53
C LEU L 147 15.69 24.77 -36.26
N GLU L 148 16.21 23.80 -35.53
CA GLU L 148 16.68 22.54 -36.13
C GLU L 148 15.52 21.82 -36.83
N ARG L 149 14.38 21.73 -36.14
CA ARG L 149 13.19 21.05 -36.68
C ARG L 149 12.59 21.76 -37.89
N LEU L 150 12.48 23.09 -37.84
CA LEU L 150 11.99 23.87 -38.97
C LEU L 150 12.92 23.72 -40.18
N THR L 151 14.23 23.84 -39.93
CA THR L 151 15.24 23.72 -41.00
C THR L 151 15.23 22.36 -41.70
N GLN L 152 14.93 21.28 -40.98
CA GLN L 152 14.82 19.93 -41.58
C GLN L 152 13.71 19.84 -42.64
N GLU L 153 12.53 20.37 -42.29
CA GLU L 153 11.38 20.39 -43.20
C GLU L 153 11.28 21.72 -43.95
CAA DV8 M . 16.67 -0.05 -32.02
CAT DV8 M . 15.59 -0.91 -31.35
OAD DV8 M . 14.70 -1.40 -32.02
NAR DV8 M . 15.72 -1.03 -30.01
CBB DV8 M . 14.77 -1.81 -29.20
CAC DV8 M . 15.47 -2.24 -27.91
CAV DV8 M . 13.51 -0.98 -28.81
SAG DV8 M . 13.68 0.66 -28.74
NBD DV8 M . 12.36 -1.61 -28.45
CAO DV8 M . 12.11 -3.07 -28.48
CBA DV8 M . 10.63 -3.18 -28.77
OAE DV8 M . 10.39 -2.94 -30.18
CAN DV8 M . 10.03 -2.07 -27.96
CBC DV8 M . 11.05 -0.92 -28.02
CAU DV8 M . 11.06 -0.27 -26.76
SAF DV8 M . 12.18 -0.76 -25.61
NAQ DV8 M . 10.13 0.70 -26.53
CAM DV8 M . 10.02 1.43 -25.26
CAX DV8 M . 9.02 0.83 -24.43
CAI DV8 M . 7.95 0.07 -24.91
CAK DV8 M . 7.01 -0.49 -24.04
CAH DV8 M . 9.10 1.02 -23.04
CAJ DV8 M . 8.16 0.47 -22.17
CAY DV8 M . 7.09 -0.29 -22.67
CAZ DV8 M . 6.16 -0.85 -21.85
SAS DV8 M . 5.61 -2.40 -22.00
CAL DV8 M . 4.55 -2.35 -20.74
NAP DV8 M . 4.63 -1.12 -20.20
CAW DV8 M . 5.49 -0.29 -20.82
CAB DV8 M . 5.67 1.15 -20.30
CAA DV8 N . 38.16 0.00 9.74
CAT DV8 N . 37.18 -0.90 10.49
OAD DV8 N . 36.35 -1.55 9.85
NAR DV8 N . 37.32 -0.92 11.82
CBB DV8 N . 36.47 -1.73 12.71
CAC DV8 N . 37.26 -2.13 13.96
CAV DV8 N . 35.23 -0.92 13.18
SAG DV8 N . 35.38 0.75 13.27
NBD DV8 N . 34.09 -1.58 13.56
CAO DV8 N . 33.86 -3.06 13.52
CBA DV8 N . 32.36 -3.25 13.41
OAE DV8 N . 31.97 -3.25 12.02
CAN DV8 N . 31.75 -2.04 14.11
CBC DV8 N . 32.79 -0.92 14.05
CAU DV8 N . 32.88 -0.31 15.34
SAF DV8 N . 34.06 -0.86 16.40
NAQ DV8 N . 31.98 0.66 15.66
CAM DV8 N . 31.95 1.34 16.98
CAX DV8 N . 30.96 0.78 17.83
CAI DV8 N . 29.84 0.08 17.36
CAK DV8 N . 28.91 -0.45 18.25
CAH DV8 N . 31.10 0.94 19.21
CAJ DV8 N . 30.17 0.41 20.11
CAY DV8 N . 29.04 -0.29 19.64
CAZ DV8 N . 28.13 -0.81 20.48
SAS DV8 N . 27.59 -2.39 20.43
CAL DV8 N . 26.53 -2.26 21.72
NAP DV8 N . 26.62 -0.99 22.16
CAW DV8 N . 27.48 -0.20 21.49
CAB DV8 N . 27.66 1.26 21.90
CAA DV8 O . 42.79 46.97 1.95
CAT DV8 O . 41.79 46.07 2.66
OAD DV8 O . 40.92 45.46 2.02
NAR DV8 O . 41.93 46.01 4.00
CBB DV8 O . 41.04 45.20 4.86
CAC DV8 O . 41.79 44.86 6.15
CAV DV8 O . 39.75 45.99 5.24
SAG DV8 O . 39.84 47.66 5.28
NBD DV8 O . 38.62 45.32 5.61
CAO DV8 O . 38.40 43.82 5.62
CBA DV8 O . 36.92 43.63 5.42
OAE DV8 O . 36.61 43.72 4.03
CAN DV8 O . 36.30 44.79 6.15
CBC DV8 O . 37.30 45.95 6.04
CAU DV8 O . 37.33 46.62 7.29
SAF DV8 O . 38.55 46.26 8.39
NAQ DV8 O . 36.33 47.51 7.55
CAM DV8 O . 36.24 48.25 8.81
CAX DV8 O . 35.30 47.61 9.67
CAI DV8 O . 34.23 46.82 9.20
CAK DV8 O . 33.34 46.22 10.10
CAH DV8 O . 35.43 47.79 11.05
CAJ DV8 O . 34.53 47.20 11.94
CAY DV8 O . 33.48 46.41 11.48
CAZ DV8 O . 32.61 45.83 12.35
SAS DV8 O . 32.15 44.24 12.27
CAL DV8 O . 31.14 44.30 13.58
NAP DV8 O . 31.15 45.55 14.06
CAW DV8 O . 31.96 46.39 13.39
CAB DV8 O . 32.07 47.86 13.83
CAA DV8 P . 20.86 47.08 -40.19
CAT DV8 P . 19.81 46.24 -39.47
OAD DV8 P . 18.90 45.70 -40.11
NAR DV8 P . 19.95 46.16 -38.13
CBB DV8 P . 19.03 45.39 -37.27
CAC DV8 P . 19.77 45.03 -35.98
CAV DV8 P . 17.75 46.19 -36.91
SAG DV8 P . 17.84 47.83 -36.91
NBD DV8 P . 16.62 45.54 -36.51
CAO DV8 P . 16.42 44.04 -36.47
CBA DV8 P . 14.92 43.85 -36.61
OAE DV8 P . 14.55 43.88 -38.00
CAN DV8 P . 14.31 45.03 -35.90
CBC DV8 P . 15.30 46.18 -36.07
CAU DV8 P . 15.33 46.90 -34.85
SAF DV8 P . 16.51 46.53 -33.74
NAQ DV8 P . 14.35 47.81 -34.63
CAM DV8 P . 14.24 48.56 -33.38
CAX DV8 P . 13.32 47.92 -32.51
CAI DV8 P . 12.25 47.12 -32.97
CAK DV8 P . 11.37 46.52 -32.08
CAH DV8 P . 13.45 48.08 -31.12
CAJ DV8 P . 12.56 47.47 -30.23
CAY DV8 P . 11.50 46.68 -30.69
CAZ DV8 P . 10.63 46.08 -29.85
SAS DV8 P . 10.09 44.49 -29.99
CAL DV8 P . 9.09 44.53 -28.68
NAP DV8 P . 9.17 45.75 -28.14
CAW DV8 P . 10.00 46.61 -28.78
CAB DV8 P . 10.17 48.05 -28.26
#